data_1Q2D
# 
_entry.id   1Q2D 
# 
_audit_conform.dict_name       mmcif_pdbx.dic 
_audit_conform.dict_version    5.376 
_audit_conform.dict_location   http://mmcif.pdb.org/dictionaries/ascii/mmcif_pdbx.dic 
# 
loop_
_database_2.database_id 
_database_2.database_code 
_database_2.pdbx_database_accession 
_database_2.pdbx_DOI 
PDB   1Q2D         pdb_00001q2d 10.2210/pdb1q2d/pdb 
RCSB  RCSB019828   ?            ?                   
WWPDB D_1000019828 ?            ?                   
# 
loop_
_pdbx_database_related.db_name 
_pdbx_database_related.db_id 
_pdbx_database_related.details 
_pdbx_database_related.content_type 
PDB 1QSN . unspecified 
PDB 1QSR . unspecified 
PDB 1QST . unspecified 
PDB 1M1D . unspecified 
PDB 1PU9 . unspecified 
PDB 1PUA . unspecified 
PDB 1Q2C . unspecified 
# 
_pdbx_database_status.status_code                     REL 
_pdbx_database_status.entry_id                        1Q2D 
_pdbx_database_status.recvd_initial_deposition_date   2003-07-24 
_pdbx_database_status.deposit_site                    RCSB 
_pdbx_database_status.process_site                    RCSB 
_pdbx_database_status.SG_entry                        . 
_pdbx_database_status.pdb_format_compatible           Y 
_pdbx_database_status.status_code_mr                  ? 
_pdbx_database_status.status_code_sf                  ? 
_pdbx_database_status.status_code_cs                  ? 
_pdbx_database_status.status_code_nmr_data            ? 
_pdbx_database_status.methods_development_category    ? 
# 
loop_
_audit_author.name 
_audit_author.pdbx_ordinal 
'Poux, A.N.'      1 
'Marmorstein, R.' 2 
# 
_citation.id                        primary 
_citation.title                     
'Molecular basis for GCN5/PCAF histone acetyltransferase selectivity for histone and nonhistone substrates' 
_citation.journal_abbrev            Biochemistry 
_citation.journal_volume            42 
_citation.page_first                14366 
_citation.page_last                 14374 
_citation.year                      2003 
_citation.journal_id_ASTM           BICHAW 
_citation.country                   US 
_citation.journal_id_ISSN           0006-2960 
_citation.journal_id_CSD            0033 
_citation.book_publisher            ? 
_citation.pdbx_database_id_PubMed   14661947 
_citation.pdbx_database_id_DOI      10.1021/bi035632n 
# 
loop_
_citation_author.citation_id 
_citation_author.name 
_citation_author.ordinal 
_citation_author.identifier_ORCID 
primary 'Poux, A.N.'      1 ? 
primary 'Marmorstein, R.' 2 ? 
# 
_cell.entry_id           1Q2D 
_cell.length_a           64.740 
_cell.length_b           64.740 
_cell.length_c           96.413 
_cell.angle_alpha        90.00 
_cell.angle_beta         90.00 
_cell.angle_gamma        120.00 
_cell.Z_PDB              6 
_cell.pdbx_unique_axis   ? 
# 
_symmetry.entry_id                         1Q2D 
_symmetry.space_group_name_H-M             'P 32 2 1' 
_symmetry.cell_setting                     trigonal 
_symmetry.pdbx_full_space_group_name_H-M   ? 
_symmetry.Int_Tables_number                154 
# 
loop_
_entity.id 
_entity.type 
_entity.src_method 
_entity.pdbx_description 
_entity.formula_weight 
_entity.pdbx_number_of_molecules 
_entity.pdbx_ec 
_entity.pdbx_mutation 
_entity.pdbx_fragment 
_entity.details 
1 polymer     man 'histone acetyltransferase GCN5'                    19344.500 1  2.3.1.- ? 'Residues 49-209, catalytic domain' ? 
2 polymer     syn '19-mer peptide fragment from p53 Tumor Suppressor' 2127.330  1  ?       ? 'Residues 311-329'                  ? 
3 non-polymer syn 'COENZYME A'                                        767.534   1  ?       ? ?                                   ? 
4 water       nat water                                               18.015    62 ?       ? ?                                   ? 
# 
_entity_name_com.entity_id   1 
_entity_name_com.name        'HAT A1' 
# 
_entity_name_sys.entity_id   1 
_entity_name_sys.name        E.C.2.3.1.- 
# 
loop_
_entity_poly.entity_id 
_entity_poly.type 
_entity_poly.nstd_linkage 
_entity_poly.nstd_monomer 
_entity_poly.pdbx_seq_one_letter_code 
_entity_poly.pdbx_seq_one_letter_code_can 
_entity_poly.pdbx_strand_id 
_entity_poly.pdbx_target_identifier 
1 'polypeptide(L)' no no 
;LDFDILTNDGTHRNMKLLIDLKNIFSRQLPKMPKEYIVKLVFDRHHESMVILKNKQKVIGGICFRQYKPQRFAEVAFLAV
TANEQVRGYGTRLMNKFKDHMQKQNIEYLLTYADNFAIGYFKKQGFTKEHRMPQEKWKGYIKDYDGGTLMECYIHPYVDY
GR
;
;LDFDILTNDGTHRNMKLLIDLKNIFSRQLPKMPKEYIVKLVFDRHHESMVILKNKQKVIGGICFRQYKPQRFAEVAFLAV
TANEQVRGYGTRLMNKFKDHMQKQNIEYLLTYADNFAIGYFKKQGFTKEHRMPQEKWKGYIKDYDGGTLMECYIHPYVDY
GR
;
A ? 
2 'polypeptide(L)' no no NTSSSPQPKKKPLDGEYFT NTSSSPQPKKKPLDGEYFT B ? 
# 
loop_
_entity_poly_seq.entity_id 
_entity_poly_seq.num 
_entity_poly_seq.mon_id 
_entity_poly_seq.hetero 
1 1   LEU n 
1 2   ASP n 
1 3   PHE n 
1 4   ASP n 
1 5   ILE n 
1 6   LEU n 
1 7   THR n 
1 8   ASN n 
1 9   ASP n 
1 10  GLY n 
1 11  THR n 
1 12  HIS n 
1 13  ARG n 
1 14  ASN n 
1 15  MET n 
1 16  LYS n 
1 17  LEU n 
1 18  LEU n 
1 19  ILE n 
1 20  ASP n 
1 21  LEU n 
1 22  LYS n 
1 23  ASN n 
1 24  ILE n 
1 25  PHE n 
1 26  SER n 
1 27  ARG n 
1 28  GLN n 
1 29  LEU n 
1 30  PRO n 
1 31  LYS n 
1 32  MET n 
1 33  PRO n 
1 34  LYS n 
1 35  GLU n 
1 36  TYR n 
1 37  ILE n 
1 38  VAL n 
1 39  LYS n 
1 40  LEU n 
1 41  VAL n 
1 42  PHE n 
1 43  ASP n 
1 44  ARG n 
1 45  HIS n 
1 46  HIS n 
1 47  GLU n 
1 48  SER n 
1 49  MET n 
1 50  VAL n 
1 51  ILE n 
1 52  LEU n 
1 53  LYS n 
1 54  ASN n 
1 55  LYS n 
1 56  GLN n 
1 57  LYS n 
1 58  VAL n 
1 59  ILE n 
1 60  GLY n 
1 61  GLY n 
1 62  ILE n 
1 63  CYS n 
1 64  PHE n 
1 65  ARG n 
1 66  GLN n 
1 67  TYR n 
1 68  LYS n 
1 69  PRO n 
1 70  GLN n 
1 71  ARG n 
1 72  PHE n 
1 73  ALA n 
1 74  GLU n 
1 75  VAL n 
1 76  ALA n 
1 77  PHE n 
1 78  LEU n 
1 79  ALA n 
1 80  VAL n 
1 81  THR n 
1 82  ALA n 
1 83  ASN n 
1 84  GLU n 
1 85  GLN n 
1 86  VAL n 
1 87  ARG n 
1 88  GLY n 
1 89  TYR n 
1 90  GLY n 
1 91  THR n 
1 92  ARG n 
1 93  LEU n 
1 94  MET n 
1 95  ASN n 
1 96  LYS n 
1 97  PHE n 
1 98  LYS n 
1 99  ASP n 
1 100 HIS n 
1 101 MET n 
1 102 GLN n 
1 103 LYS n 
1 104 GLN n 
1 105 ASN n 
1 106 ILE n 
1 107 GLU n 
1 108 TYR n 
1 109 LEU n 
1 110 LEU n 
1 111 THR n 
1 112 TYR n 
1 113 ALA n 
1 114 ASP n 
1 115 ASN n 
1 116 PHE n 
1 117 ALA n 
1 118 ILE n 
1 119 GLY n 
1 120 TYR n 
1 121 PHE n 
1 122 LYS n 
1 123 LYS n 
1 124 GLN n 
1 125 GLY n 
1 126 PHE n 
1 127 THR n 
1 128 LYS n 
1 129 GLU n 
1 130 HIS n 
1 131 ARG n 
1 132 MET n 
1 133 PRO n 
1 134 GLN n 
1 135 GLU n 
1 136 LYS n 
1 137 TRP n 
1 138 LYS n 
1 139 GLY n 
1 140 TYR n 
1 141 ILE n 
1 142 LYS n 
1 143 ASP n 
1 144 TYR n 
1 145 ASP n 
1 146 GLY n 
1 147 GLY n 
1 148 THR n 
1 149 LEU n 
1 150 MET n 
1 151 GLU n 
1 152 CYS n 
1 153 TYR n 
1 154 ILE n 
1 155 HIS n 
1 156 PRO n 
1 157 TYR n 
1 158 VAL n 
1 159 ASP n 
1 160 TYR n 
1 161 GLY n 
1 162 ARG n 
2 1   ASN n 
2 2   THR n 
2 3   SER n 
2 4   SER n 
2 5   SER n 
2 6   PRO n 
2 7   GLN n 
2 8   PRO n 
2 9   LYS n 
2 10  LYS n 
2 11  LYS n 
2 12  PRO n 
2 13  LEU n 
2 14  ASP n 
2 15  GLY n 
2 16  GLU n 
2 17  TYR n 
2 18  PHE n 
2 19  THR n 
# 
_entity_src_gen.entity_id                          1 
_entity_src_gen.pdbx_src_id                        1 
_entity_src_gen.pdbx_alt_source_flag               sample 
_entity_src_gen.pdbx_seq_type                      ? 
_entity_src_gen.pdbx_beg_seq_num                   ? 
_entity_src_gen.pdbx_end_seq_num                   ? 
_entity_src_gen.gene_src_common_name               ? 
_entity_src_gen.gene_src_genus                     Tetrahymena 
_entity_src_gen.pdbx_gene_src_gene                 ? 
_entity_src_gen.gene_src_species                   ? 
_entity_src_gen.gene_src_strain                    ? 
_entity_src_gen.gene_src_tissue                    ? 
_entity_src_gen.gene_src_tissue_fraction           ? 
_entity_src_gen.gene_src_details                   ? 
_entity_src_gen.pdbx_gene_src_fragment             ? 
_entity_src_gen.pdbx_gene_src_scientific_name      'Tetrahymena thermophila' 
_entity_src_gen.pdbx_gene_src_ncbi_taxonomy_id     5911 
_entity_src_gen.pdbx_gene_src_variant              ? 
_entity_src_gen.pdbx_gene_src_cell_line            ? 
_entity_src_gen.pdbx_gene_src_atcc                 ? 
_entity_src_gen.pdbx_gene_src_organ                ? 
_entity_src_gen.pdbx_gene_src_organelle            ? 
_entity_src_gen.pdbx_gene_src_cell                 ? 
_entity_src_gen.pdbx_gene_src_cellular_location    ? 
_entity_src_gen.host_org_common_name               ? 
_entity_src_gen.pdbx_host_org_scientific_name      'Escherichia coli BL21' 
_entity_src_gen.pdbx_host_org_ncbi_taxonomy_id     511693 
_entity_src_gen.host_org_genus                     Escherichia 
_entity_src_gen.pdbx_host_org_gene                 ? 
_entity_src_gen.pdbx_host_org_organ                ? 
_entity_src_gen.host_org_species                   'Escherichia coli' 
_entity_src_gen.pdbx_host_org_tissue               ? 
_entity_src_gen.pdbx_host_org_tissue_fraction      ? 
_entity_src_gen.pdbx_host_org_strain               BL-21 
_entity_src_gen.pdbx_host_org_variant              ? 
_entity_src_gen.pdbx_host_org_cell_line            ? 
_entity_src_gen.pdbx_host_org_atcc                 ? 
_entity_src_gen.pdbx_host_org_culture_collection   ? 
_entity_src_gen.pdbx_host_org_cell                 ? 
_entity_src_gen.pdbx_host_org_organelle            ? 
_entity_src_gen.pdbx_host_org_cellular_location    ? 
_entity_src_gen.pdbx_host_org_vector_type          plasmid 
_entity_src_gen.pdbx_host_org_vector               ? 
_entity_src_gen.host_org_details                   ? 
_entity_src_gen.expression_system_id               ? 
_entity_src_gen.plasmid_name                       PRSETA 
_entity_src_gen.plasmid_details                    ? 
_entity_src_gen.pdbx_description                   ? 
# 
loop_
_struct_ref.id 
_struct_ref.entity_id 
_struct_ref.db_name 
_struct_ref.db_code 
_struct_ref.pdbx_db_accession 
_struct_ref.pdbx_align_begin 
_struct_ref.pdbx_seq_one_letter_code 
_struct_ref.pdbx_db_isoform 
1 1 UNP Q27198_TETTH Q27198 49 
;LDFDILTNDGTHRNMKLLIDLKNIFSRQLPKMPKEYIVKLVLDRHHESMVILKNKQKVIGGICFRQYKPQRFAEVAFLAV
TANEQVRGYGTRLMNKFKDHMQKQNIEYLLTYADNFAIGYFKKQGFTKEHRMPQEKWKGYIKDYDGGTLMECYIHPYVDY
GN
;
? 
2 2 PDB 1Q2D         1Q2D   ?  ? ? 
# 
loop_
_struct_ref_seq.align_id 
_struct_ref_seq.ref_id 
_struct_ref_seq.pdbx_PDB_id_code 
_struct_ref_seq.pdbx_strand_id 
_struct_ref_seq.seq_align_beg 
_struct_ref_seq.pdbx_seq_align_beg_ins_code 
_struct_ref_seq.seq_align_end 
_struct_ref_seq.pdbx_seq_align_end_ins_code 
_struct_ref_seq.pdbx_db_accession 
_struct_ref_seq.db_align_beg 
_struct_ref_seq.pdbx_db_align_beg_ins_code 
_struct_ref_seq.db_align_end 
_struct_ref_seq.pdbx_db_align_end_ins_code 
_struct_ref_seq.pdbx_auth_seq_align_beg 
_struct_ref_seq.pdbx_auth_seq_align_end 
1 1 1Q2D A 1 ? 162 ? Q27198 49  ? 210 ? 49  210 
2 2 1Q2D B 1 ? 19  ? 1Q2D   311 ? 329 ? 311 329 
# 
loop_
_struct_ref_seq_dif.align_id 
_struct_ref_seq_dif.pdbx_pdb_id_code 
_struct_ref_seq_dif.mon_id 
_struct_ref_seq_dif.pdbx_pdb_strand_id 
_struct_ref_seq_dif.seq_num 
_struct_ref_seq_dif.pdbx_pdb_ins_code 
_struct_ref_seq_dif.pdbx_seq_db_name 
_struct_ref_seq_dif.pdbx_seq_db_accession_code 
_struct_ref_seq_dif.db_mon_id 
_struct_ref_seq_dif.pdbx_seq_db_seq_num 
_struct_ref_seq_dif.details 
_struct_ref_seq_dif.pdbx_auth_seq_num 
_struct_ref_seq_dif.pdbx_ordinal 
1 1Q2D PHE A 42  ? UNP Q27198 LEU 90  'cloning artifact' 90  1 
1 1Q2D ARG A 162 ? UNP Q27198 ASN 210 'cloning artifact' 210 2 
# 
loop_
_chem_comp.id 
_chem_comp.type 
_chem_comp.mon_nstd_flag 
_chem_comp.name 
_chem_comp.pdbx_synonyms 
_chem_comp.formula 
_chem_comp.formula_weight 
ALA 'L-peptide linking' y ALANINE         ? 'C3 H7 N O2'          89.093  
ARG 'L-peptide linking' y ARGININE        ? 'C6 H15 N4 O2 1'      175.209 
ASN 'L-peptide linking' y ASPARAGINE      ? 'C4 H8 N2 O3'         132.118 
ASP 'L-peptide linking' y 'ASPARTIC ACID' ? 'C4 H7 N O4'          133.103 
COA non-polymer         . 'COENZYME A'    ? 'C21 H36 N7 O16 P3 S' 767.534 
CYS 'L-peptide linking' y CYSTEINE        ? 'C3 H7 N O2 S'        121.158 
GLN 'L-peptide linking' y GLUTAMINE       ? 'C5 H10 N2 O3'        146.144 
GLU 'L-peptide linking' y 'GLUTAMIC ACID' ? 'C5 H9 N O4'          147.129 
GLY 'peptide linking'   y GLYCINE         ? 'C2 H5 N O2'          75.067  
HIS 'L-peptide linking' y HISTIDINE       ? 'C6 H10 N3 O2 1'      156.162 
HOH non-polymer         . WATER           ? 'H2 O'                18.015  
ILE 'L-peptide linking' y ISOLEUCINE      ? 'C6 H13 N O2'         131.173 
LEU 'L-peptide linking' y LEUCINE         ? 'C6 H13 N O2'         131.173 
LYS 'L-peptide linking' y LYSINE          ? 'C6 H15 N2 O2 1'      147.195 
MET 'L-peptide linking' y METHIONINE      ? 'C5 H11 N O2 S'       149.211 
PHE 'L-peptide linking' y PHENYLALANINE   ? 'C9 H11 N O2'         165.189 
PRO 'L-peptide linking' y PROLINE         ? 'C5 H9 N O2'          115.130 
SER 'L-peptide linking' y SERINE          ? 'C3 H7 N O3'          105.093 
THR 'L-peptide linking' y THREONINE       ? 'C4 H9 N O3'          119.119 
TRP 'L-peptide linking' y TRYPTOPHAN      ? 'C11 H12 N2 O2'       204.225 
TYR 'L-peptide linking' y TYROSINE        ? 'C9 H11 N O3'         181.189 
VAL 'L-peptide linking' y VALINE          ? 'C5 H11 N O2'         117.146 
# 
_exptl.entry_id          1Q2D 
_exptl.method            'X-RAY DIFFRACTION' 
_exptl.crystals_number   1 
# 
_exptl_crystal.id                    1 
_exptl_crystal.density_meas          ? 
_exptl_crystal.density_percent_sol   54.70 
_exptl_crystal.density_Matthews      2.72 
_exptl_crystal.description           ? 
# 
_exptl_crystal_grow.crystal_id      1 
_exptl_crystal_grow.method          'VAPOR DIFFUSION, HANGING DROP' 
_exptl_crystal_grow.temp            277 
_exptl_crystal_grow.pH              7.5 
_exptl_crystal_grow.pdbx_details    
'Ammonium sulfate, Hepes, Sodium chloride, pH 7.5, VAPOR DIFFUSION, HANGING DROP, temperature 277K' 
_exptl_crystal_grow.temp_details    ? 
_exptl_crystal_grow.pdbx_pH_range   . 
# 
_diffrn.id                     1 
_diffrn.ambient_temp           ? 
_diffrn.ambient_temp_details   ? 
_diffrn.crystal_id             1 
# 
_diffrn_detector.diffrn_id              1 
_diffrn_detector.detector               CCD 
_diffrn_detector.type                   'ADSC QUANTUM 210' 
_diffrn_detector.pdbx_collection_date   2000-06-08 
_diffrn_detector.details                ? 
# 
_diffrn_radiation.diffrn_id                        1 
_diffrn_radiation.wavelength_id                    1 
_diffrn_radiation.pdbx_monochromatic_or_laue_m_l   M 
_diffrn_radiation.monochromator                    ? 
_diffrn_radiation.pdbx_diffrn_protocol             'SINGLE WAVELENGTH' 
_diffrn_radiation.pdbx_scattering_type             x-ray 
# 
_diffrn_radiation_wavelength.id           1 
_diffrn_radiation_wavelength.wavelength   0.9213 
_diffrn_radiation_wavelength.wt           1.0 
# 
_diffrn_source.diffrn_id                   1 
_diffrn_source.source                      SYNCHROTRON 
_diffrn_source.type                        'CHESS BEAMLINE A1' 
_diffrn_source.pdbx_synchrotron_site       CHESS 
_diffrn_source.pdbx_synchrotron_beamline   A1 
_diffrn_source.pdbx_wavelength             ? 
_diffrn_source.pdbx_wavelength_list        0.9213 
# 
_reflns.entry_id                     1Q2D 
_reflns.observed_criterion_sigma_I   0.0 
_reflns.observed_criterion_sigma_F   ? 
_reflns.d_resolution_low             27.8 
_reflns.d_resolution_high            1.90 
_reflns.number_obs                   23773 
_reflns.number_all                   ? 
_reflns.percent_possible_obs         87.0 
_reflns.pdbx_Rmerge_I_obs            ? 
_reflns.pdbx_Rsym_value              ? 
_reflns.pdbx_netI_over_sigmaI        ? 
_reflns.B_iso_Wilson_estimate        16.4 
_reflns.pdbx_redundancy              ? 
_reflns.R_free_details               ? 
_reflns.limit_h_max                  ? 
_reflns.limit_h_min                  ? 
_reflns.limit_k_max                  ? 
_reflns.limit_k_min                  ? 
_reflns.limit_l_max                  ? 
_reflns.limit_l_min                  ? 
_reflns.observed_criterion_F_max     ? 
_reflns.observed_criterion_F_min     ? 
_reflns.pdbx_diffrn_id               1 
_reflns.pdbx_ordinal                 1 
# 
_refine.entry_id                                 1Q2D 
_refine.ls_number_reflns_obs                     10902 
_refine.ls_number_reflns_all                     11565 
_refine.pdbx_ls_sigma_I                          ? 
_refine.pdbx_ls_sigma_F                          0.0 
_refine.pdbx_data_cutoff_high_absF               ? 
_refine.pdbx_data_cutoff_low_absF                ? 
_refine.pdbx_data_cutoff_high_rms_absF           ? 
_refine.ls_d_res_low                             27.88 
_refine.ls_d_res_high                            2.25 
_refine.ls_percent_reflns_obs                    94.3 
_refine.ls_R_factor_obs                          ? 
_refine.ls_R_factor_all                          ? 
_refine.ls_R_factor_R_work                       0.2469 
_refine.ls_R_factor_R_free                       0.277 
_refine.ls_R_factor_R_free_error                 0.018 
_refine.ls_R_factor_R_free_error_details         ? 
_refine.ls_percent_reflns_R_free                 10.1 
_refine.ls_number_reflns_R_free                  1103 
_refine.ls_number_parameters                     ? 
_refine.ls_number_restraints                     ? 
_refine.occupancy_min                            ? 
_refine.occupancy_max                            ? 
_refine.correlation_coeff_Fo_to_Fc               ? 
_refine.correlation_coeff_Fo_to_Fc_free          ? 
_refine.B_iso_mean                               23.8 
_refine.aniso_B[1][1]                            -3.937 
_refine.aniso_B[2][2]                            -3.937 
_refine.aniso_B[3][3]                            7.873 
_refine.aniso_B[1][2]                            -5.774 
_refine.aniso_B[1][3]                            0.00 
_refine.aniso_B[2][3]                            0.00 
_refine.solvent_model_details                    'FLAT MODEL' 
_refine.solvent_model_param_ksol                 0.843632 
_refine.solvent_model_param_bsol                 49.0049 
_refine.pdbx_solvent_vdw_probe_radii             ? 
_refine.pdbx_solvent_ion_probe_radii             ? 
_refine.pdbx_solvent_shrinkage_radii             ? 
_refine.pdbx_ls_cross_valid_method               THROUGHOUT 
_refine.details                                  ? 
_refine.pdbx_starting_model                      1QSN 
_refine.pdbx_method_to_determine_struct          'MOLECULAR REPLACEMENT' 
_refine.pdbx_isotropic_thermal_model             RESTRAINED 
_refine.pdbx_stereochemistry_target_values       ? 
_refine.pdbx_stereochem_target_val_spec_case     ? 
_refine.pdbx_R_Free_selection_details            RANDOM 
_refine.pdbx_overall_ESU_R                       ? 
_refine.pdbx_overall_ESU_R_Free                  ? 
_refine.overall_SU_ML                            ? 
_refine.overall_SU_B                             ? 
_refine.ls_redundancy_reflns_obs                 ? 
_refine.B_iso_min                                ? 
_refine.B_iso_max                                ? 
_refine.overall_SU_R_Cruickshank_DPI             ? 
_refine.overall_SU_R_free                        ? 
_refine.pdbx_refine_id                           'X-RAY DIFFRACTION' 
_refine.pdbx_diffrn_id                           1 
_refine.pdbx_TLS_residual_ADP_flag               ? 
_refine.pdbx_overall_phase_error                 ? 
_refine.pdbx_overall_SU_R_free_Cruickshank_DPI   ? 
_refine.pdbx_overall_SU_R_Blow_DPI               ? 
_refine.pdbx_overall_SU_R_free_Blow_DPI          ? 
# 
_refine_analyze.entry_id                        1Q2D 
_refine_analyze.Luzzati_coordinate_error_obs    ? 
_refine_analyze.Luzzati_sigma_a_obs             ? 
_refine_analyze.Luzzati_d_res_low_obs           ? 
_refine_analyze.Luzzati_coordinate_error_free   0.57 
_refine_analyze.Luzzati_sigma_a_free            ? 
_refine_analyze.Luzzati_d_res_low_free          ? 
_refine_analyze.number_disordered_residues      ? 
_refine_analyze.occupancy_sum_hydrogen          ? 
_refine_analyze.occupancy_sum_non_hydrogen      ? 
_refine_analyze.pdbx_Luzzati_d_res_high_obs     ? 
_refine_analyze.pdbx_refine_id                  'X-RAY DIFFRACTION' 
# 
_refine_hist.pdbx_refine_id                   'X-RAY DIFFRACTION' 
_refine_hist.cycle_id                         LAST 
_refine_hist.pdbx_number_atoms_protein        1388 
_refine_hist.pdbx_number_atoms_nucleic_acid   0 
_refine_hist.pdbx_number_atoms_ligand         48 
_refine_hist.number_atoms_solvent             62 
_refine_hist.number_atoms_total               1498 
_refine_hist.d_res_high                       2.25 
_refine_hist.d_res_low                        27.88 
# 
loop_
_refine_ls_restr.type 
_refine_ls_restr.dev_ideal 
_refine_ls_restr.dev_ideal_target 
_refine_ls_restr.number 
_refine_ls_restr.weight 
_refine_ls_restr.pdbx_refine_id 
_refine_ls_restr.pdbx_restraint_function 
c_bond_d           0.00852 ? ? ? 'X-RAY DIFFRACTION' ? 
c_angle_deg        1.5147  ? ? ? 'X-RAY DIFFRACTION' ? 
c_dihedral_angle_d ?       ? ? ? 'X-RAY DIFFRACTION' ? 
c_improper_angle_d ?       ? ? ? 'X-RAY DIFFRACTION' ? 
c_mcbond_it        ?       ? ? ? 'X-RAY DIFFRACTION' ? 
c_mcangle_it       ?       ? ? ? 'X-RAY DIFFRACTION' ? 
c_scbond_it        ?       ? ? ? 'X-RAY DIFFRACTION' ? 
c_scangle_it       ?       ? ? ? 'X-RAY DIFFRACTION' ? 
# 
_refine_ls_shell.pdbx_total_number_of_bins_used   6 
_refine_ls_shell.d_res_high                       2.25 
_refine_ls_shell.d_res_low                        2.39 
_refine_ls_shell.number_reflns_R_work             1656 
_refine_ls_shell.R_factor_R_work                  0.566 
_refine_ls_shell.percent_reflns_obs               97.3 
_refine_ls_shell.R_factor_R_free                  0.552 
_refine_ls_shell.R_factor_R_free_error            0.040 
_refine_ls_shell.percent_reflns_R_free            10.3 
_refine_ls_shell.number_reflns_R_free             190 
_refine_ls_shell.number_reflns_obs                ? 
_refine_ls_shell.redundancy_reflns_obs            ? 
_refine_ls_shell.number_reflns_all                ? 
_refine_ls_shell.pdbx_refine_id                   'X-RAY DIFFRACTION' 
_refine_ls_shell.R_factor_all                     ? 
# 
loop_
_pdbx_xplor_file.serial_no 
_pdbx_xplor_file.param_file 
_pdbx_xplor_file.topol_file 
_pdbx_xplor_file.pdbx_refine_id 
1 PROTEIN_REP.PARAM PROTEIN.TOP 'X-RAY DIFFRACTION' 
2 COA_OLD.PAR       COA_OLD.TOP 'X-RAY DIFFRACTION' 
3 WATER_REP.PARAM   WATER.TOP   'X-RAY DIFFRACTION' 
# 
_struct.entry_id                  1Q2D 
_struct.title                     'Crystal Structure of Tetrahymena GCN5 With Bound Coenzyme A and a 19-residue p53 peptide' 
_struct.pdbx_model_details        ? 
_struct.pdbx_CASP_flag            ? 
_struct.pdbx_model_type_details   ? 
# 
_struct_keywords.entry_id        1Q2D 
_struct_keywords.pdbx_keywords   'TRANSFERASE/STRUCTURAL PROTEIN' 
_struct_keywords.text            'Tetrahymena; GCN5; Histone H4; X-ray structure, TRANSFERASE-STRUCTURAL PROTEIN COMPLEX' 
# 
loop_
_struct_asym.id 
_struct_asym.pdbx_blank_PDB_chainid_flag 
_struct_asym.pdbx_modified 
_struct_asym.entity_id 
_struct_asym.details 
A N N 1 ? 
B N N 2 ? 
C N N 3 ? 
D N N 4 ? 
# 
_struct_biol.id                    1 
_struct_biol.pdbx_parent_biol_id   ? 
_struct_biol.details               ? 
# 
loop_
_struct_conf.conf_type_id 
_struct_conf.id 
_struct_conf.pdbx_PDB_helix_id 
_struct_conf.beg_label_comp_id 
_struct_conf.beg_label_asym_id 
_struct_conf.beg_label_seq_id 
_struct_conf.pdbx_beg_PDB_ins_code 
_struct_conf.end_label_comp_id 
_struct_conf.end_label_asym_id 
_struct_conf.end_label_seq_id 
_struct_conf.pdbx_end_PDB_ins_code 
_struct_conf.beg_auth_comp_id 
_struct_conf.beg_auth_asym_id 
_struct_conf.beg_auth_seq_id 
_struct_conf.end_auth_comp_id 
_struct_conf.end_auth_asym_id 
_struct_conf.end_auth_seq_id 
_struct_conf.pdbx_PDB_helix_class 
_struct_conf.details 
_struct_conf.pdbx_PDB_helix_length 
HELX_P HELX_P1 1 THR A 11  ? LEU A 29  ? THR A 59  LEU A 77  1 ? 19 
HELX_P HELX_P2 2 PRO A 33  ? PHE A 42  ? PRO A 81  PHE A 90  1 ? 10 
HELX_P HELX_P3 3 ALA A 82  ? GLN A 85  ? ALA A 130 GLN A 133 5 ? 4  
HELX_P HELX_P4 4 GLY A 88  ? GLN A 104 ? GLY A 136 GLN A 152 1 ? 17 
HELX_P HELX_P5 5 ASN A 115 ? GLN A 124 ? ASN A 163 GLN A 172 1 ? 10 
HELX_P HELX_P6 6 PRO A 133 ? LYS A 138 ? PRO A 181 LYS A 186 1 ? 6  
# 
_struct_conf_type.id          HELX_P 
_struct_conf_type.criteria    ? 
_struct_conf_type.reference   ? 
# 
_struct_sheet.id               A 
_struct_sheet.type             ? 
_struct_sheet.number_strands   6 
_struct_sheet.details          ? 
# 
loop_
_struct_sheet_order.sheet_id 
_struct_sheet_order.range_id_1 
_struct_sheet_order.range_id_2 
_struct_sheet_order.offset 
_struct_sheet_order.sense 
A 1 2 ? anti-parallel 
A 2 3 ? anti-parallel 
A 3 4 ? anti-parallel 
A 4 5 ? parallel      
A 5 6 ? anti-parallel 
# 
loop_
_struct_sheet_range.sheet_id 
_struct_sheet_range.id 
_struct_sheet_range.beg_label_comp_id 
_struct_sheet_range.beg_label_asym_id 
_struct_sheet_range.beg_label_seq_id 
_struct_sheet_range.pdbx_beg_PDB_ins_code 
_struct_sheet_range.end_label_comp_id 
_struct_sheet_range.end_label_asym_id 
_struct_sheet_range.end_label_seq_id 
_struct_sheet_range.pdbx_end_PDB_ins_code 
_struct_sheet_range.beg_auth_comp_id 
_struct_sheet_range.beg_auth_asym_id 
_struct_sheet_range.beg_auth_seq_id 
_struct_sheet_range.end_auth_comp_id 
_struct_sheet_range.end_auth_asym_id 
_struct_sheet_range.end_auth_seq_id 
A 1 ASP A 2   ? LEU A 6   ? ASP A 50  LEU A 54  
A 2 HIS A 46  ? LYS A 53  ? HIS A 94  LYS A 101 
A 3 LYS A 57  ? TYR A 67  ? LYS A 105 TYR A 115 
A 4 PHE A 72  ? VAL A 80  ? PHE A 120 VAL A 128 
A 5 TYR A 108 ? ALA A 113 ? TYR A 156 ALA A 161 
A 6 THR A 148 ? TYR A 153 ? THR A 196 TYR A 201 
# 
loop_
_pdbx_struct_sheet_hbond.sheet_id 
_pdbx_struct_sheet_hbond.range_id_1 
_pdbx_struct_sheet_hbond.range_id_2 
_pdbx_struct_sheet_hbond.range_1_label_atom_id 
_pdbx_struct_sheet_hbond.range_1_label_comp_id 
_pdbx_struct_sheet_hbond.range_1_label_asym_id 
_pdbx_struct_sheet_hbond.range_1_label_seq_id 
_pdbx_struct_sheet_hbond.range_1_PDB_ins_code 
_pdbx_struct_sheet_hbond.range_1_auth_atom_id 
_pdbx_struct_sheet_hbond.range_1_auth_comp_id 
_pdbx_struct_sheet_hbond.range_1_auth_asym_id 
_pdbx_struct_sheet_hbond.range_1_auth_seq_id 
_pdbx_struct_sheet_hbond.range_2_label_atom_id 
_pdbx_struct_sheet_hbond.range_2_label_comp_id 
_pdbx_struct_sheet_hbond.range_2_label_asym_id 
_pdbx_struct_sheet_hbond.range_2_label_seq_id 
_pdbx_struct_sheet_hbond.range_2_PDB_ins_code 
_pdbx_struct_sheet_hbond.range_2_auth_atom_id 
_pdbx_struct_sheet_hbond.range_2_auth_comp_id 
_pdbx_struct_sheet_hbond.range_2_auth_asym_id 
_pdbx_struct_sheet_hbond.range_2_auth_seq_id 
A 1 2 N LEU A 6   ? N LEU A 54  O SER A 48  ? O SER A 96  
A 2 3 N GLU A 47  ? N GLU A 95  O PHE A 64  ? O PHE A 112 
A 3 4 N CYS A 63  ? N CYS A 111 O PHE A 77  ? O PHE A 125 
A 4 5 N ALA A 73  ? N ALA A 121 O LEU A 110 ? O LEU A 158 
A 5 6 N LEU A 109 ? N LEU A 157 O CYS A 152 ? O CYS A 200 
# 
_struct_site.id                   AC1 
_struct_site.pdbx_evidence_code   Software 
_struct_site.pdbx_auth_asym_id    A 
_struct_site.pdbx_auth_comp_id    COA 
_struct_site.pdbx_auth_seq_id     401 
_struct_site.pdbx_auth_ins_code   ? 
_struct_site.pdbx_num_residues    15 
_struct_site.details              'BINDING SITE FOR RESIDUE COA A 401' 
# 
loop_
_struct_site_gen.id 
_struct_site_gen.site_id 
_struct_site_gen.pdbx_num_res 
_struct_site_gen.label_comp_id 
_struct_site_gen.label_asym_id 
_struct_site_gen.label_seq_id 
_struct_site_gen.pdbx_auth_ins_code 
_struct_site_gen.auth_comp_id 
_struct_site_gen.auth_asym_id 
_struct_site_gen.auth_seq_id 
_struct_site_gen.label_atom_id 
_struct_site_gen.label_alt_id 
_struct_site_gen.symmetry 
_struct_site_gen.details 
1  AC1 15 GLN A 28  ? GLN A 76  . ? 1_555 ? 
2  AC1 15 LEU A 29  ? LEU A 77  . ? 1_555 ? 
3  AC1 15 LEU A 78  ? LEU A 126 . ? 1_555 ? 
4  AC1 15 ALA A 79  ? ALA A 127 . ? 1_555 ? 
5  AC1 15 VAL A 80  ? VAL A 128 . ? 1_555 ? 
6  AC1 15 GLN A 85  ? GLN A 133 . ? 1_555 ? 
7  AC1 15 VAL A 86  ? VAL A 134 . ? 1_555 ? 
8  AC1 15 GLY A 88  ? GLY A 136 . ? 1_555 ? 
9  AC1 15 GLY A 90  ? GLY A 138 . ? 1_555 ? 
10 AC1 15 THR A 91  ? THR A 139 . ? 1_555 ? 
11 AC1 15 PHE A 116 ? PHE A 164 . ? 1_555 ? 
12 AC1 15 LYS A 123 ? LYS A 171 . ? 1_555 ? 
13 AC1 15 HOH D .   ? HOH A 502 . ? 1_555 ? 
14 AC1 15 LYS B 10  ? LYS B 320 . ? 1_555 ? 
15 AC1 15 PRO B 12  ? PRO B 322 . ? 1_555 ? 
# 
_atom_sites.entry_id                    1Q2D 
_atom_sites.fract_transf_matrix[1][1]   -0.01701970 
_atom_sites.fract_transf_matrix[1][2]   0.00529108 
_atom_sites.fract_transf_matrix[1][3]   0.00066614 
_atom_sites.fract_transf_matrix[2][1]   -0.00552380 
_atom_sites.fract_transf_matrix[2][2]   0.01063029 
_atom_sites.fract_transf_matrix[2][3]   0.01321391 
_atom_sites.fract_transf_matrix[3][1]   0.00236564 
_atom_sites.fract_transf_matrix[3][2]   0.00832852 
_atom_sites.fract_transf_matrix[3][3]   -0.00571120 
_atom_sites.fract_transf_vector[1]      0.273389 
_atom_sites.fract_transf_vector[2]      0.535384 
_atom_sites.fract_transf_vector[3]      0.240900 
# 
loop_
_atom_type.symbol 
C 
N 
O 
P 
S 
# 
loop_
_atom_site.group_PDB 
_atom_site.id 
_atom_site.type_symbol 
_atom_site.label_atom_id 
_atom_site.label_alt_id 
_atom_site.label_comp_id 
_atom_site.label_asym_id 
_atom_site.label_entity_id 
_atom_site.label_seq_id 
_atom_site.pdbx_PDB_ins_code 
_atom_site.Cartn_x 
_atom_site.Cartn_y 
_atom_site.Cartn_z 
_atom_site.occupancy 
_atom_site.B_iso_or_equiv 
_atom_site.pdbx_formal_charge 
_atom_site.auth_seq_id 
_atom_site.auth_comp_id 
_atom_site.auth_asym_id 
_atom_site.auth_atom_id 
_atom_site.pdbx_PDB_model_num 
ATOM   1    N N   . LEU A 1 1   ? -3.131  -16.636 -10.223 1.00 35.78 ? 49  LEU A N   1 
ATOM   2    C CA  . LEU A 1 1   ? -3.432  -15.433 -9.390  1.00 36.46 ? 49  LEU A CA  1 
ATOM   3    C C   . LEU A 1 1   ? -2.699  -15.510 -8.046  1.00 35.96 ? 49  LEU A C   1 
ATOM   4    O O   . LEU A 1 1   ? -3.216  -16.063 -7.079  1.00 35.49 ? 49  LEU A O   1 
ATOM   5    C CB  . LEU A 1 1   ? -4.944  -15.330 -9.156  1.00 36.91 ? 49  LEU A CB  1 
ATOM   6    C CG  . LEU A 1 1   ? -5.580  -13.952 -8.931  1.00 36.43 ? 49  LEU A CG  1 
ATOM   7    C CD1 . LEU A 1 1   ? -5.183  -13.387 -7.588  1.00 36.06 ? 49  LEU A CD1 1 
ATOM   8    C CD2 . LEU A 1 1   ? -5.162  -13.025 -10.061 1.00 36.43 ? 49  LEU A CD2 1 
ATOM   9    N N   . ASP A 1 2   ? -1.494  -14.948 -7.996  1.00 35.32 ? 50  ASP A N   1 
ATOM   10   C CA  . ASP A 1 2   ? -0.684  -14.949 -6.780  1.00 34.30 ? 50  ASP A CA  1 
ATOM   11   C C   . ASP A 1 2   ? -0.449  -13.559 -6.221  1.00 32.54 ? 50  ASP A C   1 
ATOM   12   O O   . ASP A 1 2   ? -0.386  -12.585 -6.970  1.00 33.20 ? 50  ASP A O   1 
ATOM   13   C CB  . ASP A 1 2   ? 0.674   -15.594 -7.049  1.00 37.48 ? 50  ASP A CB  1 
ATOM   14   C CG  . ASP A 1 2   ? 0.708   -17.055 -6.666  1.00 39.77 ? 50  ASP A CG  1 
ATOM   15   O OD1 . ASP A 1 2   ? 0.478   -17.365 -5.475  1.00 41.90 ? 50  ASP A OD1 1 
ATOM   16   O OD2 . ASP A 1 2   ? 0.967   -17.892 -7.554  1.00 41.42 ? 50  ASP A OD2 1 
ATOM   17   N N   . PHE A 1 3   ? -0.314  -13.473 -4.902  1.00 30.56 ? 51  PHE A N   1 
ATOM   18   C CA  . PHE A 1 3   ? -0.053  -12.203 -4.233  1.00 30.52 ? 51  PHE A CA  1 
ATOM   19   C C   . PHE A 1 3   ? 1.330   -12.295 -3.616  1.00 29.88 ? 51  PHE A C   1 
ATOM   20   O O   . PHE A 1 3   ? 1.474   -12.709 -2.468  1.00 29.46 ? 51  PHE A O   1 
ATOM   21   C CB  . PHE A 1 3   ? -1.076  -11.933 -3.121  1.00 29.17 ? 51  PHE A CB  1 
ATOM   22   C CG  . PHE A 1 3   ? -2.486  -11.847 -3.607  1.00 29.22 ? 51  PHE A CG  1 
ATOM   23   C CD1 . PHE A 1 3   ? -3.209  -13.004 -3.895  1.00 29.45 ? 51  PHE A CD1 1 
ATOM   24   C CD2 . PHE A 1 3   ? -3.090  -10.609 -3.805  1.00 28.48 ? 51  PHE A CD2 1 
ATOM   25   C CE1 . PHE A 1 3   ? -4.517  -12.927 -4.379  1.00 29.65 ? 51  PHE A CE1 1 
ATOM   26   C CE2 . PHE A 1 3   ? -4.397  -10.519 -4.290  1.00 28.21 ? 51  PHE A CE2 1 
ATOM   27   C CZ  . PHE A 1 3   ? -5.112  -11.680 -4.577  1.00 30.23 ? 51  PHE A CZ  1 
ATOM   28   N N   . ASP A 1 4   ? 2.347   -11.901 -4.372  1.00 29.30 ? 52  ASP A N   1 
ATOM   29   C CA  . ASP A 1 4   ? 3.708   -11.992 -3.869  1.00 29.06 ? 52  ASP A CA  1 
ATOM   30   C C   . ASP A 1 4   ? 4.397   -10.688 -3.495  1.00 26.76 ? 52  ASP A C   1 
ATOM   31   O O   . ASP A 1 4   ? 4.107   -9.629  -4.052  1.00 23.33 ? 52  ASP A O   1 
ATOM   32   C CB  . ASP A 1 4   ? 4.567   -12.745 -4.879  1.00 32.37 ? 52  ASP A CB  1 
ATOM   33   C CG  . ASP A 1 4   ? 3.992   -14.105 -5.223  1.00 35.26 ? 52  ASP A CG  1 
ATOM   34   O OD1 . ASP A 1 4   ? 3.403   -14.742 -4.323  1.00 35.80 ? 52  ASP A OD1 1 
ATOM   35   O OD2 . ASP A 1 4   ? 4.137   -14.543 -6.385  1.00 38.74 ? 52  ASP A OD2 1 
ATOM   36   N N   . ILE A 1 5   ? 5.302   -10.780 -2.524  1.00 25.89 ? 53  ILE A N   1 
ATOM   37   C CA  . ILE A 1 5   ? 6.072   -9.629  -2.089  1.00 27.10 ? 53  ILE A CA  1 
ATOM   38   C C   . ILE A 1 5   ? 7.135   -9.469  -3.162  1.00 27.72 ? 53  ILE A C   1 
ATOM   39   O O   . ILE A 1 5   ? 7.760   -10.439 -3.582  1.00 29.09 ? 53  ILE A O   1 
ATOM   40   C CB  . ILE A 1 5   ? 6.746   -9.864  -0.728  1.00 27.69 ? 53  ILE A CB  1 
ATOM   41   C CG1 . ILE A 1 5   ? 5.683   -9.993  0.369   1.00 28.03 ? 53  ILE A CG1 1 
ATOM   42   C CG2 . ILE A 1 5   ? 7.703   -8.717  -0.425  1.00 28.63 ? 53  ILE A CG2 1 
ATOM   43   C CD1 . ILE A 1 5   ? 4.858   -8.749  0.571   1.00 29.31 ? 53  ILE A CD1 1 
ATOM   44   N N   . LEU A 1 6   ? 7.331   -8.240  -3.603  1.00 27.01 ? 54  LEU A N   1 
ATOM   45   C CA  . LEU A 1 6   ? 8.272   -7.951  -4.662  1.00 29.45 ? 54  LEU A CA  1 
ATOM   46   C C   . LEU A 1 6   ? 9.219   -6.855  -4.182  1.00 30.72 ? 54  LEU A C   1 
ATOM   47   O O   . LEU A 1 6   ? 8.779   -5.824  -3.670  1.00 30.72 ? 54  LEU A O   1 
ATOM   48   C CB  . LEU A 1 6   ? 7.471   -7.482  -5.880  1.00 30.94 ? 54  LEU A CB  1 
ATOM   49   C CG  . LEU A 1 6   ? 8.011   -7.412  -7.306  1.00 32.25 ? 54  LEU A CG  1 
ATOM   50   C CD1 . LEU A 1 6   ? 8.381   -8.800  -7.803  1.00 33.19 ? 54  LEU A CD1 1 
ATOM   51   C CD2 . LEU A 1 6   ? 6.933   -6.811  -8.193  1.00 31.05 ? 54  LEU A CD2 1 
ATOM   52   N N   . THR A 1 7   ? 10.520  -7.083  -4.315  1.00 30.74 ? 55  THR A N   1 
ATOM   53   C CA  . THR A 1 7   ? 11.478  -6.066  -3.903  1.00 32.84 ? 55  THR A CA  1 
ATOM   54   C C   . THR A 1 7   ? 12.602  -5.884  -4.916  1.00 30.95 ? 55  THR A C   1 
ATOM   55   O O   . THR A 1 7   ? 12.947  -6.803  -5.655  1.00 30.64 ? 55  THR A O   1 
ATOM   56   C CB  . THR A 1 7   ? 12.064  -6.376  -2.508  1.00 36.18 ? 55  THR A CB  1 
ATOM   57   O OG1 . THR A 1 7   ? 11.014  -6.317  -1.531  1.00 41.54 ? 55  THR A OG1 1 
ATOM   58   C CG2 . THR A 1 7   ? 13.129  -5.358  -2.130  1.00 33.32 ? 55  THR A CG2 1 
ATOM   59   N N   . ASN A 1 8   ? 13.143  -4.670  -4.944  1.00 30.19 ? 56  ASN A N   1 
ATOM   60   C CA  . ASN A 1 8   ? 14.219  -4.281  -5.845  1.00 29.34 ? 56  ASN A CA  1 
ATOM   61   C C   . ASN A 1 8   ? 15.503  -5.055  -5.557  1.00 27.62 ? 56  ASN A C   1 
ATOM   62   O O   . ASN A 1 8   ? 16.377  -4.553  -4.858  1.00 28.24 ? 56  ASN A O   1 
ATOM   63   C CB  . ASN A 1 8   ? 14.483  -2.785  -5.677  1.00 32.94 ? 56  ASN A CB  1 
ATOM   64   C CG  . ASN A 1 8   ? 15.299  -2.203  -6.808  1.00 37.02 ? 56  ASN A CG  1 
ATOM   65   O OD1 . ASN A 1 8   ? 15.868  -2.931  -7.622  1.00 40.30 ? 56  ASN A OD1 1 
ATOM   66   N ND2 . ASN A 1 8   ? 15.370  -0.874  -6.861  1.00 37.60 ? 56  ASN A ND2 1 
ATOM   67   N N   . ASP A 1 9   ? 15.619  -6.268  -6.085  1.00 23.98 ? 57  ASP A N   1 
ATOM   68   C CA  . ASP A 1 9   ? 16.823  -7.064  -5.857  1.00 23.80 ? 57  ASP A CA  1 
ATOM   69   C C   . ASP A 1 9   ? 17.766  -6.983  -7.067  1.00 23.27 ? 57  ASP A C   1 
ATOM   70   O O   . ASP A 1 9   ? 18.736  -7.733  -7.166  1.00 23.29 ? 57  ASP A O   1 
ATOM   71   C CB  . ASP A 1 9   ? 16.446  -8.521  -5.574  1.00 23.09 ? 57  ASP A CB  1 
ATOM   72   C CG  . ASP A 1 9   ? 15.917  -9.232  -6.794  1.00 22.41 ? 57  ASP A CG  1 
ATOM   73   O OD1 . ASP A 1 9   ? 15.650  -8.553  -7.804  1.00 22.18 ? 57  ASP A OD1 1 
ATOM   74   O OD2 . ASP A 1 9   ? 15.766  -10.473 -6.743  1.00 23.70 ? 57  ASP A OD2 1 
ATOM   75   N N   . GLY A 1 10  ? 17.458  -6.076  -7.989  1.00 21.85 ? 58  GLY A N   1 
ATOM   76   C CA  . GLY A 1 10  ? 18.286  -5.887  -9.167  1.00 22.43 ? 58  GLY A CA  1 
ATOM   77   C C   . GLY A 1 10  ? 18.236  -6.923  -10.278 1.00 21.17 ? 58  GLY A C   1 
ATOM   78   O O   . GLY A 1 10  ? 19.050  -6.870  -11.190 1.00 21.86 ? 58  GLY A O   1 
ATOM   79   N N   . THR A 1 11  ? 17.309  -7.870  -10.223 1.00 21.49 ? 59  THR A N   1 
ATOM   80   C CA  . THR A 1 11  ? 17.214  -8.865  -11.290 1.00 20.60 ? 59  THR A CA  1 
ATOM   81   C C   . THR A 1 11  ? 16.262  -8.380  -12.375 1.00 20.41 ? 59  THR A C   1 
ATOM   82   O O   . THR A 1 11  ? 15.363  -7.577  -12.109 1.00 18.33 ? 59  THR A O   1 
ATOM   83   C CB  . THR A 1 11  ? 16.697  -10.190 -10.771 1.00 21.60 ? 59  THR A CB  1 
ATOM   84   O OG1 . THR A 1 11  ? 15.425  -9.982  -10.139 1.00 22.44 ? 59  THR A OG1 1 
ATOM   85   C CG2 . THR A 1 11  ? 17.695  -10.792 -9.780  1.00 20.31 ? 59  THR A CG2 1 
ATOM   86   N N   . HIS A 1 12  ? 16.467  -8.863  -13.597 1.00 19.60 ? 60  HIS A N   1 
ATOM   87   C CA  . HIS A 1 12  ? 15.627  -8.473  -14.723 1.00 18.58 ? 60  HIS A CA  1 
ATOM   88   C C   . HIS A 1 12  ? 14.164  -8.810  -14.430 1.00 18.90 ? 60  HIS A C   1 
ATOM   89   O O   . HIS A 1 12  ? 13.269  -7.992  -14.653 1.00 16.60 ? 60  HIS A O   1 
ATOM   90   C CB  . HIS A 1 12  ? 16.082  -9.195  -15.997 1.00 19.56 ? 60  HIS A CB  1 
ATOM   91   C CG  . HIS A 1 12  ? 17.417  -8.744  -16.515 1.00 18.87 ? 60  HIS A CG  1 
ATOM   92   N ND1 . HIS A 1 12  ? 17.591  -7.563  -17.205 1.00 18.51 ? 60  HIS A ND1 1 
ATOM   93   C CD2 . HIS A 1 12  ? 18.634  -9.337  -16.472 1.00 17.47 ? 60  HIS A CD2 1 
ATOM   94   C CE1 . HIS A 1 12  ? 18.856  -7.449  -17.570 1.00 19.11 ? 60  HIS A CE1 1 
ATOM   95   N NE2 . HIS A 1 12  ? 19.510  -8.514  -17.138 1.00 18.18 ? 60  HIS A NE2 1 
ATOM   96   N N   . ARG A 1 13  ? 13.933  -10.014 -13.923 1.00 17.72 ? 61  ARG A N   1 
ATOM   97   C CA  . ARG A 1 13  ? 12.586  -10.473 -13.598 1.00 19.24 ? 61  ARG A CA  1 
ATOM   98   C C   . ARG A 1 13  ? 11.823  -9.556  -12.625 1.00 18.47 ? 61  ARG A C   1 
ATOM   99   O O   . ARG A 1 13  ? 10.762  -9.035  -12.962 1.00 17.88 ? 61  ARG A O   1 
ATOM   100  C CB  . ARG A 1 13  ? 12.648  -11.900 -13.036 1.00 17.10 ? 61  ARG A CB  1 
ATOM   101  N N   . ASN A 1 14  ? 12.356  -9.353  -11.425 1.00 18.18 ? 62  ASN A N   1 
ATOM   102  C CA  . ASN A 1 14  ? 11.676  -8.503  -10.451 1.00 17.62 ? 62  ASN A CA  1 
ATOM   103  C C   . ASN A 1 14  ? 11.608  -7.038  -10.873 1.00 18.02 ? 62  ASN A C   1 
ATOM   104  O O   . ASN A 1 14  ? 10.598  -6.366  -10.658 1.00 16.01 ? 62  ASN A O   1 
ATOM   105  C CB  . ASN A 1 14  ? 12.348  -8.615  -9.082  1.00 18.10 ? 62  ASN A CB  1 
ATOM   106  C CG  . ASN A 1 14  ? 12.162  -9.977  -8.450  1.00 17.88 ? 62  ASN A CG  1 
ATOM   107  O OD1 . ASN A 1 14  ? 12.263  -10.128 -7.236  1.00 22.68 ? 62  ASN A OD1 1 
ATOM   108  N ND2 . ASN A 1 14  ? 11.899  -10.980 -9.269  1.00 19.33 ? 62  ASN A ND2 1 
ATOM   109  N N   . MET A 1 15  ? 12.683  -6.548  -11.480 1.00 19.47 ? 63  MET A N   1 
ATOM   110  C CA  . MET A 1 15  ? 12.752  -5.164  -11.931 1.00 21.87 ? 63  MET A CA  1 
ATOM   111  C C   . MET A 1 15  ? 11.625  -4.846  -12.921 1.00 22.37 ? 63  MET A C   1 
ATOM   112  O O   . MET A 1 15  ? 10.996  -3.787  -12.845 1.00 20.53 ? 63  MET A O   1 
ATOM   113  C CB  . MET A 1 15  ? 14.107  -4.907  -12.587 1.00 26.00 ? 63  MET A CB  1 
ATOM   114  C CG  . MET A 1 15  ? 14.347  -3.473  -12.980 1.00 32.43 ? 63  MET A CG  1 
ATOM   115  S SD  . MET A 1 15  ? 14.254  -2.365  -11.567 1.00 40.49 ? 63  MET A SD  1 
ATOM   116  C CE  . MET A 1 15  ? 15.542  -3.073  -10.478 1.00 37.91 ? 63  MET A CE  1 
ATOM   117  N N   . LYS A 1 16  ? 11.384  -5.764  -13.853 1.00 21.34 ? 64  LYS A N   1 
ATOM   118  C CA  . LYS A 1 16  ? 10.334  -5.585  -14.849 1.00 21.42 ? 64  LYS A CA  1 
ATOM   119  C C   . LYS A 1 16  ? 8.971   -5.494  -14.169 1.00 20.75 ? 64  LYS A C   1 
ATOM   120  O O   . LYS A 1 16  ? 8.160   -4.638  -14.503 1.00 21.89 ? 64  LYS A O   1 
ATOM   121  C CB  . LYS A 1 16  ? 10.326  -6.757  -15.832 1.00 23.03 ? 64  LYS A CB  1 
ATOM   122  C CG  . LYS A 1 16  ? 9.233   -6.660  -16.898 1.00 24.54 ? 64  LYS A CG  1 
ATOM   123  C CD  . LYS A 1 16  ? 9.091   -7.952  -17.689 1.00 25.02 ? 64  LYS A CD  1 
ATOM   124  C CE  . LYS A 1 16  ? 8.022   -7.819  -18.767 1.00 26.27 ? 64  LYS A CE  1 
ATOM   125  N NZ  . LYS A 1 16  ? 6.724   -7.332  -18.215 1.00 26.69 ? 64  LYS A NZ  1 
ATOM   126  N N   . LEU A 1 17  ? 8.719   -6.387  -13.217 1.00 20.72 ? 65  LEU A N   1 
ATOM   127  C CA  . LEU A 1 17  ? 7.447   -6.389  -12.500 1.00 19.28 ? 65  LEU A CA  1 
ATOM   128  C C   . LEU A 1 17  ? 7.256   -5.087  -11.717 1.00 17.91 ? 65  LEU A C   1 
ATOM   129  O O   . LEU A 1 17  ? 6.153   -4.550  -11.679 1.00 18.43 ? 65  LEU A O   1 
ATOM   130  C CB  . LEU A 1 17  ? 7.374   -7.586  -11.546 1.00 19.87 ? 65  LEU A CB  1 
ATOM   131  C CG  . LEU A 1 17  ? 7.442   -8.981  -12.176 1.00 22.41 ? 65  LEU A CG  1 
ATOM   132  C CD1 . LEU A 1 17  ? 7.321   -10.042 -11.091 1.00 22.30 ? 65  LEU A CD1 1 
ATOM   133  C CD2 . LEU A 1 17  ? 6.323   -9.143  -13.195 1.00 24.10 ? 65  LEU A CD2 1 
ATOM   134  N N   . LEU A 1 18  ? 8.325   -4.581  -11.103 1.00 16.67 ? 66  LEU A N   1 
ATOM   135  C CA  . LEU A 1 18  ? 8.241   -3.334  -10.343 1.00 14.67 ? 66  LEU A CA  1 
ATOM   136  C C   . LEU A 1 18  ? 7.919   -2.174  -11.262 1.00 13.05 ? 66  LEU A C   1 
ATOM   137  O O   . LEU A 1 18  ? 7.199   -1.250  -10.883 1.00 10.93 ? 66  LEU A O   1 
ATOM   138  C CB  . LEU A 1 18  ? 9.557   -3.016  -9.621  1.00 16.12 ? 66  LEU A CB  1 
ATOM   139  C CG  . LEU A 1 18  ? 9.796   -3.465  -8.176  1.00 20.08 ? 66  LEU A CG  1 
ATOM   140  C CD1 . LEU A 1 18  ? 8.492   -3.392  -7.392  1.00 17.66 ? 66  LEU A CD1 1 
ATOM   141  C CD2 . LEU A 1 18  ? 10.342  -4.867  -8.152  1.00 20.88 ? 66  LEU A CD2 1 
ATOM   142  N N   . ILE A 1 19  ? 8.475   -2.211  -12.466 1.00 10.90 ? 67  ILE A N   1 
ATOM   143  C CA  . ILE A 1 19  ? 8.228   -1.146  -13.424 1.00 11.75 ? 67  ILE A CA  1 
ATOM   144  C C   . ILE A 1 19  ? 6.778   -1.232  -13.886 1.00 10.70 ? 67  ILE A C   1 
ATOM   145  O O   . ILE A 1 19  ? 6.095   -0.219  -13.980 1.00 8.74  ? 67  ILE A O   1 
ATOM   146  C CB  . ILE A 1 19  ? 9.174   -1.247  -14.642 1.00 12.97 ? 67  ILE A CB  1 
ATOM   147  C CG1 . ILE A 1 19  ? 10.616  -1.040  -14.176 1.00 14.67 ? 67  ILE A CG1 1 
ATOM   148  C CG2 . ILE A 1 19  ? 8.788   -0.206  -15.700 1.00 9.86  ? 67  ILE A CG2 1 
ATOM   149  C CD1 . ILE A 1 19  ? 11.665  -1.198  -15.264 1.00 16.00 ? 67  ILE A CD1 1 
ATOM   150  N N   . ASP A 1 20  ? 6.309   -2.443  -14.165 1.00 10.09 ? 68  ASP A N   1 
ATOM   151  C CA  . ASP A 1 20  ? 4.931   -2.615  -14.586 1.00 12.99 ? 68  ASP A CA  1 
ATOM   152  C C   . ASP A 1 20  ? 4.008   -2.074  -13.495 1.00 13.40 ? 68  ASP A C   1 
ATOM   153  O O   . ASP A 1 20  ? 3.043   -1.371  -13.774 1.00 12.09 ? 68  ASP A O   1 
ATOM   154  C CB  . ASP A 1 20  ? 4.636   -4.090  -14.853 1.00 15.00 ? 68  ASP A CB  1 
ATOM   155  C CG  . ASP A 1 20  ? 5.325   -4.594  -16.098 1.00 18.53 ? 68  ASP A CG  1 
ATOM   156  O OD1 . ASP A 1 20  ? 5.635   -3.750  -16.969 1.00 21.50 ? 68  ASP A OD1 1 
ATOM   157  O OD2 . ASP A 1 20  ? 5.545   -5.819  -16.220 1.00 18.74 ? 68  ASP A OD2 1 
ATOM   158  N N   . LEU A 1 21  ? 4.332   -2.389  -12.246 1.00 13.40 ? 69  LEU A N   1 
ATOM   159  C CA  . LEU A 1 21  ? 3.546   -1.923  -11.104 1.00 14.21 ? 69  LEU A CA  1 
ATOM   160  C C   . LEU A 1 21  ? 3.591   -0.394  -11.031 1.00 14.71 ? 69  LEU A C   1 
ATOM   161  O O   . LEU A 1 21  ? 2.565   0.269   -10.829 1.00 15.76 ? 69  LEU A O   1 
ATOM   162  C CB  . LEU A 1 21  ? 4.117   -2.523  -9.817  1.00 13.14 ? 69  LEU A CB  1 
ATOM   163  C CG  . LEU A 1 21  ? 3.326   -2.610  -8.505  1.00 16.04 ? 69  LEU A CG  1 
ATOM   164  C CD1 . LEU A 1 21  ? 4.029   -1.804  -7.445  1.00 16.06 ? 69  LEU A CD1 1 
ATOM   165  C CD2 . LEU A 1 21  ? 1.899   -2.172  -8.695  1.00 13.36 ? 69  LEU A CD2 1 
ATOM   166  N N   . LYS A 1 22  ? 4.788   0.160   -11.204 1.00 12.65 ? 70  LYS A N   1 
ATOM   167  C CA  . LYS A 1 22  ? 4.977   1.600   -11.143 1.00 13.98 ? 70  LYS A CA  1 
ATOM   168  C C   . LYS A 1 22  ? 4.143   2.290   -12.202 1.00 14.40 ? 70  LYS A C   1 
ATOM   169  O O   . LYS A 1 22  ? 3.584   3.360   -11.957 1.00 16.75 ? 70  LYS A O   1 
ATOM   170  C CB  . LYS A 1 22  ? 6.462   1.954   -11.318 1.00 11.67 ? 70  LYS A CB  1 
ATOM   171  C CG  . LYS A 1 22  ? 6.749   3.445   -11.435 1.00 12.09 ? 70  LYS A CG  1 
ATOM   172  C CD  . LYS A 1 22  ? 6.654   3.932   -12.875 1.00 10.10 ? 70  LYS A CD  1 
ATOM   173  C CE  . LYS A 1 22  ? 7.613   3.172   -13.785 1.00 11.37 ? 70  LYS A CE  1 
ATOM   174  N NZ  . LYS A 1 22  ? 7.727   3.809   -15.123 1.00 11.87 ? 70  LYS A NZ  1 
ATOM   175  N N   . ASN A 1 23  ? 4.067   1.679   -13.381 1.00 15.95 ? 71  ASN A N   1 
ATOM   176  C CA  . ASN A 1 23  ? 3.284   2.238   -14.482 1.00 17.03 ? 71  ASN A CA  1 
ATOM   177  C C   . ASN A 1 23  ? 1.788   2.166   -14.173 1.00 18.03 ? 71  ASN A C   1 
ATOM   178  O O   . ASN A 1 23  ? 1.031   3.034   -14.592 1.00 18.86 ? 71  ASN A O   1 
ATOM   179  C CB  . ASN A 1 23  ? 3.590   1.497   -15.787 1.00 13.43 ? 71  ASN A CB  1 
ATOM   180  C CG  . ASN A 1 23  ? 4.919   1.921   -16.400 1.00 13.11 ? 71  ASN A CG  1 
ATOM   181  O OD1 . ASN A 1 23  ? 5.523   1.177   -17.176 1.00 12.08 ? 71  ASN A OD1 1 
ATOM   182  N ND2 . ASN A 1 23  ? 5.366   3.126   -16.072 1.00 7.75  ? 71  ASN A ND2 1 
ATOM   183  N N   . ILE A 1 24  ? 1.361   1.130   -13.453 1.00 17.73 ? 72  ILE A N   1 
ATOM   184  C CA  . ILE A 1 24  ? -0.046  1.024   -13.092 1.00 18.00 ? 72  ILE A CA  1 
ATOM   185  C C   . ILE A 1 24  ? -0.347  2.126   -12.086 1.00 18.99 ? 72  ILE A C   1 
ATOM   186  O O   . ILE A 1 24  ? -1.382  2.778   -12.168 1.00 18.88 ? 72  ILE A O   1 
ATOM   187  C CB  . ILE A 1 24  ? -0.384  -0.340  -12.460 1.00 17.00 ? 72  ILE A CB  1 
ATOM   188  C CG1 . ILE A 1 24  ? -0.308  -1.439  -13.526 1.00 17.51 ? 72  ILE A CG1 1 
ATOM   189  C CG2 . ILE A 1 24  ? -1.782  -0.293  -11.834 1.00 17.14 ? 72  ILE A CG2 1 
ATOM   190  C CD1 . ILE A 1 24  ? -0.454  -2.853  -12.976 1.00 16.96 ? 72  ILE A CD1 1 
ATOM   191  N N   . PHE A 1 25  ? 0.564   2.336   -11.138 1.00 18.83 ? 73  PHE A N   1 
ATOM   192  C CA  . PHE A 1 25  ? 0.378   3.383   -10.134 1.00 18.47 ? 73  PHE A CA  1 
ATOM   193  C C   . PHE A 1 25  ? 0.202   4.751   -10.786 1.00 19.47 ? 73  PHE A C   1 
ATOM   194  O O   . PHE A 1 25  ? -0.742  5.476   -10.478 1.00 19.49 ? 73  PHE A O   1 
ATOM   195  C CB  . PHE A 1 25  ? 1.584   3.458   -9.189  1.00 14.26 ? 73  PHE A CB  1 
ATOM   196  C CG  . PHE A 1 25  ? 1.648   2.352   -8.171  1.00 14.07 ? 73  PHE A CG  1 
ATOM   197  C CD1 . PHE A 1 25  ? 2.840   2.087   -7.504  1.00 14.06 ? 73  PHE A CD1 1 
ATOM   198  C CD2 . PHE A 1 25  ? 0.522   1.602   -7.844  1.00 14.40 ? 73  PHE A CD2 1 
ATOM   199  C CE1 . PHE A 1 25  ? 2.913   1.083   -6.525  1.00 12.79 ? 73  PHE A CE1 1 
ATOM   200  C CE2 . PHE A 1 25  ? 0.583   0.602   -6.873  1.00 12.93 ? 73  PHE A CE2 1 
ATOM   201  C CZ  . PHE A 1 25  ? 1.782   0.344   -6.210  1.00 13.51 ? 73  PHE A CZ  1 
ATOM   202  N N   . SER A 1 26  ? 1.115   5.106   -11.690 1.00 20.17 ? 74  SER A N   1 
ATOM   203  C CA  . SER A 1 26  ? 1.050   6.410   -12.335 1.00 21.31 ? 74  SER A CA  1 
ATOM   204  C C   . SER A 1 26  ? -0.224  6.615   -13.142 1.00 20.53 ? 74  SER A C   1 
ATOM   205  O O   . SER A 1 26  ? -0.834  7.678   -13.076 1.00 21.41 ? 74  SER A O   1 
ATOM   206  C CB  . SER A 1 26  ? 2.280   6.646   -13.226 1.00 20.62 ? 74  SER A CB  1 
ATOM   207  O OG  . SER A 1 26  ? 2.392   5.647   -14.223 1.00 28.30 ? 74  SER A OG  1 
ATOM   208  N N   . ARG A 1 27  ? -0.628  5.603   -13.899 1.00 20.71 ? 75  ARG A N   1 
ATOM   209  C CA  . ARG A 1 27  ? -1.838  5.707   -14.701 1.00 22.17 ? 75  ARG A CA  1 
ATOM   210  C C   . ARG A 1 27  ? -3.080  5.804   -13.820 1.00 21.28 ? 75  ARG A C   1 
ATOM   211  O O   . ARG A 1 27  ? -4.031  6.515   -14.156 1.00 20.27 ? 75  ARG A O   1 
ATOM   212  C CB  . ARG A 1 27  ? -1.940  4.509   -15.645 1.00 25.54 ? 75  ARG A CB  1 
ATOM   213  C CG  . ARG A 1 27  ? -3.288  4.346   -16.348 1.00 34.74 ? 75  ARG A CG  1 
ATOM   214  C CD  . ARG A 1 27  ? -3.813  5.637   -16.983 1.00 40.29 ? 75  ARG A CD  1 
ATOM   215  N NE  . ARG A 1 27  ? -2.996  6.131   -18.091 1.00 46.13 ? 75  ARG A NE  1 
ATOM   216  C CZ  . ARG A 1 27  ? -2.857  5.516   -19.262 1.00 46.31 ? 75  ARG A CZ  1 
ATOM   217  N NH1 . ARG A 1 27  ? -3.480  4.367   -19.490 1.00 46.13 ? 75  ARG A NH1 1 
ATOM   218  N NH2 . ARG A 1 27  ? -2.099  6.062   -20.209 1.00 45.00 ? 75  ARG A NH2 1 
ATOM   219  N N   . GLN A 1 28  ? -3.059  5.118   -12.680 1.00 19.26 ? 76  GLN A N   1 
ATOM   220  C CA  . GLN A 1 28  ? -4.191  5.135   -11.762 1.00 18.29 ? 76  GLN A CA  1 
ATOM   221  C C   . GLN A 1 28  ? -4.139  6.257   -10.728 1.00 18.49 ? 76  GLN A C   1 
ATOM   222  O O   . GLN A 1 28  ? -5.123  6.502   -10.019 1.00 17.97 ? 76  GLN A O   1 
ATOM   223  C CB  . GLN A 1 28  ? -4.306  3.790   -11.046 1.00 17.97 ? 76  GLN A CB  1 
ATOM   224  C CG  . GLN A 1 28  ? -4.749  2.656   -11.938 1.00 16.86 ? 76  GLN A CG  1 
ATOM   225  C CD  . GLN A 1 28  ? -6.094  2.925   -12.582 1.00 19.43 ? 76  GLN A CD  1 
ATOM   226  O OE1 . GLN A 1 28  ? -7.084  3.163   -11.895 1.00 17.44 ? 76  GLN A OE1 1 
ATOM   227  N NE2 . GLN A 1 28  ? -6.134  2.888   -13.911 1.00 18.74 ? 76  GLN A NE2 1 
ATOM   228  N N   . LEU A 1 29  ? -2.991  6.922   -10.638 1.00 17.72 ? 77  LEU A N   1 
ATOM   229  C CA  . LEU A 1 29  ? -2.792  8.027   -9.707  1.00 16.94 ? 77  LEU A CA  1 
ATOM   230  C C   . LEU A 1 29  ? -2.198  9.232   -10.458 1.00 19.01 ? 77  LEU A C   1 
ATOM   231  O O   . LEU A 1 29  ? -1.086  9.672   -10.166 1.00 18.46 ? 77  LEU A O   1 
ATOM   232  C CB  . LEU A 1 29  ? -1.848  7.605   -8.582  1.00 18.58 ? 77  LEU A CB  1 
ATOM   233  C CG  . LEU A 1 29  ? -2.294  6.445   -7.682  1.00 19.50 ? 77  LEU A CG  1 
ATOM   234  C CD1 . LEU A 1 29  ? -1.164  6.068   -6.740  1.00 17.29 ? 77  LEU A CD1 1 
ATOM   235  C CD2 . LEU A 1 29  ? -3.532  6.850   -6.880  1.00 18.93 ? 77  LEU A CD2 1 
ATOM   236  N N   . PRO A 1 30  ? -2.950  9.787   -11.431 1.00 18.16 ? 78  PRO A N   1 
ATOM   237  C CA  . PRO A 1 30  ? -2.500  10.934  -12.228 1.00 17.82 ? 78  PRO A CA  1 
ATOM   238  C C   . PRO A 1 30  ? -2.060  12.197  -11.490 1.00 17.61 ? 78  PRO A C   1 
ATOM   239  O O   . PRO A 1 30  ? -1.343  13.016  -12.057 1.00 17.89 ? 78  PRO A O   1 
ATOM   240  C CB  . PRO A 1 30  ? -3.686  11.199  -13.166 1.00 18.69 ? 78  PRO A CB  1 
ATOM   241  C CG  . PRO A 1 30  ? -4.875  10.694  -12.382 1.00 18.44 ? 78  PRO A CG  1 
ATOM   242  C CD  . PRO A 1 30  ? -4.325  9.402   -11.806 1.00 19.02 ? 78  PRO A CD  1 
ATOM   243  N N   . LYS A 1 31  ? -2.478  12.373  -10.242 1.00 16.08 ? 79  LYS A N   1 
ATOM   244  C CA  . LYS A 1 31  ? -2.090  13.571  -9.502  1.00 18.18 ? 79  LYS A CA  1 
ATOM   245  C C   . LYS A 1 31  ? -0.728  13.421  -8.842  1.00 17.84 ? 79  LYS A C   1 
ATOM   246  O O   . LYS A 1 31  ? -0.193  14.359  -8.248  1.00 16.56 ? 79  LYS A O   1 
ATOM   247  C CB  . LYS A 1 31  ? -3.150  13.914  -8.453  1.00 19.38 ? 79  LYS A CB  1 
ATOM   248  C CG  . LYS A 1 31  ? -4.478  14.339  -9.069  1.00 21.66 ? 79  LYS A CG  1 
ATOM   249  C CD  . LYS A 1 31  ? -5.420  14.916  -8.029  1.00 26.54 ? 79  LYS A CD  1 
ATOM   250  C CE  . LYS A 1 31  ? -6.747  15.300  -8.660  1.00 29.03 ? 79  LYS A CE  1 
ATOM   251  N NZ  . LYS A 1 31  ? -7.561  16.137  -7.732  1.00 35.07 ? 79  LYS A NZ  1 
ATOM   252  N N   . MET A 1 32  ? -0.171  12.226  -8.969  1.00 18.44 ? 80  MET A N   1 
ATOM   253  C CA  . MET A 1 32  ? 1.121   11.918  -8.394  1.00 18.11 ? 80  MET A CA  1 
ATOM   254  C C   . MET A 1 32  ? 2.242   12.074  -9.419  1.00 18.26 ? 80  MET A C   1 
ATOM   255  O O   . MET A 1 32  ? 2.152   11.553  -10.539 1.00 18.41 ? 80  MET A O   1 
ATOM   256  C CB  . MET A 1 32  ? 1.099   10.490  -7.862  1.00 19.09 ? 80  MET A CB  1 
ATOM   257  C CG  . MET A 1 32  ? 2.003   10.274  -6.682  1.00 24.68 ? 80  MET A CG  1 
ATOM   258  S SD  . MET A 1 32  ? 1.366   10.840  -5.094  1.00 21.95 ? 80  MET A SD  1 
ATOM   259  C CE  . MET A 1 32  ? 0.292   12.198  -5.529  1.00 26.97 ? 80  MET A CE  1 
ATOM   260  N N   . PRO A 1 33  ? 3.308   12.816  -9.061  1.00 16.64 ? 81  PRO A N   1 
ATOM   261  C CA  . PRO A 1 33  ? 4.411   12.983  -10.013 1.00 15.54 ? 81  PRO A CA  1 
ATOM   262  C C   . PRO A 1 33  ? 4.986   11.592  -10.271 1.00 15.85 ? 81  PRO A C   1 
ATOM   263  O O   . PRO A 1 33  ? 5.362   10.898  -9.332  1.00 15.35 ? 81  PRO A O   1 
ATOM   264  C CB  . PRO A 1 33  ? 5.402   13.868  -9.255  1.00 15.94 ? 81  PRO A CB  1 
ATOM   265  C CG  . PRO A 1 33  ? 4.537   14.624  -8.275  1.00 18.26 ? 81  PRO A CG  1 
ATOM   266  C CD  . PRO A 1 33  ? 3.562   13.561  -7.816  1.00 16.84 ? 81  PRO A CD  1 
ATOM   267  N N   . LYS A 1 34  ? 5.035   11.180  -11.530 1.00 16.17 ? 82  LYS A N   1 
ATOM   268  C CA  . LYS A 1 34  ? 5.562   9.869   -11.876 1.00 18.58 ? 82  LYS A CA  1 
ATOM   269  C C   . LYS A 1 34  ? 6.938   9.622   -11.258 1.00 18.73 ? 82  LYS A C   1 
ATOM   270  O O   . LYS A 1 34  ? 7.186   8.558   -10.684 1.00 18.96 ? 82  LYS A O   1 
ATOM   271  C CB  . LYS A 1 34  ? 5.638   9.707   -13.397 1.00 18.51 ? 82  LYS A CB  1 
ATOM   272  C CG  . LYS A 1 34  ? 5.886   8.271   -13.830 1.00 21.47 ? 82  LYS A CG  1 
ATOM   273  C CD  . LYS A 1 34  ? 5.581   8.063   -15.308 1.00 22.00 ? 82  LYS A CD  1 
ATOM   274  C CE  . LYS A 1 34  ? 5.420   6.583   -15.617 1.00 23.49 ? 82  LYS A CE  1 
ATOM   275  N NZ  . LYS A 1 34  ? 5.044   6.303   -17.032 1.00 24.25 ? 82  LYS A NZ  1 
ATOM   276  N N   . GLU A 1 35  ? 7.826   10.607  -11.355 1.00 19.67 ? 83  GLU A N   1 
ATOM   277  C CA  . GLU A 1 35  ? 9.161   10.447  -10.796 1.00 20.37 ? 83  GLU A CA  1 
ATOM   278  C C   . GLU A 1 35  ? 9.111   10.201  -9.291  1.00 17.63 ? 83  GLU A C   1 
ATOM   279  O O   . GLU A 1 35  ? 10.018  9.580   -8.739  1.00 16.45 ? 83  GLU A O   1 
ATOM   280  C CB  . GLU A 1 35  ? 10.038  11.671  -11.107 1.00 25.07 ? 83  GLU A CB  1 
ATOM   281  C CG  . GLU A 1 35  ? 10.176  12.672  -9.963  1.00 33.05 ? 83  GLU A CG  1 
ATOM   282  C CD  . GLU A 1 35  ? 9.042   13.673  -9.913  1.00 37.18 ? 83  GLU A CD  1 
ATOM   283  O OE1 . GLU A 1 35  ? 8.923   14.390  -8.893  1.00 40.30 ? 83  GLU A OE1 1 
ATOM   284  O OE2 . GLU A 1 35  ? 8.277   13.755  -10.899 1.00 41.04 ? 83  GLU A OE2 1 
ATOM   285  N N   . TYR A 1 36  ? 8.054   10.668  -8.626  1.00 15.33 ? 84  TYR A N   1 
ATOM   286  C CA  . TYR A 1 36  ? 7.924   10.469  -7.179  1.00 14.22 ? 84  TYR A CA  1 
ATOM   287  C C   . TYR A 1 36  ? 7.563   9.012   -6.870  1.00 13.71 ? 84  TYR A C   1 
ATOM   288  O O   . TYR A 1 36  ? 8.059   8.425   -5.910  1.00 14.46 ? 84  TYR A O   1 
ATOM   289  C CB  . TYR A 1 36  ? 6.857   11.400  -6.595  1.00 14.32 ? 84  TYR A CB  1 
ATOM   290  C CG  . TYR A 1 36  ? 6.704   11.286  -5.093  1.00 13.53 ? 84  TYR A CG  1 
ATOM   291  C CD1 . TYR A 1 36  ? 7.742   11.649  -4.238  1.00 14.52 ? 84  TYR A CD1 1 
ATOM   292  C CD2 . TYR A 1 36  ? 5.520   10.813  -4.525  1.00 14.93 ? 84  TYR A CD2 1 
ATOM   293  C CE1 . TYR A 1 36  ? 7.609   11.544  -2.849  1.00 10.13 ? 84  TYR A CE1 1 
ATOM   294  C CE2 . TYR A 1 36  ? 5.377   10.703  -3.139  1.00 12.32 ? 84  TYR A CE2 1 
ATOM   295  C CZ  . TYR A 1 36  ? 6.427   11.072  -2.311  1.00 12.69 ? 84  TYR A CZ  1 
ATOM   296  O OH  . TYR A 1 36  ? 6.291   10.971  -0.945  1.00 15.82 ? 84  TYR A OH  1 
ATOM   297  N N   . ILE A 1 37  ? 6.687   8.442   -7.689  1.00 13.24 ? 85  ILE A N   1 
ATOM   298  C CA  . ILE A 1 37  ? 6.277   7.052   -7.538  1.00 12.94 ? 85  ILE A CA  1 
ATOM   299  C C   . ILE A 1 37  ? 7.522   6.187   -7.734  1.00 12.16 ? 85  ILE A C   1 
ATOM   300  O O   . ILE A 1 37  ? 7.770   5.258   -6.967  1.00 12.60 ? 85  ILE A O   1 
ATOM   301  C CB  . ILE A 1 37  ? 5.237   6.664   -8.607  1.00 11.23 ? 85  ILE A CB  1 
ATOM   302  C CG1 . ILE A 1 37  ? 3.967   7.492   -8.426  1.00 11.86 ? 85  ILE A CG1 1 
ATOM   303  C CG2 . ILE A 1 37  ? 4.916   5.184   -8.516  1.00 11.19 ? 85  ILE A CG2 1 
ATOM   304  C CD1 . ILE A 1 37  ? 2.933   7.269   -9.519  1.00 9.91  ? 85  ILE A CD1 1 
ATOM   305  N N   . VAL A 1 38  ? 8.286   6.509   -8.778  1.00 11.54 ? 86  VAL A N   1 
ATOM   306  C CA  . VAL A 1 38  ? 9.516   5.803   -9.114  1.00 11.45 ? 86  VAL A CA  1 
ATOM   307  C C   . VAL A 1 38  ? 10.463  5.782   -7.935  1.00 11.69 ? 86  VAL A C   1 
ATOM   308  O O   . VAL A 1 38  ? 10.981  4.730   -7.562  1.00 12.86 ? 86  VAL A O   1 
ATOM   309  C CB  . VAL A 1 38  ? 10.259  6.478   -10.297 1.00 12.66 ? 86  VAL A CB  1 
ATOM   310  C CG1 . VAL A 1 38  ? 11.705  5.987   -10.356 1.00 11.29 ? 86  VAL A CG1 1 
ATOM   311  C CG2 . VAL A 1 38  ? 9.549   6.162   -11.606 1.00 13.11 ? 86  VAL A CG2 1 
ATOM   312  N N   . LYS A 1 39  ? 10.682  6.954   -7.350  1.00 13.56 ? 87  LYS A N   1 
ATOM   313  C CA  . LYS A 1 39  ? 11.580  7.080   -6.215  1.00 15.11 ? 87  LYS A CA  1 
ATOM   314  C C   . LYS A 1 39  ? 11.219  6.190   -5.033  1.00 15.52 ? 87  LYS A C   1 
ATOM   315  O O   . LYS A 1 39  ? 12.090  5.539   -4.457  1.00 14.88 ? 87  LYS A O   1 
ATOM   316  C CB  . LYS A 1 39  ? 11.651  8.537   -5.742  1.00 18.10 ? 87  LYS A CB  1 
ATOM   317  C CG  . LYS A 1 39  ? 12.590  8.713   -4.551  1.00 20.41 ? 87  LYS A CG  1 
ATOM   318  C CD  . LYS A 1 39  ? 12.884  10.171  -4.229  1.00 25.36 ? 87  LYS A CD  1 
ATOM   319  C CE  . LYS A 1 39  ? 11.758  10.836  -3.463  1.00 27.09 ? 87  LYS A CE  1 
ATOM   320  N NZ  . LYS A 1 39  ? 12.219  12.163  -2.961  1.00 29.44 ? 87  LYS A NZ  1 
ATOM   321  N N   . LEU A 1 40  ? 9.943   6.163   -4.662  1.00 16.38 ? 88  LEU A N   1 
ATOM   322  C CA  . LEU A 1 40  ? 9.530   5.344   -3.529  1.00 15.51 ? 88  LEU A CA  1 
ATOM   323  C C   . LEU A 1 40  ? 9.507   3.864   -3.870  1.00 15.26 ? 88  LEU A C   1 
ATOM   324  O O   . LEU A 1 40  ? 9.992   3.047   -3.095  1.00 16.63 ? 88  LEU A O   1 
ATOM   325  C CB  . LEU A 1 40  ? 8.150   5.776   -3.006  1.00 15.51 ? 88  LEU A CB  1 
ATOM   326  C CG  . LEU A 1 40  ? 7.991   7.220   -2.500  1.00 16.60 ? 88  LEU A CG  1 
ATOM   327  C CD1 . LEU A 1 40  ? 6.706   7.352   -1.672  1.00 14.88 ? 88  LEU A CD1 1 
ATOM   328  C CD2 . LEU A 1 40  ? 9.187   7.606   -1.664  1.00 16.21 ? 88  LEU A CD2 1 
ATOM   329  N N   . VAL A 1 41  ? 8.953   3.515   -5.026  1.00 15.62 ? 89  VAL A N   1 
ATOM   330  C CA  . VAL A 1 41  ? 8.877   2.113   -5.421  1.00 15.14 ? 89  VAL A CA  1 
ATOM   331  C C   . VAL A 1 41  ? 10.251  1.424   -5.453  1.00 17.75 ? 89  VAL A C   1 
ATOM   332  O O   . VAL A 1 41  ? 10.382  0.275   -5.038  1.00 16.32 ? 89  VAL A O   1 
ATOM   333  C CB  . VAL A 1 41  ? 8.209   1.950   -6.812  1.00 14.79 ? 89  VAL A CB  1 
ATOM   334  C CG1 . VAL A 1 41  ? 8.233   0.480   -7.230  1.00 11.20 ? 89  VAL A CG1 1 
ATOM   335  C CG2 . VAL A 1 41  ? 6.769   2.457   -6.772  1.00 14.91 ? 89  VAL A CG2 1 
ATOM   336  N N   . PHE A 1 42  ? 11.274  2.122   -5.934  1.00 18.35 ? 90  PHE A N   1 
ATOM   337  C CA  . PHE A 1 42  ? 12.604  1.525   -6.015  1.00 19.92 ? 90  PHE A CA  1 
ATOM   338  C C   . PHE A 1 42  ? 13.574  1.907   -4.912  1.00 20.86 ? 90  PHE A C   1 
ATOM   339  O O   . PHE A 1 42  ? 14.763  1.662   -5.038  1.00 21.96 ? 90  PHE A O   1 
ATOM   340  C CB  . PHE A 1 42  ? 13.251  1.842   -7.366  1.00 16.29 ? 90  PHE A CB  1 
ATOM   341  C CG  . PHE A 1 42  ? 12.445  1.389   -8.532  1.00 17.97 ? 90  PHE A CG  1 
ATOM   342  C CD1 . PHE A 1 42  ? 11.445  2.201   -9.057  1.00 15.87 ? 90  PHE A CD1 1 
ATOM   343  C CD2 . PHE A 1 42  ? 12.636  0.120   -9.071  1.00 15.94 ? 90  PHE A CD2 1 
ATOM   344  C CE1 . PHE A 1 42  ? 10.642  1.754   -10.098 1.00 15.87 ? 90  PHE A CE1 1 
ATOM   345  C CE2 . PHE A 1 42  ? 11.836  -0.336  -10.111 1.00 15.62 ? 90  PHE A CE2 1 
ATOM   346  C CZ  . PHE A 1 42  ? 10.838  0.479   -10.626 1.00 14.95 ? 90  PHE A CZ  1 
ATOM   347  N N   . ASP A 1 43  ? 13.103  2.509   -3.830  1.00 25.45 ? 91  ASP A N   1 
ATOM   348  C CA  . ASP A 1 43  ? 14.046  2.859   -2.785  1.00 27.00 ? 91  ASP A CA  1 
ATOM   349  C C   . ASP A 1 43  ? 14.239  1.702   -1.808  1.00 30.20 ? 91  ASP A C   1 
ATOM   350  O O   . ASP A 1 43  ? 13.404  0.802   -1.716  1.00 30.31 ? 91  ASP A O   1 
ATOM   351  C CB  . ASP A 1 43  ? 13.618  4.142   -2.069  1.00 28.24 ? 91  ASP A CB  1 
ATOM   352  C CG  . ASP A 1 43  ? 12.548  3.921   -1.042  1.00 28.84 ? 91  ASP A CG  1 
ATOM   353  O OD1 . ASP A 1 43  ? 12.138  4.919   -0.421  1.00 32.11 ? 91  ASP A OD1 1 
ATOM   354  O OD2 . ASP A 1 43  ? 12.114  2.769   -0.845  1.00 32.46 ? 91  ASP A OD2 1 
ATOM   355  N N   . ARG A 1 44  ? 15.353  1.737   -1.086  1.00 32.19 ? 92  ARG A N   1 
ATOM   356  C CA  . ARG A 1 44  ? 15.720  0.699   -0.131  1.00 33.92 ? 92  ARG A CA  1 
ATOM   357  C C   . ARG A 1 44  ? 14.702  0.391   0.970   1.00 33.75 ? 92  ARG A C   1 
ATOM   358  O O   . ARG A 1 44  ? 14.632  -0.735  1.448   1.00 34.49 ? 92  ARG A O   1 
ATOM   359  C CB  . ARG A 1 44  ? 17.053  1.071   0.524   1.00 34.86 ? 92  ARG A CB  1 
ATOM   360  C CG  . ARG A 1 44  ? 16.995  2.410   1.231   1.00 39.36 ? 92  ARG A CG  1 
ATOM   361  C CD  . ARG A 1 44  ? 18.263  2.726   2.005   1.00 43.55 ? 92  ARG A CD  1 
ATOM   362  N NE  . ARG A 1 44  ? 18.109  3.979   2.739   1.00 48.77 ? 92  ARG A NE  1 
ATOM   363  C CZ  . ARG A 1 44  ? 18.960  4.431   3.654   1.00 51.00 ? 92  ARG A CZ  1 
ATOM   364  N NH1 . ARG A 1 44  ? 20.047  3.732   3.961   1.00 51.61 ? 92  ARG A NH1 1 
ATOM   365  N NH2 . ARG A 1 44  ? 18.715  5.584   4.266   1.00 52.29 ? 92  ARG A NH2 1 
ATOM   366  N N   . HIS A 1 45  ? 13.917  1.387   1.371   1.00 33.24 ? 93  HIS A N   1 
ATOM   367  C CA  . HIS A 1 45  ? 12.945  1.214   2.449   1.00 31.86 ? 93  HIS A CA  1 
ATOM   368  C C   . HIS A 1 45  ? 11.578  0.655   2.084   1.00 29.33 ? 93  HIS A C   1 
ATOM   369  O O   . HIS A 1 45  ? 10.920  0.048   2.922   1.00 30.75 ? 93  HIS A O   1 
ATOM   370  C CB  . HIS A 1 45  ? 12.741  2.544   3.159   1.00 34.90 ? 93  HIS A CB  1 
ATOM   371  C CG  . HIS A 1 45  ? 13.992  3.102   3.752   1.00 40.52 ? 93  HIS A CG  1 
ATOM   372  N ND1 . HIS A 1 45  ? 14.389  4.406   3.556   1.00 42.99 ? 93  HIS A ND1 1 
ATOM   373  C CD2 . HIS A 1 45  ? 14.933  2.535   4.544   1.00 41.02 ? 93  HIS A CD2 1 
ATOM   374  C CE1 . HIS A 1 45  ? 15.520  4.619   4.202   1.00 43.76 ? 93  HIS A CE1 1 
ATOM   375  N NE2 . HIS A 1 45  ? 15.872  3.500   4.810   1.00 43.48 ? 93  HIS A NE2 1 
ATOM   376  N N   . HIS A 1 46  ? 11.147  0.869   0.848   1.00 26.33 ? 94  HIS A N   1 
ATOM   377  C CA  . HIS A 1 46  ? 9.839   0.404   0.401   1.00 23.90 ? 94  HIS A CA  1 
ATOM   378  C C   . HIS A 1 46  ? 9.786   -1.026  -0.142  1.00 23.34 ? 94  HIS A C   1 
ATOM   379  O O   . HIS A 1 46  ? 10.791  -1.571  -0.599  1.00 22.44 ? 94  HIS A O   1 
ATOM   380  C CB  . HIS A 1 46  ? 9.279   1.378   -0.646  1.00 20.35 ? 94  HIS A CB  1 
ATOM   381  C CG  . HIS A 1 46  ? 8.889   2.708   -0.082  1.00 19.76 ? 94  HIS A CG  1 
ATOM   382  N ND1 . HIS A 1 46  ? 9.806   3.599   0.433   1.00 20.91 ? 94  HIS A ND1 1 
ATOM   383  C CD2 . HIS A 1 46  ? 7.673   3.283   0.089   1.00 17.78 ? 94  HIS A CD2 1 
ATOM   384  C CE1 . HIS A 1 46  ? 9.172   4.662   0.898   1.00 19.11 ? 94  HIS A CE1 1 
ATOM   385  N NE2 . HIS A 1 46  ? 7.876   4.494   0.701   1.00 16.77 ? 94  HIS A NE2 1 
ATOM   386  N N   . GLU A 1 47  ? 8.590   -1.615  -0.092  1.00 20.63 ? 95  GLU A N   1 
ATOM   387  C CA  . GLU A 1 47  ? 8.345   -2.973  -0.570  1.00 20.86 ? 95  GLU A CA  1 
ATOM   388  C C   . GLU A 1 47  ? 6.993   -3.002  -1.289  1.00 20.82 ? 95  GLU A C   1 
ATOM   389  O O   . GLU A 1 47  ? 6.101   -2.199  -0.991  1.00 20.69 ? 95  GLU A O   1 
ATOM   390  C CB  . GLU A 1 47  ? 8.298   -3.950  0.608   1.00 21.45 ? 95  GLU A CB  1 
ATOM   391  C CG  . GLU A 1 47  ? 9.476   -3.847  1.566   1.00 24.78 ? 95  GLU A CG  1 
ATOM   392  C CD  . GLU A 1 47  ? 9.154   -4.418  2.937   1.00 24.26 ? 95  GLU A CD  1 
ATOM   393  O OE1 . GLU A 1 47  ? 8.797   -5.608  3.008   1.00 21.57 ? 95  GLU A OE1 1 
ATOM   394  O OE2 . GLU A 1 47  ? 9.259   -3.677  3.938   1.00 30.23 ? 95  GLU A OE2 1 
ATOM   395  N N   . SER A 1 48  ? 6.833   -3.941  -2.212  1.00 18.99 ? 96  SER A N   1 
ATOM   396  C CA  . SER A 1 48  ? 5.587   -4.045  -2.953  1.00 19.86 ? 96  SER A CA  1 
ATOM   397  C C   . SER A 1 48  ? 5.033   -5.456  -3.009  1.00 19.59 ? 96  SER A C   1 
ATOM   398  O O   . SER A 1 48  ? 5.746   -6.400  -3.333  1.00 21.82 ? 96  SER A O   1 
ATOM   399  C CB  . SER A 1 48  ? 5.776   -3.548  -4.391  1.00 19.10 ? 96  SER A CB  1 
ATOM   400  O OG  . SER A 1 48  ? 6.145   -2.186  -4.425  1.00 21.48 ? 96  SER A OG  1 
ATOM   401  N N   . MET A 1 49  ? 3.756   -5.597  -2.689  1.00 18.18 ? 97  MET A N   1 
ATOM   402  C CA  . MET A 1 49  ? 3.102   -6.887  -2.779  1.00 15.44 ? 97  MET A CA  1 
ATOM   403  C C   . MET A 1 49  ? 2.294   -6.726  -4.059  1.00 16.06 ? 97  MET A C   1 
ATOM   404  O O   . MET A 1 49  ? 1.537   -5.759  -4.202  1.00 15.86 ? 97  MET A O   1 
ATOM   405  C CB  . MET A 1 49  ? 2.172   -7.123  -1.591  1.00 13.59 ? 97  MET A CB  1 
ATOM   406  C CG  . MET A 1 49  ? 1.366   -8.405  -1.733  1.00 16.00 ? 97  MET A CG  1 
ATOM   407  S SD  . MET A 1 49  ? 0.212   -8.711  -0.391  1.00 19.65 ? 97  MET A SD  1 
ATOM   408  C CE  . MET A 1 49  ? 1.265   -9.629  0.777   1.00 17.38 ? 97  MET A CE  1 
ATOM   409  N N   . VAL A 1 50  ? 2.460   -7.653  -4.993  1.00 14.51 ? 98  VAL A N   1 
ATOM   410  C CA  . VAL A 1 50  ? 1.765   -7.559  -6.268  1.00 14.33 ? 98  VAL A CA  1 
ATOM   411  C C   . VAL A 1 50  ? 0.759   -8.665  -6.516  1.00 16.55 ? 98  VAL A C   1 
ATOM   412  O O   . VAL A 1 50  ? 0.830   -9.740  -5.912  1.00 14.68 ? 98  VAL A O   1 
ATOM   413  C CB  . VAL A 1 50  ? 2.766   -7.570  -7.441  1.00 15.51 ? 98  VAL A CB  1 
ATOM   414  C CG1 . VAL A 1 50  ? 3.633   -6.327  -7.389  1.00 14.72 ? 98  VAL A CG1 1 
ATOM   415  C CG2 . VAL A 1 50  ? 3.638   -8.830  -7.374  1.00 12.81 ? 98  VAL A CG2 1 
ATOM   416  N N   . ILE A 1 51  ? -0.189  -8.371  -7.399  1.00 18.36 ? 99  ILE A N   1 
ATOM   417  C CA  . ILE A 1 51  ? -1.209  -9.326  -7.799  1.00 20.93 ? 99  ILE A CA  1 
ATOM   418  C C   . ILE A 1 51  ? -0.679  -9.798  -9.127  1.00 21.05 ? 99  ILE A C   1 
ATOM   419  O O   . ILE A 1 51  ? -0.613  -9.039  -10.083 1.00 21.09 ? 99  ILE A O   1 
ATOM   420  C CB  . ILE A 1 51  ? -2.578  -8.663  -8.053  1.00 22.92 ? 99  ILE A CB  1 
ATOM   421  C CG1 . ILE A 1 51  ? -3.034  -7.907  -6.808  1.00 22.63 ? 99  ILE A CG1 1 
ATOM   422  C CG2 . ILE A 1 51  ? -3.605  -9.726  -8.427  1.00 21.55 ? 99  ILE A CG2 1 
ATOM   423  C CD1 . ILE A 1 51  ? -4.198  -6.977  -7.057  1.00 26.19 ? 99  ILE A CD1 1 
ATOM   424  N N   . LEU A 1 52  ? -0.289  -11.055 -9.191  1.00 24.01 ? 100 LEU A N   1 
ATOM   425  C CA  . LEU A 1 52  ? 0.284   -11.589 -10.421 1.00 26.81 ? 100 LEU A CA  1 
ATOM   426  C C   . LEU A 1 52  ? -0.640  -12.602 -11.076 1.00 28.56 ? 100 LEU A C   1 
ATOM   427  O O   . LEU A 1 52  ? -1.108  -13.518 -10.405 1.00 27.53 ? 100 LEU A O   1 
ATOM   428  C CB  . LEU A 1 52  ? 1.602   -12.251 -10.061 1.00 26.21 ? 100 LEU A CB  1 
ATOM   429  C CG  . LEU A 1 52  ? 2.868   -12.033 -10.880 1.00 27.53 ? 100 LEU A CG  1 
ATOM   430  C CD1 . LEU A 1 52  ? 3.071   -10.559 -11.179 1.00 29.58 ? 100 LEU A CD1 1 
ATOM   431  C CD2 . LEU A 1 52  ? 4.050   -12.584 -10.092 1.00 28.74 ? 100 LEU A CD2 1 
ATOM   432  N N   . LYS A 1 53  ? -0.938  -12.445 -12.368 1.00 32.27 ? 101 LYS A N   1 
ATOM   433  C CA  . LYS A 1 53  ? -1.762  -13.491 -13.010 1.00 37.45 ? 101 LYS A CA  1 
ATOM   434  C C   . LYS A 1 53  ? -0.755  -14.493 -13.529 1.00 40.59 ? 101 LYS A C   1 
ATOM   435  O O   . LYS A 1 53  ? 0.430   -14.159 -13.640 1.00 40.23 ? 101 LYS A O   1 
ATOM   436  C CB  . LYS A 1 53  ? -2.638  -12.956 -14.118 1.00 38.04 ? 101 LYS A CB  1 
ATOM   437  C CG  . LYS A 1 53  ? -3.809  -12.171 -13.565 1.00 40.58 ? 101 LYS A CG  1 
ATOM   438  C CD  . LYS A 1 53  ? -5.105  -12.261 -14.430 1.00 42.50 ? 101 LYS A CD  1 
ATOM   439  C CE  . LYS A 1 53  ? -6.354  -11.864 -13.592 1.00 44.26 ? 101 LYS A CE  1 
ATOM   440  N NZ  . LYS A 1 53  ? -7.649  -11.864 -14.351 1.00 42.01 ? 101 LYS A NZ  1 
ATOM   441  N N   . ASN A 1 54  ? -1.173  -15.712 -13.854 1.00 44.60 ? 102 ASN A N   1 
ATOM   442  C CA  . ASN A 1 54  ? -0.250  -16.783 -14.308 1.00 49.23 ? 102 ASN A CA  1 
ATOM   443  C C   . ASN A 1 54  ? 1.279   -16.517 -14.526 1.00 51.31 ? 102 ASN A C   1 
ATOM   444  O O   . ASN A 1 54  ? 1.789   -16.486 -15.673 1.00 53.38 ? 102 ASN A O   1 
ATOM   445  C CB  . ASN A 1 54  ? -0.797  -17.543 -15.547 1.00 50.86 ? 102 ASN A CB  1 
ATOM   446  C CG  . ASN A 1 54  ? -2.278  -17.223 -15.906 1.00 52.59 ? 102 ASN A CG  1 
ATOM   447  O OD1 . ASN A 1 54  ? -3.109  -16.926 -15.046 1.00 53.77 ? 102 ASN A OD1 1 
ATOM   448  N ND2 . ASN A 1 54  ? -2.604  -17.337 -17.204 1.00 53.80 ? 102 ASN A ND2 1 
ATOM   449  N N   . LYS A 1 55  ? 1.963   -16.305 -13.390 1.00 53.16 ? 103 LYS A N   1 
ATOM   450  C CA  . LYS A 1 55  ? 3.410   -16.068 -13.298 1.00 54.33 ? 103 LYS A CA  1 
ATOM   451  C C   . LYS A 1 55  ? 4.131   -14.919 -14.028 1.00 53.52 ? 103 LYS A C   1 
ATOM   452  O O   . LYS A 1 55  ? 5.331   -14.717 -13.820 1.00 53.95 ? 103 LYS A O   1 
ATOM   453  C CB  . LYS A 1 55  ? 4.159   -17.410 -13.588 1.00 57.03 ? 103 LYS A CB  1 
ATOM   454  C CG  . LYS A 1 55  ? 3.260   -18.667 -13.806 1.00 59.00 ? 103 LYS A CG  1 
ATOM   455  C CD  . LYS A 1 55  ? 2.447   -19.045 -12.560 1.00 61.52 ? 103 LYS A CD  1 
ATOM   456  C CE  . LYS A 1 55  ? 3.344   -19.624 -11.485 1.00 62.81 ? 103 LYS A CE  1 
ATOM   457  N NZ  . LYS A 1 55  ? 3.930   -20.921 -11.906 1.00 64.09 ? 103 LYS A NZ  1 
ATOM   458  N N   . GLN A 1 56  ? 3.496   -14.143 -14.879 1.00 51.41 ? 104 GLN A N   1 
ATOM   459  C CA  . GLN A 1 56  ? 4.264   -13.092 -15.514 1.00 49.30 ? 104 GLN A CA  1 
ATOM   460  C C   . GLN A 1 56  ? 3.468   -11.855 -15.874 1.00 46.35 ? 104 GLN A C   1 
ATOM   461  O O   . GLN A 1 56  ? 3.677   -11.246 -16.919 1.00 48.66 ? 104 GLN A O   1 
ATOM   462  C CB  . GLN A 1 56  ? 5.032   -13.613 -16.750 1.00 51.07 ? 104 GLN A CB  1 
ATOM   463  C CG  . GLN A 1 56  ? 4.165   -13.933 -17.939 1.00 54.09 ? 104 GLN A CG  1 
ATOM   464  C CD  . GLN A 1 56  ? 4.963   -14.447 -19.159 1.00 55.41 ? 104 GLN A CD  1 
ATOM   465  O OE1 . GLN A 1 56  ? 5.958   -13.847 -19.558 1.00 56.28 ? 104 GLN A OE1 1 
ATOM   466  N NE2 . GLN A 1 56  ? 4.512   -15.542 -19.752 1.00 54.80 ? 104 GLN A NE2 1 
ATOM   467  N N   . LYS A 1 57  ? 2.563   -11.457 -14.995 1.00 41.29 ? 105 LYS A N   1 
ATOM   468  C CA  . LYS A 1 57  ? 1.772   -10.282 -15.287 1.00 35.63 ? 105 LYS A CA  1 
ATOM   469  C C   . LYS A 1 57  ? 1.189   -9.562  -14.086 1.00 32.32 ? 105 LYS A C   1 
ATOM   470  O O   . LYS A 1 57  ? 0.352   -10.107 -13.363 1.00 30.50 ? 105 LYS A O   1 
ATOM   471  C CB  . LYS A 1 57  ? 0.651   -10.629 -16.251 1.00 36.22 ? 105 LYS A CB  1 
ATOM   472  C CG  . LYS A 1 57  ? -0.173  -9.419  -16.595 1.00 38.55 ? 105 LYS A CG  1 
ATOM   473  C CD  . LYS A 1 57  ? -0.666  -9.449  -18.023 1.00 42.11 ? 105 LYS A CD  1 
ATOM   474  C CE  . LYS A 1 57  ? -1.088  -8.052  -18.474 1.00 43.62 ? 105 LYS A CE  1 
ATOM   475  N NZ  . LYS A 1 57  ? -1.660  -8.048  -19.855 1.00 45.50 ? 105 LYS A NZ  1 
ATOM   476  N N   . VAL A 1 58  ? 1.646   -8.330  -13.883 1.00 27.93 ? 106 VAL A N   1 
ATOM   477  C CA  . VAL A 1 58  ? 1.170   -7.504  -12.781 1.00 26.22 ? 106 VAL A CA  1 
ATOM   478  C C   . VAL A 1 58  ? -0.160  -6.841  -13.135 1.00 24.42 ? 106 VAL A C   1 
ATOM   479  O O   . VAL A 1 58  ? -0.264  -6.157  -14.151 1.00 25.58 ? 106 VAL A O   1 
ATOM   480  C CB  . VAL A 1 58  ? 2.188   -6.387  -12.438 1.00 25.80 ? 106 VAL A CB  1 
ATOM   481  C CG1 . VAL A 1 58  ? 1.612   -5.472  -11.363 1.00 23.47 ? 106 VAL A CG1 1 
ATOM   482  C CG2 . VAL A 1 58  ? 3.491   -7.000  -11.959 1.00 24.51 ? 106 VAL A CG2 1 
ATOM   483  N N   . ILE A 1 59  ? -1.176  -7.039  -12.301 1.00 22.41 ? 107 ILE A N   1 
ATOM   484  C CA  . ILE A 1 59  ? -2.475  -6.416  -12.551 1.00 21.50 ? 107 ILE A CA  1 
ATOM   485  C C   . ILE A 1 59  ? -2.858  -5.500  -11.392 1.00 19.55 ? 107 ILE A C   1 
ATOM   486  O O   . ILE A 1 59  ? -3.899  -4.850  -11.411 1.00 20.21 ? 107 ILE A O   1 
ATOM   487  C CB  . ILE A 1 59  ? -3.589  -7.460  -12.738 1.00 22.15 ? 107 ILE A CB  1 
ATOM   488  C CG1 . ILE A 1 59  ? -3.805  -8.235  -11.440 1.00 23.02 ? 107 ILE A CG1 1 
ATOM   489  C CG2 . ILE A 1 59  ? -3.231  -8.401  -13.869 1.00 21.37 ? 107 ILE A CG2 1 
ATOM   490  C CD1 . ILE A 1 59  ? -5.082  -9.062  -11.427 1.00 24.09 ? 107 ILE A CD1 1 
ATOM   491  N N   . GLY A 1 60  ? -2.001  -5.445  -10.383 1.00 17.30 ? 108 GLY A N   1 
ATOM   492  C CA  . GLY A 1 60  ? -2.281  -4.595  -9.249  1.00 15.49 ? 108 GLY A CA  1 
ATOM   493  C C   . GLY A 1 60  ? -1.239  -4.751  -8.177  1.00 14.86 ? 108 GLY A C   1 
ATOM   494  O O   . GLY A 1 60  ? -0.373  -5.619  -8.265  1.00 15.89 ? 108 GLY A O   1 
ATOM   495  N N   . GLY A 1 61  ? -1.319  -3.912  -7.155  1.00 14.92 ? 109 GLY A N   1 
ATOM   496  C CA  . GLY A 1 61  ? -0.353  -4.006  -6.081  1.00 14.52 ? 109 GLY A CA  1 
ATOM   497  C C   . GLY A 1 61  ? -0.424  -2.901  -5.051  1.00 14.31 ? 109 GLY A C   1 
ATOM   498  O O   . GLY A 1 61  ? -1.152  -1.915  -5.195  1.00 14.10 ? 109 GLY A O   1 
ATOM   499  N N   . ILE A 1 62  ? 0.344   -3.082  -3.989  1.00 14.90 ? 110 ILE A N   1 
ATOM   500  C CA  . ILE A 1 62  ? 0.399   -2.106  -2.930  1.00 14.90 ? 110 ILE A CA  1 
ATOM   501  C C   . ILE A 1 62  ? 1.852   -1.913  -2.507  1.00 14.06 ? 110 ILE A C   1 
ATOM   502  O O   . ILE A 1 62  ? 2.557   -2.871  -2.166  1.00 14.38 ? 110 ILE A O   1 
ATOM   503  C CB  . ILE A 1 62  ? -0.479  -2.550  -1.730  1.00 15.42 ? 110 ILE A CB  1 
ATOM   504  C CG1 . ILE A 1 62  ? -0.403  -1.502  -0.621  1.00 15.69 ? 110 ILE A CG1 1 
ATOM   505  C CG2 . ILE A 1 62  ? -0.048  -3.928  -1.241  1.00 13.93 ? 110 ILE A CG2 1 
ATOM   506  C CD1 . ILE A 1 62  ? -1.450  -1.679  0.445   1.00 18.88 ? 110 ILE A CD1 1 
ATOM   507  N N   . CYS A 1 63  ? 2.306   -0.668  -2.563  1.00 12.32 ? 111 CYS A N   1 
ATOM   508  C CA  . CYS A 1 63  ? 3.672   -0.345  -2.184  1.00 13.91 ? 111 CYS A CA  1 
ATOM   509  C C   . CYS A 1 63  ? 3.604   0.221   -0.788  1.00 12.96 ? 111 CYS A C   1 
ATOM   510  O O   . CYS A 1 63  ? 2.848   1.153   -0.528  1.00 15.77 ? 111 CYS A O   1 
ATOM   511  C CB  . CYS A 1 63  ? 4.275   0.682   -3.148  1.00 13.47 ? 111 CYS A CB  1 
ATOM   512  S SG  . CYS A 1 63  ? 5.975   1.177   -2.735  1.00 18.52 ? 111 CYS A SG  1 
ATOM   513  N N   . PHE A 1 64  ? 4.399   -0.341  0.114   1.00 13.80 ? 112 PHE A N   1 
ATOM   514  C CA  . PHE A 1 64  ? 4.385   0.085   1.510   1.00 12.61 ? 112 PHE A CA  1 
ATOM   515  C C   . PHE A 1 64  ? 5.776   0.186   2.130   1.00 12.84 ? 112 PHE A C   1 
ATOM   516  O O   . PHE A 1 64  ? 6.767   -0.242  1.543   1.00 13.05 ? 112 PHE A O   1 
ATOM   517  C CB  . PHE A 1 64  ? 3.536   -0.901  2.317   1.00 11.94 ? 112 PHE A CB  1 
ATOM   518  C CG  . PHE A 1 64  ? 4.061   -2.309  2.296   1.00 10.99 ? 112 PHE A CG  1 
ATOM   519  C CD1 . PHE A 1 64  ? 4.884   -2.774  3.315   1.00 10.61 ? 112 PHE A CD1 1 
ATOM   520  C CD2 . PHE A 1 64  ? 3.765   -3.161  1.234   1.00 12.21 ? 112 PHE A CD2 1 
ATOM   521  C CE1 . PHE A 1 64  ? 5.413   -4.070  3.279   1.00 12.27 ? 112 PHE A CE1 1 
ATOM   522  C CE2 . PHE A 1 64  ? 4.288   -4.462  1.183   1.00 12.74 ? 112 PHE A CE2 1 
ATOM   523  C CZ  . PHE A 1 64  ? 5.115   -4.916  2.211   1.00 11.39 ? 112 PHE A CZ  1 
ATOM   524  N N   . ARG A 1 65  ? 5.840   0.776   3.318   1.00 14.30 ? 113 ARG A N   1 
ATOM   525  C CA  . ARG A 1 65  ? 7.099   0.901   4.029   1.00 14.88 ? 113 ARG A CA  1 
ATOM   526  C C   . ARG A 1 65  ? 6.893   0.599   5.495   1.00 14.01 ? 113 ARG A C   1 
ATOM   527  O O   . ARG A 1 65  ? 6.068   1.223   6.165   1.00 13.24 ? 113 ARG A O   1 
ATOM   528  C CB  . ARG A 1 65  ? 7.695   2.303   3.894   1.00 18.98 ? 113 ARG A CB  1 
ATOM   529  C CG  . ARG A 1 65  ? 9.014   2.459   4.669   1.00 19.88 ? 113 ARG A CG  1 
ATOM   530  C CD  . ARG A 1 65  ? 9.535   3.883   4.609   1.00 23.65 ? 113 ARG A CD  1 
ATOM   531  N NE  . ARG A 1 65  ? 10.727  4.075   5.430   1.00 24.65 ? 113 ARG A NE  1 
ATOM   532  C CZ  . ARG A 1 65  ? 11.390  5.226   5.528   1.00 27.68 ? 113 ARG A CZ  1 
ATOM   533  N NH1 . ARG A 1 65  ? 10.980  6.296   4.856   1.00 26.01 ? 113 ARG A NH1 1 
ATOM   534  N NH2 . ARG A 1 65  ? 12.460  5.312   6.308   1.00 28.17 ? 113 ARG A NH2 1 
ATOM   535  N N   . GLN A 1 66  ? 7.655   -0.364  5.986   1.00 14.13 ? 114 GLN A N   1 
ATOM   536  C CA  . GLN A 1 66  ? 7.584   -0.771  7.381   1.00 17.08 ? 114 GLN A CA  1 
ATOM   537  C C   . GLN A 1 66  ? 8.574   -0.003  8.243   1.00 16.91 ? 114 GLN A C   1 
ATOM   538  O O   . GLN A 1 66  ? 9.672   0.325   7.809   1.00 18.37 ? 114 GLN A O   1 
ATOM   539  C CB  . GLN A 1 66  ? 7.930   -2.255  7.530   1.00 15.48 ? 114 GLN A CB  1 
ATOM   540  C CG  . GLN A 1 66  ? 7.047   -3.224  6.795   1.00 18.44 ? 114 GLN A CG  1 
ATOM   541  C CD  . GLN A 1 66  ? 7.458   -4.653  7.073   1.00 19.59 ? 114 GLN A CD  1 
ATOM   542  O OE1 . GLN A 1 66  ? 7.599   -5.045  8.230   1.00 17.53 ? 114 GLN A OE1 1 
ATOM   543  N NE2 . GLN A 1 66  ? 7.658   -5.439  6.017   1.00 20.54 ? 114 GLN A NE2 1 
ATOM   544  N N   . TYR A 1 67  ? 8.165   0.281   9.467   1.00 19.74 ? 115 TYR A N   1 
ATOM   545  C CA  . TYR A 1 67  ? 9.023   0.932   10.442  1.00 21.56 ? 115 TYR A CA  1 
ATOM   546  C C   . TYR A 1 67  ? 9.049   -0.126  11.540  1.00 23.18 ? 115 TYR A C   1 
ATOM   547  O O   . TYR A 1 67  ? 8.371   -0.010  12.560  1.00 24.34 ? 115 TYR A O   1 
ATOM   548  C CB  . TYR A 1 67  ? 8.405   2.241   10.932  1.00 19.36 ? 115 TYR A CB  1 
ATOM   549  C CG  . TYR A 1 67  ? 8.395   3.317   9.870   1.00 21.15 ? 115 TYR A CG  1 
ATOM   550  C CD1 . TYR A 1 67  ? 7.393   3.354   8.893   1.00 19.77 ? 115 TYR A CD1 1 
ATOM   551  C CD2 . TYR A 1 67  ? 9.410   4.279   9.811   1.00 20.50 ? 115 TYR A CD2 1 
ATOM   552  C CE1 . TYR A 1 67  ? 7.395   4.313   7.891   1.00 19.97 ? 115 TYR A CE1 1 
ATOM   553  C CE2 . TYR A 1 67  ? 9.427   5.246   8.806   1.00 22.02 ? 115 TYR A CE2 1 
ATOM   554  C CZ  . TYR A 1 67  ? 8.411   5.254   7.849   1.00 21.73 ? 115 TYR A CZ  1 
ATOM   555  O OH  . TYR A 1 67  ? 8.404   6.193   6.848   1.00 23.23 ? 115 TYR A OH  1 
ATOM   556  N N   . LYS A 1 68  ? 9.821   -1.178  11.284  1.00 24.20 ? 116 LYS A N   1 
ATOM   557  C CA  . LYS A 1 68  ? 9.936   -2.325  12.176  1.00 27.22 ? 116 LYS A CA  1 
ATOM   558  C C   . LYS A 1 68  ? 10.002  -2.069  13.671  1.00 27.40 ? 116 LYS A C   1 
ATOM   559  O O   . LYS A 1 68  ? 9.163   -2.573  14.421  1.00 29.14 ? 116 LYS A O   1 
ATOM   560  C CB  . LYS A 1 68  ? 11.123  -3.195  11.760  1.00 28.38 ? 116 LYS A CB  1 
ATOM   561  C CG  . LYS A 1 68  ? 10.802  -4.165  10.644  1.00 31.15 ? 116 LYS A CG  1 
ATOM   562  C CD  . LYS A 1 68  ? 9.682   -5.091  11.080  1.00 33.37 ? 116 LYS A CD  1 
ATOM   563  C CE  . LYS A 1 68  ? 9.415   -6.163  10.056  1.00 34.51 ? 116 LYS A CE  1 
ATOM   564  N NZ  . LYS A 1 68  ? 8.161   -6.877  10.376  1.00 34.43 ? 116 LYS A NZ  1 
ATOM   565  N N   . PRO A 1 69  ? 11.008  -1.310  14.135  1.00 27.15 ? 117 PRO A N   1 
ATOM   566  C CA  . PRO A 1 69  ? 11.087  -1.055  15.577  1.00 25.62 ? 117 PRO A CA  1 
ATOM   567  C C   . PRO A 1 69  ? 9.753   -0.556  16.131  1.00 25.08 ? 117 PRO A C   1 
ATOM   568  O O   . PRO A 1 69  ? 9.267   -1.050  17.156  1.00 23.62 ? 117 PRO A O   1 
ATOM   569  C CB  . PRO A 1 69  ? 12.186  0.002   15.680  1.00 26.27 ? 117 PRO A CB  1 
ATOM   570  C CG  . PRO A 1 69  ? 13.087  -0.338  14.532  1.00 26.12 ? 117 PRO A CG  1 
ATOM   571  C CD  . PRO A 1 69  ? 12.112  -0.643  13.416  1.00 25.69 ? 117 PRO A CD  1 
ATOM   572  N N   . GLN A 1 70  ? 9.162   0.411   15.425  1.00 24.28 ? 118 GLN A N   1 
ATOM   573  C CA  . GLN A 1 70  ? 7.891   1.027   15.819  1.00 24.84 ? 118 GLN A CA  1 
ATOM   574  C C   . GLN A 1 70  ? 6.685   0.109   15.632  1.00 22.66 ? 118 GLN A C   1 
ATOM   575  O O   . GLN A 1 70  ? 5.629   0.327   16.222  1.00 21.71 ? 118 GLN A O   1 
ATOM   576  C CB  . GLN A 1 70  ? 7.641   2.298   15.012  1.00 26.84 ? 118 GLN A CB  1 
ATOM   577  C CG  . GLN A 1 70  ? 8.878   3.036   14.544  1.00 32.83 ? 118 GLN A CG  1 
ATOM   578  C CD  . GLN A 1 70  ? 9.822   3.359   15.668  1.00 34.75 ? 118 GLN A CD  1 
ATOM   579  O OE1 . GLN A 1 70  ? 9.395   3.756   16.753  1.00 38.65 ? 118 GLN A OE1 1 
ATOM   580  N NE2 . GLN A 1 70  ? 11.117  3.205   15.417  1.00 34.63 ? 118 GLN A NE2 1 
ATOM   581  N N   . ARG A 1 71  ? 6.843   -0.901  14.789  1.00 20.99 ? 119 ARG A N   1 
ATOM   582  C CA  . ARG A 1 71  ? 5.771   -1.848  14.519  1.00 20.76 ? 119 ARG A CA  1 
ATOM   583  C C   . ARG A 1 71  ? 4.551   -1.248  13.810  1.00 18.78 ? 119 ARG A C   1 
ATOM   584  O O   . ARG A 1 71  ? 3.409   -1.517  14.173  1.00 15.66 ? 119 ARG A O   1 
ATOM   585  C CB  . ARG A 1 71  ? 5.343   -2.550  15.816  1.00 22.43 ? 119 ARG A CB  1 
ATOM   586  C CG  . ARG A 1 71  ? 6.432   -3.445  16.408  1.00 26.00 ? 119 ARG A CG  1 
ATOM   587  C CD  . ARG A 1 71  ? 5.840   -4.715  17.007  1.00 25.81 ? 119 ARG A CD  1 
ATOM   588  N NE  . ARG A 1 71  ? 4.966   -4.429  18.137  1.00 26.39 ? 119 ARG A NE  1 
ATOM   589  C CZ  . ARG A 1 71  ? 3.807   -5.041  18.349  1.00 27.31 ? 119 ARG A CZ  1 
ATOM   590  N NH1 . ARG A 1 71  ? 3.377   -5.972  17.505  1.00 26.99 ? 119 ARG A NH1 1 
ATOM   591  N NH2 . ARG A 1 71  ? 3.078   -4.724  19.407  1.00 27.60 ? 119 ARG A NH2 1 
ATOM   592  N N   . PHE A 1 72  ? 4.808   -0.418  12.804  1.00 18.84 ? 120 PHE A N   1 
ATOM   593  C CA  . PHE A 1 72  ? 3.740   0.158   11.996  1.00 18.03 ? 120 PHE A CA  1 
ATOM   594  C C   . PHE A 1 72  ? 4.271   0.318   10.581  1.00 15.93 ? 120 PHE A C   1 
ATOM   595  O O   . PHE A 1 72  ? 5.480   0.389   10.363  1.00 16.15 ? 120 PHE A O   1 
ATOM   596  C CB  . PHE A 1 72  ? 3.243   1.502   12.572  1.00 19.60 ? 120 PHE A CB  1 
ATOM   597  C CG  . PHE A 1 72  ? 4.213   2.648   12.433  1.00 22.91 ? 120 PHE A CG  1 
ATOM   598  C CD1 . PHE A 1 72  ? 4.467   3.225   11.196  1.00 23.25 ? 120 PHE A CD1 1 
ATOM   599  C CD2 . PHE A 1 72  ? 4.843   3.173   13.552  1.00 24.14 ? 120 PHE A CD2 1 
ATOM   600  C CE1 . PHE A 1 72  ? 5.333   4.304   11.077  1.00 23.13 ? 120 PHE A CE1 1 
ATOM   601  C CE2 . PHE A 1 72  ? 5.712   4.254   13.439  1.00 25.54 ? 120 PHE A CE2 1 
ATOM   602  C CZ  . PHE A 1 72  ? 5.955   4.818   12.195  1.00 24.36 ? 120 PHE A CZ  1 
ATOM   603  N N   . ALA A 1 73  ? 3.371   0.355   9.616   1.00 13.45 ? 121 ALA A N   1 
ATOM   604  C CA  . ALA A 1 73  ? 3.778   0.500   8.236   1.00 14.80 ? 121 ALA A CA  1 
ATOM   605  C C   . ALA A 1 73  ? 2.878   1.502   7.539   1.00 14.91 ? 121 ALA A C   1 
ATOM   606  O O   . ALA A 1 73  ? 1.691   1.602   7.838   1.00 15.80 ? 121 ALA A O   1 
ATOM   607  C CB  . ALA A 1 73  ? 3.715   -0.850  7.520   1.00 10.61 ? 121 ALA A CB  1 
ATOM   608  N N   . GLU A 1 74  ? 3.462   2.251   6.618   1.00 14.55 ? 122 GLU A N   1 
ATOM   609  C CA  . GLU A 1 74  ? 2.717   3.232   5.860   1.00 14.23 ? 122 GLU A CA  1 
ATOM   610  C C   . GLU A 1 74  ? 2.456   2.726   4.460   1.00 14.53 ? 122 GLU A C   1 
ATOM   611  O O   . GLU A 1 74  ? 3.356   2.170   3.808   1.00 13.07 ? 122 GLU A O   1 
ATOM   612  C CB  . GLU A 1 74  ? 3.485   4.547   5.766   1.00 14.48 ? 122 GLU A CB  1 
ATOM   613  C CG  . GLU A 1 74  ? 2.791   5.553   4.873   1.00 15.38 ? 122 GLU A CG  1 
ATOM   614  C CD  . GLU A 1 74  ? 3.484   6.904   4.830   1.00 18.29 ? 122 GLU A CD  1 
ATOM   615  O OE1 . GLU A 1 74  ? 2.839   7.872   4.372   1.00 19.71 ? 122 GLU A OE1 1 
ATOM   616  O OE2 . GLU A 1 74  ? 4.659   7.003   5.241   1.00 15.89 ? 122 GLU A OE2 1 
ATOM   617  N N   . VAL A 1 75  ? 1.218   2.902   4.007   1.00 12.06 ? 123 VAL A N   1 
ATOM   618  C CA  . VAL A 1 75  ? 0.845   2.506   2.658   1.00 10.36 ? 123 VAL A CA  1 
ATOM   619  C C   . VAL A 1 75  ? 1.202   3.688   1.770   1.00 11.19 ? 123 VAL A C   1 
ATOM   620  O O   . VAL A 1 75  ? 0.683   4.798   1.953   1.00 13.49 ? 123 VAL A O   1 
ATOM   621  C CB  . VAL A 1 75  ? -0.684  2.241   2.518   1.00 11.96 ? 123 VAL A CB  1 
ATOM   622  C CG1 . VAL A 1 75  ? -1.016  1.902   1.062   1.00 9.69  ? 123 VAL A CG1 1 
ATOM   623  C CG2 . VAL A 1 75  ? -1.124  1.107   3.455   1.00 9.72  ? 123 VAL A CG2 1 
ATOM   624  N N   . ALA A 1 76  ? 2.090   3.464   0.811   1.00 11.44 ? 124 ALA A N   1 
ATOM   625  C CA  . ALA A 1 76  ? 2.493   4.530   -0.096  1.00 12.62 ? 124 ALA A CA  1 
ATOM   626  C C   . ALA A 1 76  ? 1.538   4.599   -1.292  1.00 15.23 ? 124 ALA A C   1 
ATOM   627  O O   . ALA A 1 76  ? 0.954   5.649   -1.569  1.00 16.41 ? 124 ALA A O   1 
ATOM   628  C CB  . ALA A 1 76  ? 3.923   4.294   -0.573  1.00 11.08 ? 124 ALA A CB  1 
ATOM   629  N N   . PHE A 1 77  ? 1.388   3.479   -2.001  1.00 14.62 ? 125 PHE A N   1 
ATOM   630  C CA  . PHE A 1 77  ? 0.507   3.426   -3.166  1.00 13.07 ? 125 PHE A CA  1 
ATOM   631  C C   . PHE A 1 77  ? -0.251  2.116   -3.255  1.00 11.46 ? 125 PHE A C   1 
ATOM   632  O O   . PHE A 1 77  ? 0.258   1.062   -2.882  1.00 11.12 ? 125 PHE A O   1 
ATOM   633  C CB  . PHE A 1 77  ? 1.289   3.585   -4.474  1.00 13.75 ? 125 PHE A CB  1 
ATOM   634  C CG  . PHE A 1 77  ? 2.231   4.749   -4.489  1.00 15.84 ? 125 PHE A CG  1 
ATOM   635  C CD1 . PHE A 1 77  ? 3.608   4.542   -4.406  1.00 14.48 ? 125 PHE A CD1 1 
ATOM   636  C CD2 . PHE A 1 77  ? 1.752   6.050   -4.612  1.00 16.53 ? 125 PHE A CD2 1 
ATOM   637  C CE1 . PHE A 1 77  ? 4.486   5.615   -4.445  1.00 16.07 ? 125 PHE A CE1 1 
ATOM   638  C CE2 . PHE A 1 77  ? 2.628   7.133   -4.652  1.00 15.84 ? 125 PHE A CE2 1 
ATOM   639  C CZ  . PHE A 1 77  ? 3.994   6.915   -4.571  1.00 14.48 ? 125 PHE A CZ  1 
ATOM   640  N N   . LEU A 1 78  ? -1.463  2.195   -3.780  1.00 9.43  ? 126 LEU A N   1 
ATOM   641  C CA  . LEU A 1 78  ? -2.304  1.026   -3.969  1.00 10.75 ? 126 LEU A CA  1 
ATOM   642  C C   . LEU A 1 78  ? -3.038  1.180   -5.301  1.00 11.28 ? 126 LEU A C   1 
ATOM   643  O O   . LEU A 1 78  ? -3.535  2.260   -5.618  1.00 11.53 ? 126 LEU A O   1 
ATOM   644  C CB  . LEU A 1 78  ? -3.321  0.912   -2.825  1.00 10.09 ? 126 LEU A CB  1 
ATOM   645  C CG  . LEU A 1 78  ? -4.564  0.057   -3.095  1.00 11.93 ? 126 LEU A CG  1 
ATOM   646  C CD1 . LEU A 1 78  ? -4.170  -1.407  -3.231  1.00 14.45 ? 126 LEU A CD1 1 
ATOM   647  C CD2 . LEU A 1 78  ? -5.553  0.227   -1.960  1.00 12.54 ? 126 LEU A CD2 1 
ATOM   648  N N   . ALA A 1 79  ? -3.109  0.109   -6.082  1.00 12.70 ? 127 ALA A N   1 
ATOM   649  C CA  . ALA A 1 79  ? -3.821  0.179   -7.351  1.00 13.81 ? 127 ALA A CA  1 
ATOM   650  C C   . ALA A 1 79  ? -4.027  -1.151  -8.041  1.00 14.12 ? 127 ALA A C   1 
ATOM   651  O O   . ALA A 1 79  ? -3.314  -2.118  -7.798  1.00 12.96 ? 127 ALA A O   1 
ATOM   652  C CB  . ALA A 1 79  ? -3.109  1.125   -8.300  1.00 16.10 ? 127 ALA A CB  1 
ATOM   653  N N   . VAL A 1 80  ? -5.035  -1.166  -8.905  1.00 16.14 ? 128 VAL A N   1 
ATOM   654  C CA  . VAL A 1 80  ? -5.390  -2.315  -9.727  1.00 15.51 ? 128 VAL A CA  1 
ATOM   655  C C   . VAL A 1 80  ? -5.515  -1.731  -11.129 1.00 15.14 ? 128 VAL A C   1 
ATOM   656  O O   . VAL A 1 80  ? -6.121  -0.682  -11.305 1.00 16.41 ? 128 VAL A O   1 
ATOM   657  C CB  . VAL A 1 80  ? -6.740  -2.904  -9.308  1.00 16.29 ? 128 VAL A CB  1 
ATOM   658  C CG1 . VAL A 1 80  ? -7.150  -4.001  -10.276 1.00 13.87 ? 128 VAL A CG1 1 
ATOM   659  C CG2 . VAL A 1 80  ? -6.646  -3.434  -7.888  1.00 16.89 ? 128 VAL A CG2 1 
ATOM   660  N N   . THR A 1 81  ? -4.945  -2.393  -12.128 1.00 17.26 ? 129 THR A N   1 
ATOM   661  C CA  . THR A 1 81  ? -5.011  -1.862  -13.482 1.00 18.70 ? 129 THR A CA  1 
ATOM   662  C C   . THR A 1 81  ? -6.475  -1.709  -13.931 1.00 19.39 ? 129 THR A C   1 
ATOM   663  O O   . THR A 1 81  ? -7.352  -2.465  -13.504 1.00 17.74 ? 129 THR A O   1 
ATOM   664  C CB  . THR A 1 81  ? -4.215  -2.758  -14.463 1.00 20.61 ? 129 THR A CB  1 
ATOM   665  O OG1 . THR A 1 81  ? -3.981  -2.040  -15.684 1.00 22.48 ? 129 THR A OG1 1 
ATOM   666  C CG2 . THR A 1 81  ? -4.973  -4.048  -14.757 1.00 19.66 ? 129 THR A CG2 1 
ATOM   667  N N   . ALA A 1 82  ? -6.725  -0.713  -14.777 1.00 19.38 ? 130 ALA A N   1 
ATOM   668  C CA  . ALA A 1 82  ? -8.068  -0.405  -15.265 1.00 19.76 ? 130 ALA A CA  1 
ATOM   669  C C   . ALA A 1 82  ? -8.913  -1.598  -15.700 1.00 20.56 ? 130 ALA A C   1 
ATOM   670  O O   . ALA A 1 82  ? -10.011 -1.802  -15.191 1.00 18.82 ? 130 ALA A O   1 
ATOM   671  C CB  . ALA A 1 82  ? -7.977  0.603   -16.411 1.00 19.61 ? 130 ALA A CB  1 
ATOM   672  N N   . ASN A 1 83  ? -8.400  -2.383  -16.641 1.00 23.67 ? 131 ASN A N   1 
ATOM   673  C CA  . ASN A 1 83  ? -9.128  -3.537  -17.162 1.00 25.28 ? 131 ASN A CA  1 
ATOM   674  C C   . ASN A 1 83  ? -9.298  -4.717  -16.202 1.00 24.74 ? 131 ASN A C   1 
ATOM   675  O O   . ASN A 1 83  ? -9.797  -5.770  -16.597 1.00 24.12 ? 131 ASN A O   1 
ATOM   676  C CB  . ASN A 1 83  ? -8.472  -4.011  -18.467 1.00 29.30 ? 131 ASN A CB  1 
ATOM   677  C CG  . ASN A 1 83  ? -6.968  -4.210  -18.328 1.00 34.56 ? 131 ASN A CG  1 
ATOM   678  O OD1 . ASN A 1 83  ? -6.230  -3.284  -17.958 1.00 36.92 ? 131 ASN A OD1 1 
ATOM   679  N ND2 . ASN A 1 83  ? -6.504  -5.418  -18.634 1.00 34.25 ? 131 ASN A ND2 1 
ATOM   680  N N   . GLU A 1 84  ? -8.901  -4.543  -14.943 1.00 23.72 ? 132 GLU A N   1 
ATOM   681  C CA  . GLU A 1 84  ? -9.032  -5.614  -13.955 1.00 21.07 ? 132 GLU A CA  1 
ATOM   682  C C   . GLU A 1 84  ? -9.783  -5.148  -12.709 1.00 19.15 ? 132 GLU A C   1 
ATOM   683  O O   . GLU A 1 84  ? -9.976  -5.913  -11.769 1.00 17.76 ? 132 GLU A O   1 
ATOM   684  C CB  . GLU A 1 84  ? -7.650  -6.138  -13.553 1.00 24.24 ? 132 GLU A CB  1 
ATOM   685  C CG  . GLU A 1 84  ? -6.888  -6.820  -14.681 1.00 27.98 ? 132 GLU A CG  1 
ATOM   686  C CD  . GLU A 1 84  ? -7.439  -8.188  -15.022 1.00 31.77 ? 132 GLU A CD  1 
ATOM   687  O OE1 . GLU A 1 84  ? -8.624  -8.451  -14.721 1.00 34.11 ? 132 GLU A OE1 1 
ATOM   688  O OE2 . GLU A 1 84  ? -6.689  -9.004  -15.598 1.00 35.76 ? 132 GLU A OE2 1 
ATOM   689  N N   . GLN A 1 85  ? -10.207 -3.892  -12.698 1.00 18.02 ? 133 GLN A N   1 
ATOM   690  C CA  . GLN A 1 85  ? -10.935 -3.359  -11.552 1.00 19.52 ? 133 GLN A CA  1 
ATOM   691  C C   . GLN A 1 85  ? -12.362 -3.911  -11.448 1.00 18.38 ? 133 GLN A C   1 
ATOM   692  O O   . GLN A 1 85  ? -12.901 -4.436  -12.421 1.00 18.07 ? 133 GLN A O   1 
ATOM   693  C CB  . GLN A 1 85  ? -10.976 -1.833  -11.627 1.00 19.18 ? 133 GLN A CB  1 
ATOM   694  C CG  . GLN A 1 85  ? -9.611  -1.186  -11.506 1.00 22.35 ? 133 GLN A CG  1 
ATOM   695  C CD  . GLN A 1 85  ? -9.663  0.316   -11.632 1.00 22.51 ? 133 GLN A CD  1 
ATOM   696  O OE1 . GLN A 1 85  ? -8.727  1.018   -11.238 1.00 26.51 ? 133 GLN A OE1 1 
ATOM   697  N NE2 . GLN A 1 85  ? -10.752 0.823   -12.192 1.00 20.33 ? 133 GLN A NE2 1 
ATOM   698  N N   . VAL A 1 86  ? -12.952 -3.788  -10.259 1.00 19.19 ? 134 VAL A N   1 
ATOM   699  C CA  . VAL A 1 86  ? -14.309 -4.260  -9.977  1.00 21.03 ? 134 VAL A CA  1 
ATOM   700  C C   . VAL A 1 86  ? -14.436 -5.769  -10.162 1.00 22.80 ? 134 VAL A C   1 
ATOM   701  O O   . VAL A 1 86  ? -15.427 -6.257  -10.706 1.00 21.97 ? 134 VAL A O   1 
ATOM   702  C CB  . VAL A 1 86  ? -15.362 -3.580  -10.883 1.00 21.59 ? 134 VAL A CB  1 
ATOM   703  C CG1 . VAL A 1 86  ? -16.758 -3.828  -10.331 1.00 23.19 ? 134 VAL A CG1 1 
ATOM   704  C CG2 . VAL A 1 86  ? -15.092 -2.092  -10.975 1.00 20.05 ? 134 VAL A CG2 1 
ATOM   705  N N   . ARG A 1 87  ? -13.418 -6.501  -9.722  1.00 22.39 ? 135 ARG A N   1 
ATOM   706  C CA  . ARG A 1 87  ? -13.426 -7.950  -9.817  1.00 22.22 ? 135 ARG A CA  1 
ATOM   707  C C   . ARG A 1 87  ? -13.050 -8.506  -8.452  1.00 21.74 ? 135 ARG A C   1 
ATOM   708  O O   . ARG A 1 87  ? -12.871 -9.708  -8.278  1.00 23.27 ? 135 ARG A O   1 
ATOM   709  C CB  . ARG A 1 87  ? -12.448 -8.406  -10.901 1.00 25.77 ? 135 ARG A CB  1 
ATOM   710  C CG  . ARG A 1 87  ? -12.723 -7.709  -12.234 1.00 27.94 ? 135 ARG A CG  1 
ATOM   711  C CD  . ARG A 1 87  ? -11.794 -8.132  -13.350 1.00 31.24 ? 135 ARG A CD  1 
ATOM   712  N NE  . ARG A 1 87  ? -12.082 -9.477  -13.823 1.00 33.47 ? 135 ARG A NE  1 
ATOM   713  C CZ  . ARG A 1 87  ? -11.813 -9.904  -15.052 1.00 35.41 ? 135 ARG A CZ  1 
ATOM   714  N NH1 . ARG A 1 87  ? -11.247 -9.084  -15.935 1.00 35.79 ? 135 ARG A NH1 1 
ATOM   715  N NH2 . ARG A 1 87  ? -12.114 -11.147 -15.400 1.00 34.37 ? 135 ARG A NH2 1 
ATOM   716  N N   . GLY A 1 88  ? -12.951 -7.612  -7.478  1.00 19.19 ? 136 GLY A N   1 
ATOM   717  C CA  . GLY A 1 88  ? -12.620 -8.025  -6.127  1.00 21.19 ? 136 GLY A CA  1 
ATOM   718  C C   . GLY A 1 88  ? -11.141 -8.153  -5.810  1.00 20.11 ? 136 GLY A C   1 
ATOM   719  O O   . GLY A 1 88  ? -10.791 -8.484  -4.680  1.00 21.83 ? 136 GLY A O   1 
ATOM   720  N N   . TYR A 1 89  ? -10.273 -7.895  -6.784  1.00 20.18 ? 137 TYR A N   1 
ATOM   721  C CA  . TYR A 1 89  ? -8.824  -8.005  -6.572  1.00 20.79 ? 137 TYR A CA  1 
ATOM   722  C C   . TYR A 1 89  ? -8.264  -7.026  -5.531  1.00 20.24 ? 137 TYR A C   1 
ATOM   723  O O   . TYR A 1 89  ? -7.455  -7.409  -4.684  1.00 20.17 ? 137 TYR A O   1 
ATOM   724  C CB  . TYR A 1 89  ? -8.089  -7.816  -7.898  1.00 21.43 ? 137 TYR A CB  1 
ATOM   725  C CG  . TYR A 1 89  ? -8.325  -8.926  -8.890  1.00 22.05 ? 137 TYR A CG  1 
ATOM   726  C CD1 . TYR A 1 89  ? -8.380  -8.659  -10.254 1.00 21.87 ? 137 TYR A CD1 1 
ATOM   727  C CD2 . TYR A 1 89  ? -8.496  -10.246 -8.468  1.00 23.97 ? 137 TYR A CD2 1 
ATOM   728  C CE1 . TYR A 1 89  ? -8.603  -9.671  -11.180 1.00 22.78 ? 137 TYR A CE1 1 
ATOM   729  C CE2 . TYR A 1 89  ? -8.717  -11.273 -9.389  1.00 25.81 ? 137 TYR A CE2 1 
ATOM   730  C CZ  . TYR A 1 89  ? -8.770  -10.974 -10.745 1.00 25.46 ? 137 TYR A CZ  1 
ATOM   731  O OH  . TYR A 1 89  ? -8.985  -11.968 -11.670 1.00 24.07 ? 137 TYR A OH  1 
ATOM   732  N N   . GLY A 1 90  ? -8.694  -5.770  -5.594  1.00 20.24 ? 138 GLY A N   1 
ATOM   733  C CA  . GLY A 1 90  ? -8.209  -4.770  -4.654  1.00 18.89 ? 138 GLY A CA  1 
ATOM   734  C C   . GLY A 1 90  ? -8.523  -5.087  -3.207  1.00 20.45 ? 138 GLY A C   1 
ATOM   735  O O   . GLY A 1 90  ? -7.775  -4.708  -2.295  1.00 20.04 ? 138 GLY A O   1 
ATOM   736  N N   . THR A 1 91  ? -9.632  -5.781  -2.981  1.00 19.02 ? 139 THR A N   1 
ATOM   737  C CA  . THR A 1 91  ? -10.018 -6.133  -1.623  1.00 17.75 ? 139 THR A CA  1 
ATOM   738  C C   . THR A 1 91  ? -9.241  -7.355  -1.145  1.00 16.98 ? 139 THR A C   1 
ATOM   739  O O   . THR A 1 91  ? -8.870  -7.445  0.026   1.00 15.78 ? 139 THR A O   1 
ATOM   740  C CB  . THR A 1 91  ? -11.513 -6.420  -1.543  1.00 18.15 ? 139 THR A CB  1 
ATOM   741  O OG1 . THR A 1 91  ? -12.236 -5.232  -1.892  1.00 20.11 ? 139 THR A OG1 1 
ATOM   742  C CG2 . THR A 1 91  ? -11.895 -6.862  -0.140  1.00 16.29 ? 139 THR A CG2 1 
ATOM   743  N N   . ARG A 1 92  ? -9.002  -8.292  -2.055  1.00 16.01 ? 140 ARG A N   1 
ATOM   744  C CA  . ARG A 1 92  ? -8.248  -9.493  -1.722  1.00 16.94 ? 140 ARG A CA  1 
ATOM   745  C C   . ARG A 1 92  ? -6.809  -9.086  -1.446  1.00 16.30 ? 140 ARG A C   1 
ATOM   746  O O   . ARG A 1 92  ? -6.165  -9.648  -0.563  1.00 17.63 ? 140 ARG A O   1 
ATOM   747  C CB  . ARG A 1 92  ? -8.305  -10.499 -2.870  1.00 19.06 ? 140 ARG A CB  1 
ATOM   748  C CG  . ARG A 1 92  ? -9.695  -11.079 -3.106  1.00 21.97 ? 140 ARG A CG  1 
ATOM   749  C CD  . ARG A 1 92  ? -9.757  -11.845 -4.422  1.00 25.62 ? 140 ARG A CD  1 
ATOM   750  N NE  . ARG A 1 92  ? -8.871  -13.005 -4.437  1.00 29.00 ? 140 ARG A NE  1 
ATOM   751  C CZ  . ARG A 1 92  ? -8.693  -13.797 -5.491  1.00 30.69 ? 140 ARG A CZ  1 
ATOM   752  N NH1 . ARG A 1 92  ? -9.344  -13.556 -6.624  1.00 30.28 ? 140 ARG A NH1 1 
ATOM   753  N NH2 . ARG A 1 92  ? -7.857  -14.827 -5.416  1.00 29.72 ? 140 ARG A NH2 1 
ATOM   754  N N   . LEU A 1 93  ? -6.316  -8.096  -2.191  1.00 15.87 ? 141 LEU A N   1 
ATOM   755  C CA  . LEU A 1 93  ? -4.950  -7.591  -2.008  1.00 15.17 ? 141 LEU A CA  1 
ATOM   756  C C   . LEU A 1 93  ? -4.787  -7.003  -0.608  1.00 14.76 ? 141 LEU A C   1 
ATOM   757  O O   . LEU A 1 93  ? -3.820  -7.303  0.090   1.00 17.28 ? 141 LEU A O   1 
ATOM   758  C CB  . LEU A 1 93  ? -4.629  -6.517  -3.054  1.00 15.17 ? 141 LEU A CB  1 
ATOM   759  C CG  . LEU A 1 93  ? -3.281  -5.781  -2.961  1.00 16.08 ? 141 LEU A CG  1 
ATOM   760  C CD1 . LEU A 1 93  ? -2.120  -6.783  -3.006  1.00 13.42 ? 141 LEU A CD1 1 
ATOM   761  C CD2 . LEU A 1 93  ? -3.172  -4.774  -4.106  1.00 13.86 ? 141 LEU A CD2 1 
ATOM   762  N N   . MET A 1 94  ? -5.737  -6.170  -0.196  1.00 15.00 ? 142 MET A N   1 
ATOM   763  C CA  . MET A 1 94  ? -5.680  -5.558  1.127   1.00 16.14 ? 142 MET A CA  1 
ATOM   764  C C   . MET A 1 94  ? -5.714  -6.628  2.212   1.00 16.26 ? 142 MET A C   1 
ATOM   765  O O   . MET A 1 94  ? -4.982  -6.548  3.201   1.00 15.83 ? 142 MET A O   1 
ATOM   766  C CB  . MET A 1 94  ? -6.854  -4.595  1.343   1.00 15.54 ? 142 MET A CB  1 
ATOM   767  C CG  . MET A 1 94  ? -6.793  -3.873  2.688   1.00 18.13 ? 142 MET A CG  1 
ATOM   768  S SD  . MET A 1 94  ? -5.220  -2.962  2.907   1.00 23.42 ? 142 MET A SD  1 
ATOM   769  C CE  . MET A 1 94  ? -5.410  -1.720  1.614   1.00 19.76 ? 142 MET A CE  1 
ATOM   770  N N   . ASN A 1 95  ? -6.579  -7.620  2.029   1.00 15.40 ? 143 ASN A N   1 
ATOM   771  C CA  . ASN A 1 95  ? -6.696  -8.703  2.999   1.00 15.65 ? 143 ASN A CA  1 
ATOM   772  C C   . ASN A 1 95  ? -5.376  -9.447  3.098   1.00 13.82 ? 143 ASN A C   1 
ATOM   773  O O   . ASN A 1 95  ? -4.911  -9.780  4.194   1.00 11.80 ? 143 ASN A O   1 
ATOM   774  C CB  . ASN A 1 95  ? -7.805  -9.679  2.591   1.00 15.51 ? 143 ASN A CB  1 
ATOM   775  C CG  . ASN A 1 95  ? -9.194  -9.080  2.740   1.00 19.72 ? 143 ASN A CG  1 
ATOM   776  O OD1 . ASN A 1 95  ? -9.438  -8.258  3.623   1.00 18.53 ? 143 ASN A OD1 1 
ATOM   777  N ND2 . ASN A 1 95  ? -10.117 -9.511  1.891   1.00 21.16 ? 143 ASN A ND2 1 
ATOM   778  N N   . LYS A 1 96  ? -4.783  -9.705  1.937   1.00 13.38 ? 144 LYS A N   1 
ATOM   779  C CA  . LYS A 1 96  ? -3.506  -10.401 1.852   1.00 14.30 ? 144 LYS A CA  1 
ATOM   780  C C   . LYS A 1 96  ? -2.434  -9.547  2.522   1.00 12.48 ? 144 LYS A C   1 
ATOM   781  O O   . LYS A 1 96  ? -1.584  -10.057 3.251   1.00 13.03 ? 144 LYS A O   1 
ATOM   782  C CB  . LYS A 1 96  ? -3.142  -10.634 0.383   1.00 16.19 ? 144 LYS A CB  1 
ATOM   783  C CG  . LYS A 1 96  ? -3.007  -12.086 -0.007  1.00 20.99 ? 144 LYS A CG  1 
ATOM   784  C CD  . LYS A 1 96  ? -1.796  -12.742 0.649   1.00 27.14 ? 144 LYS A CD  1 
ATOM   785  C CE  . LYS A 1 96  ? -1.568  -14.137 0.088   1.00 29.77 ? 144 LYS A CE  1 
ATOM   786  N NZ  . LYS A 1 96  ? -2.812  -14.978 0.166   1.00 34.84 ? 144 LYS A NZ  1 
ATOM   787  N N   . PHE A 1 97  ? -2.492  -8.245  2.268   1.00 10.10 ? 145 PHE A N   1 
ATOM   788  C CA  . PHE A 1 97  ? -1.540  -7.314  2.846   1.00 10.92 ? 145 PHE A CA  1 
ATOM   789  C C   . PHE A 1 97  ? -1.623  -7.306  4.374   1.00 12.11 ? 145 PHE A C   1 
ATOM   790  O O   . PHE A 1 97  ? -0.596  -7.370  5.058   1.00 13.53 ? 145 PHE A O   1 
ATOM   791  C CB  . PHE A 1 97  ? -1.781  -5.901  2.310   1.00 9.52  ? 145 PHE A CB  1 
ATOM   792  C CG  . PHE A 1 97  ? -0.844  -4.882  2.879   1.00 12.32 ? 145 PHE A CG  1 
ATOM   793  C CD1 . PHE A 1 97  ? -1.330  -3.752  3.522   1.00 10.07 ? 145 PHE A CD1 1 
ATOM   794  C CD2 . PHE A 1 97  ? 0.536   -5.070  2.803   1.00 10.14 ? 145 PHE A CD2 1 
ATOM   795  C CE1 . PHE A 1 97  ? -0.456  -2.824  4.084   1.00 11.77 ? 145 PHE A CE1 1 
ATOM   796  C CE2 . PHE A 1 97  ? 1.409   -4.152  3.358   1.00 11.49 ? 145 PHE A CE2 1 
ATOM   797  C CZ  . PHE A 1 97  ? 0.913   -3.024  4.002   1.00 9.56  ? 145 PHE A CZ  1 
ATOM   798  N N   . LYS A 1 98  ? -2.836  -7.230  4.914   1.00 11.36 ? 146 LYS A N   1 
ATOM   799  C CA  . LYS A 1 98  ? -2.998  -7.225  6.364   1.00 12.69 ? 146 LYS A CA  1 
ATOM   800  C C   . LYS A 1 98  ? -2.513  -8.542  6.967   1.00 12.82 ? 146 LYS A C   1 
ATOM   801  O O   . LYS A 1 98  ? -1.872  -8.556  8.021   1.00 13.99 ? 146 LYS A O   1 
ATOM   802  C CB  . LYS A 1 98  ? -4.457  -7.015  6.753   1.00 13.61 ? 146 LYS A CB  1 
ATOM   803  C CG  . LYS A 1 98  ? -5.039  -5.655  6.427   1.00 15.41 ? 146 LYS A CG  1 
ATOM   804  C CD  . LYS A 1 98  ? -6.470  -5.613  6.931   1.00 17.43 ? 146 LYS A CD  1 
ATOM   805  C CE  . LYS A 1 98  ? -7.234  -4.446  6.368   1.00 19.82 ? 146 LYS A CE  1 
ATOM   806  N NZ  . LYS A 1 98  ? -8.666  -4.517  6.768   1.00 18.93 ? 146 LYS A NZ  1 
ATOM   807  N N   . ASP A 1 99  ? -2.823  -9.654  6.309   1.00 11.92 ? 147 ASP A N   1 
ATOM   808  C CA  . ASP A 1 99  ? -2.391  -10.953 6.821   1.00 13.47 ? 147 ASP A CA  1 
ATOM   809  C C   . ASP A 1 99  ? -0.866  -10.999 6.890   1.00 13.78 ? 147 ASP A C   1 
ATOM   810  O O   . ASP A 1 99  ? -0.288  -11.432 7.885   1.00 15.75 ? 147 ASP A O   1 
ATOM   811  C CB  . ASP A 1 99  ? -2.923  -12.084 5.932   1.00 14.61 ? 147 ASP A CB  1 
ATOM   812  C CG  . ASP A 1 99  ? -2.368  -13.442 6.322   1.00 17.93 ? 147 ASP A CG  1 
ATOM   813  O OD1 . ASP A 1 99  ? -1.353  -13.867 5.723   1.00 18.92 ? 147 ASP A OD1 1 
ATOM   814  O OD2 . ASP A 1 99  ? -2.935  -14.077 7.236   1.00 17.63 ? 147 ASP A OD2 1 
ATOM   815  N N   . HIS A 1 100 ? -0.220  -10.531 5.829   1.00 13.83 ? 148 HIS A N   1 
ATOM   816  C CA  . HIS A 1 100 ? 1.234   -10.506 5.766   1.00 14.67 ? 148 HIS A CA  1 
ATOM   817  C C   . HIS A 1 100 ? 1.807   -9.580  6.840   1.00 13.60 ? 148 HIS A C   1 
ATOM   818  O O   . HIS A 1 100 ? 2.777   -9.920  7.508   1.00 13.42 ? 148 HIS A O   1 
ATOM   819  C CB  . HIS A 1 100 ? 1.679   -10.044 4.382   1.00 14.56 ? 148 HIS A CB  1 
ATOM   820  C CG  . HIS A 1 100 ? 3.159   -9.876  4.254   1.00 18.38 ? 148 HIS A CG  1 
ATOM   821  N ND1 . HIS A 1 100 ? 3.771   -8.642  4.288   1.00 18.23 ? 148 HIS A ND1 1 
ATOM   822  C CD2 . HIS A 1 100 ? 4.151   -10.788 4.119   1.00 15.89 ? 148 HIS A CD2 1 
ATOM   823  C CE1 . HIS A 1 100 ? 5.078   -8.800  4.180   1.00 19.52 ? 148 HIS A CE1 1 
ATOM   824  N NE2 . HIS A 1 100 ? 5.333   -10.092 4.078   1.00 21.76 ? 148 HIS A NE2 1 
ATOM   825  N N   . MET A 1 101 ? 1.199   -8.408  6.992   1.00 13.82 ? 149 MET A N   1 
ATOM   826  C CA  . MET A 1 101 ? 1.612   -7.433  7.994   1.00 13.83 ? 149 MET A CA  1 
ATOM   827  C C   . MET A 1 101 ? 1.481   -8.017  9.406   1.00 14.96 ? 149 MET A C   1 
ATOM   828  O O   . MET A 1 101 ? 2.275   -7.707  10.304  1.00 13.39 ? 149 MET A O   1 
ATOM   829  C CB  . MET A 1 101 ? 0.753   -6.174  7.871   1.00 16.08 ? 149 MET A CB  1 
ATOM   830  C CG  . MET A 1 101 ? 1.086   -5.327  6.658   1.00 18.21 ? 149 MET A CG  1 
ATOM   831  S SD  . MET A 1 101 ? 2.804   -4.783  6.743   1.00 21.17 ? 149 MET A SD  1 
ATOM   832  C CE  . MET A 1 101 ? 2.604   -3.548  7.809   1.00 24.19 ? 149 MET A CE  1 
ATOM   833  N N   . GLN A 1 102 ? 0.469   -8.854  9.597   1.00 14.39 ? 150 GLN A N   1 
ATOM   834  C CA  . GLN A 1 102 ? 0.240   -9.497  10.884  1.00 15.91 ? 150 GLN A CA  1 
ATOM   835  C C   . GLN A 1 102 ? 1.385   -10.474 11.153  1.00 17.80 ? 150 GLN A C   1 
ATOM   836  O O   . GLN A 1 102 ? 1.901   -10.557 12.268  1.00 17.15 ? 150 GLN A O   1 
ATOM   837  C CB  . GLN A 1 102 ? -1.097  -10.236 10.858  1.00 13.41 ? 150 GLN A CB  1 
ATOM   838  C CG  . GLN A 1 102 ? -1.442  -10.985 12.124  1.00 13.91 ? 150 GLN A CG  1 
ATOM   839  C CD  . GLN A 1 102 ? -2.763  -11.730 11.999  1.00 13.39 ? 150 GLN A CD  1 
ATOM   840  O OE1 . GLN A 1 102 ? -2.867  -12.710 11.262  1.00 14.25 ? 150 GLN A OE1 1 
ATOM   841  N NE2 . GLN A 1 102 ? -3.783  -11.254 12.705  1.00 14.46 ? 150 GLN A NE2 1 
ATOM   842  N N   . LYS A 1 103 ? 1.782   -11.212 10.121  1.00 18.73 ? 151 LYS A N   1 
ATOM   843  C CA  . LYS A 1 103 ? 2.881   -12.166 10.250  1.00 19.91 ? 151 LYS A CA  1 
ATOM   844  C C   . LYS A 1 103 ? 4.209   -11.446 10.425  1.00 18.84 ? 151 LYS A C   1 
ATOM   845  O O   . LYS A 1 103 ? 5.161   -12.014 10.947  1.00 19.79 ? 151 LYS A O   1 
ATOM   846  C CB  . LYS A 1 103 ? 2.946   -13.076 9.021   1.00 21.02 ? 151 LYS A CB  1 
ATOM   847  C CG  . LYS A 1 103 ? 1.753   -14.001 8.916   1.00 25.75 ? 151 LYS A CG  1 
ATOM   848  C CD  . LYS A 1 103 ? 1.840   -14.945 7.730   1.00 30.54 ? 151 LYS A CD  1 
ATOM   849  C CE  . LYS A 1 103 ? 0.690   -15.949 7.782   1.00 33.70 ? 151 LYS A CE  1 
ATOM   850  N NZ  . LYS A 1 103 ? 0.705   -16.890 6.637   1.00 36.68 ? 151 LYS A NZ  1 
ATOM   851  N N   . GLN A 1 104 ? 4.264   -10.192 9.989   1.00 17.35 ? 152 GLN A N   1 
ATOM   852  C CA  . GLN A 1 104 ? 5.481   -9.392  10.099  1.00 17.51 ? 152 GLN A CA  1 
ATOM   853  C C   . GLN A 1 104 ? 5.541   -8.661  11.432  1.00 17.62 ? 152 GLN A C   1 
ATOM   854  O O   . GLN A 1 104 ? 6.386   -7.793  11.633  1.00 19.52 ? 152 GLN A O   1 
ATOM   855  C CB  . GLN A 1 104 ? 5.551   -8.378  8.958   1.00 18.97 ? 152 GLN A CB  1 
ATOM   856  C CG  . GLN A 1 104 ? 5.934   -8.984  7.618   1.00 20.76 ? 152 GLN A CG  1 
ATOM   857  C CD  . GLN A 1 104 ? 7.406   -9.356  7.561   1.00 23.82 ? 152 GLN A CD  1 
ATOM   858  O OE1 . GLN A 1 104 ? 8.277   -8.479  7.544   1.00 26.20 ? 152 GLN A OE1 1 
ATOM   859  N NE2 . GLN A 1 104 ? 7.693   -10.655 7.544   1.00 20.78 ? 152 GLN A NE2 1 
ATOM   860  N N   . ASN A 1 105 ? 4.628   -8.996  12.335  1.00 16.00 ? 153 ASN A N   1 
ATOM   861  C CA  . ASN A 1 105 ? 4.605   -8.375  13.652  1.00 15.48 ? 153 ASN A CA  1 
ATOM   862  C C   . ASN A 1 105 ? 4.387   -6.861  13.581  1.00 15.95 ? 153 ASN A C   1 
ATOM   863  O O   . ASN A 1 105 ? 4.959   -6.099  14.361  1.00 15.15 ? 153 ASN A O   1 
ATOM   864  C CB  . ASN A 1 105 ? 5.911   -8.702  14.385  1.00 15.11 ? 153 ASN A CB  1 
ATOM   865  C CG  . ASN A 1 105 ? 5.887   -8.296  15.842  1.00 15.80 ? 153 ASN A CG  1 
ATOM   866  O OD1 . ASN A 1 105 ? 4.839   -8.350  16.499  1.00 14.19 ? 153 ASN A OD1 1 
ATOM   867  N ND2 . ASN A 1 105 ? 7.047   -7.903  16.365  1.00 13.18 ? 153 ASN A ND2 1 
ATOM   868  N N   . ILE A 1 106 ? 3.563   -6.438  12.629  1.00 15.17 ? 154 ILE A N   1 
ATOM   869  C CA  . ILE A 1 106 ? 3.220   -5.029  12.453  1.00 14.49 ? 154 ILE A CA  1 
ATOM   870  C C   . ILE A 1 106 ? 1.872   -4.814  13.155  1.00 15.24 ? 154 ILE A C   1 
ATOM   871  O O   . ILE A 1 106 ? 0.922   -5.566  12.929  1.00 14.23 ? 154 ILE A O   1 
ATOM   872  C CB  . ILE A 1 106 ? 3.100   -4.678  10.954  1.00 13.16 ? 154 ILE A CB  1 
ATOM   873  C CG1 . ILE A 1 106 ? 4.492   -4.614  10.320  1.00 13.45 ? 154 ILE A CG1 1 
ATOM   874  C CG2 . ILE A 1 106 ? 2.354   -3.375  10.782  1.00 12.81 ? 154 ILE A CG2 1 
ATOM   875  C CD1 . ILE A 1 106 ? 5.430   -3.586  10.971  1.00 10.93 ? 154 ILE A CD1 1 
ATOM   876  N N   . GLU A 1 107 ? 1.791   -3.789  13.997  1.00 16.00 ? 155 GLU A N   1 
ATOM   877  C CA  . GLU A 1 107 ? 0.577   -3.518  14.767  1.00 18.64 ? 155 GLU A CA  1 
ATOM   878  C C   . GLU A 1 107 ? -0.417  -2.543  14.136  1.00 17.35 ? 155 GLU A C   1 
ATOM   879  O O   . GLU A 1 107 ? -1.625  -2.674  14.329  1.00 17.70 ? 155 GLU A O   1 
ATOM   880  C CB  . GLU A 1 107 ? 0.967   -3.009  16.161  1.00 21.06 ? 155 GLU A CB  1 
ATOM   881  C CG  . GLU A 1 107 ? -0.147  -3.055  17.186  1.00 25.17 ? 155 GLU A CG  1 
ATOM   882  C CD  . GLU A 1 107 ? 0.323   -2.638  18.574  1.00 26.24 ? 155 GLU A CD  1 
ATOM   883  O OE1 . GLU A 1 107 ? -0.361  -2.975  19.556  1.00 28.37 ? 155 GLU A OE1 1 
ATOM   884  O OE2 . GLU A 1 107 ? 1.368   -1.967  18.686  1.00 26.79 ? 155 GLU A OE2 1 
ATOM   885  N N   . TYR A 1 108 ? 0.082   -1.558  13.400  1.00 16.73 ? 156 TYR A N   1 
ATOM   886  C CA  . TYR A 1 108 ? -0.802  -0.588  12.763  1.00 17.55 ? 156 TYR A CA  1 
ATOM   887  C C   . TYR A 1 108 ? -0.410  -0.285  11.333  1.00 17.50 ? 156 TYR A C   1 
ATOM   888  O O   . TYR A 1 108 ? 0.768   -0.333  10.972  1.00 17.56 ? 156 TYR A O   1 
ATOM   889  C CB  . TYR A 1 108 ? -0.803  0.749   13.512  1.00 18.76 ? 156 TYR A CB  1 
ATOM   890  C CG  . TYR A 1 108 ? -1.301  0.702   14.934  1.00 22.04 ? 156 TYR A CG  1 
ATOM   891  C CD1 . TYR A 1 108 ? -0.452  0.348   15.982  1.00 21.16 ? 156 TYR A CD1 1 
ATOM   892  C CD2 . TYR A 1 108 ? -2.617  1.048   15.235  1.00 21.01 ? 156 TYR A CD2 1 
ATOM   893  C CE1 . TYR A 1 108 ? -0.902  0.347   17.298  1.00 23.44 ? 156 TYR A CE1 1 
ATOM   894  C CE2 . TYR A 1 108 ? -3.076  1.048   16.545  1.00 22.00 ? 156 TYR A CE2 1 
ATOM   895  C CZ  . TYR A 1 108 ? -2.216  0.698   17.569  1.00 22.51 ? 156 TYR A CZ  1 
ATOM   896  O OH  . TYR A 1 108 ? -2.678  0.702   18.866  1.00 25.94 ? 156 TYR A OH  1 
ATOM   897  N N   . LEU A 1 109 ? -1.416  0.028   10.528  1.00 15.65 ? 157 LEU A N   1 
ATOM   898  C CA  . LEU A 1 109 ? -1.207  0.416   9.149   1.00 14.68 ? 157 LEU A CA  1 
ATOM   899  C C   . LEU A 1 109 ? -1.645  1.869   9.097   1.00 14.03 ? 157 LEU A C   1 
ATOM   900  O O   . LEU A 1 109 ? -2.690  2.226   9.638   1.00 13.53 ? 157 LEU A O   1 
ATOM   901  C CB  . LEU A 1 109 ? -2.073  -0.399  8.193   1.00 12.45 ? 157 LEU A CB  1 
ATOM   902  C CG  . LEU A 1 109 ? -1.859  -1.915  8.121   1.00 16.17 ? 157 LEU A CG  1 
ATOM   903  C CD1 . LEU A 1 109 ? -2.752  -2.475  7.013   1.00 11.70 ? 157 LEU A CD1 1 
ATOM   904  C CD2 . LEU A 1 109 ? -0.391  -2.237  7.835   1.00 12.79 ? 157 LEU A CD2 1 
ATOM   905  N N   . LEU A 1 110 ? -0.838  2.707   8.462   1.00 12.77 ? 158 LEU A N   1 
ATOM   906  C CA  . LEU A 1 110 ? -1.167  4.116   8.338   1.00 12.73 ? 158 LEU A CA  1 
ATOM   907  C C   . LEU A 1 110 ? -1.115  4.457   6.867   1.00 11.86 ? 158 LEU A C   1 
ATOM   908  O O   . LEU A 1 110 ? -0.292  3.916   6.125   1.00 14.50 ? 158 LEU A O   1 
ATOM   909  C CB  . LEU A 1 110 ? -0.160  4.987   9.094   1.00 13.23 ? 158 LEU A CB  1 
ATOM   910  C CG  . LEU A 1 110 ? -0.124  4.927   10.623  1.00 13.90 ? 158 LEU A CG  1 
ATOM   911  C CD1 . LEU A 1 110 ? 1.050   5.730   11.139  1.00 16.71 ? 158 LEU A CD1 1 
ATOM   912  C CD2 . LEU A 1 110 ? -1.405  5.485   11.178  1.00 15.95 ? 158 LEU A CD2 1 
ATOM   913  N N   . THR A 1 111 ? -2.003  5.344   6.445   1.00 10.73 ? 159 THR A N   1 
ATOM   914  C CA  . THR A 1 111 ? -2.038  5.769   5.059   1.00 12.48 ? 159 THR A CA  1 
ATOM   915  C C   . THR A 1 111 ? -2.731  7.115   4.996   1.00 13.69 ? 159 THR A C   1 
ATOM   916  O O   . THR A 1 111 ? -3.675  7.367   5.739   1.00 13.39 ? 159 THR A O   1 
ATOM   917  C CB  . THR A 1 111 ? -2.813  4.753   4.172   1.00 14.00 ? 159 THR A CB  1 
ATOM   918  O OG1 . THR A 1 111 ? -2.662  5.099   2.785   1.00 11.54 ? 159 THR A OG1 1 
ATOM   919  C CG2 . THR A 1 111 ? -4.304  4.756   4.529   1.00 13.63 ? 159 THR A CG2 1 
ATOM   920  N N   . TYR A 1 112 ? -2.233  8.005   4.150   1.00 15.91 ? 160 TYR A N   1 
ATOM   921  C CA  . TYR A 1 112 ? -2.894  9.285   3.984   1.00 17.43 ? 160 TYR A CA  1 
ATOM   922  C C   . TYR A 1 112 ? -3.968  9.005   2.944   1.00 18.04 ? 160 TYR A C   1 
ATOM   923  O O   . TYR A 1 112 ? -3.801  8.128   2.099   1.00 17.16 ? 160 TYR A O   1 
ATOM   924  C CB  . TYR A 1 112 ? -1.932  10.359  3.462   1.00 19.07 ? 160 TYR A CB  1 
ATOM   925  C CG  . TYR A 1 112 ? -1.190  11.090  4.560   1.00 22.26 ? 160 TYR A CG  1 
ATOM   926  C CD1 . TYR A 1 112 ? 0.102   10.709  4.932   1.00 20.77 ? 160 TYR A CD1 1 
ATOM   927  C CD2 . TYR A 1 112 ? -1.801  12.128  5.266   1.00 20.79 ? 160 TYR A CD2 1 
ATOM   928  C CE1 . TYR A 1 112 ? 0.762   11.338  5.976   1.00 21.14 ? 160 TYR A CE1 1 
ATOM   929  C CE2 . TYR A 1 112 ? -1.148  12.763  6.321   1.00 22.65 ? 160 TYR A CE2 1 
ATOM   930  C CZ  . TYR A 1 112 ? 0.131   12.360  6.672   1.00 23.17 ? 160 TYR A CZ  1 
ATOM   931  O OH  . TYR A 1 112 ? 0.759   12.949  7.748   1.00 23.68 ? 160 TYR A OH  1 
ATOM   932  N N   . ALA A 1 113 ? -5.076  9.725   3.015   1.00 18.31 ? 161 ALA A N   1 
ATOM   933  C CA  . ALA A 1 113 ? -6.152  9.533   2.057   1.00 18.41 ? 161 ALA A CA  1 
ATOM   934  C C   . ALA A 1 113 ? -6.811  10.870  1.785   1.00 20.88 ? 161 ALA A C   1 
ATOM   935  O O   . ALA A 1 113 ? -6.747  11.786  2.602   1.00 20.14 ? 161 ALA A O   1 
ATOM   936  C CB  . ALA A 1 113 ? -7.178  8.558   2.604   1.00 15.90 ? 161 ALA A CB  1 
ATOM   937  N N   . ASP A 1 114 ? -7.455  10.981  0.638   1.00 23.95 ? 162 ASP A N   1 
ATOM   938  C CA  . ASP A 1 114 ? -8.124  12.221  0.302   1.00 26.65 ? 162 ASP A CA  1 
ATOM   939  C C   . ASP A 1 114 ? -9.361  11.911  -0.528  1.00 26.47 ? 162 ASP A C   1 
ATOM   940  O O   . ASP A 1 114 ? -9.414  10.895  -1.227  1.00 25.47 ? 162 ASP A O   1 
ATOM   941  C CB  . ASP A 1 114 ? -7.169  13.126  -0.477  1.00 30.54 ? 162 ASP A CB  1 
ATOM   942  C CG  . ASP A 1 114 ? -7.527  14.597  -0.362  1.00 35.89 ? 162 ASP A CG  1 
ATOM   943  O OD1 . ASP A 1 114 ? -6.809  15.426  -0.966  1.00 38.17 ? 162 ASP A OD1 1 
ATOM   944  O OD2 . ASP A 1 114 ? -8.517  14.926  0.331   1.00 36.61 ? 162 ASP A OD2 1 
ATOM   945  N N   . ASN A 1 115 ? -10.360 12.780  -0.423  1.00 26.59 ? 163 ASN A N   1 
ATOM   946  C CA  . ASN A 1 115 ? -11.597 12.634  -1.176  1.00 26.16 ? 163 ASN A CA  1 
ATOM   947  C C   . ASN A 1 115 ? -12.223 11.241  -1.115  1.00 25.77 ? 163 ASN A C   1 
ATOM   948  O O   . ASN A 1 115 ? -12.558 10.753  -0.040  1.00 27.32 ? 163 ASN A O   1 
ATOM   949  C CB  . ASN A 1 115 ? -11.344 13.037  -2.629  1.00 27.94 ? 163 ASN A CB  1 
ATOM   950  C CG  . ASN A 1 115 ? -10.940 14.495  -2.762  1.00 32.57 ? 163 ASN A CG  1 
ATOM   951  O OD1 . ASN A 1 115 ? -10.121 14.853  -3.616  1.00 32.62 ? 163 ASN A OD1 1 
ATOM   952  N ND2 . ASN A 1 115 ? -11.524 15.353  -1.922  1.00 33.41 ? 163 ASN A ND2 1 
ATOM   953  N N   . PHE A 1 116 ? -12.385 10.609  -2.273  1.00 25.36 ? 164 PHE A N   1 
ATOM   954  C CA  . PHE A 1 116 ? -13.001 9.287   -2.350  1.00 26.46 ? 164 PHE A CA  1 
ATOM   955  C C   . PHE A 1 116 ? -12.259 8.215   -1.560  1.00 25.36 ? 164 PHE A C   1 
ATOM   956  O O   . PHE A 1 116 ? -12.880 7.335   -0.975  1.00 26.96 ? 164 PHE A O   1 
ATOM   957  C CB  . PHE A 1 116 ? -13.109 8.843   -3.818  1.00 28.69 ? 164 PHE A CB  1 
ATOM   958  C CG  . PHE A 1 116 ? -12.045 7.854   -4.239  1.00 28.41 ? 164 PHE A CG  1 
ATOM   959  C CD1 . PHE A 1 116 ? -12.211 6.489   -4.006  1.00 28.58 ? 164 PHE A CD1 1 
ATOM   960  C CD2 . PHE A 1 116 ? -10.865 8.293   -4.830  1.00 28.35 ? 164 PHE A CD2 1 
ATOM   961  C CE1 . PHE A 1 116 ? -11.218 5.577   -4.355  1.00 28.93 ? 164 PHE A CE1 1 
ATOM   962  C CE2 . PHE A 1 116 ? -9.867  7.389   -5.183  1.00 28.07 ? 164 PHE A CE2 1 
ATOM   963  C CZ  . PHE A 1 116 ? -10.044 6.029   -4.943  1.00 28.08 ? 164 PHE A CZ  1 
ATOM   964  N N   . ALA A 1 117 ? -10.932 8.292   -1.553  1.00 23.91 ? 165 ALA A N   1 
ATOM   965  C CA  . ALA A 1 117 ? -10.106 7.296   -0.879  1.00 21.91 ? 165 ALA A CA  1 
ATOM   966  C C   . ALA A 1 117 ? -10.416 7.099   0.601   1.00 21.18 ? 165 ALA A C   1 
ATOM   967  O O   . ALA A 1 117 ? -10.301 5.988   1.112   1.00 20.74 ? 165 ALA A O   1 
ATOM   968  C CB  . ALA A 1 117 ? -8.635  7.637   -1.062  1.00 21.95 ? 165 ALA A CB  1 
ATOM   969  N N   . ILE A 1 118 ? -10.791 8.169   1.290   1.00 19.07 ? 166 ILE A N   1 
ATOM   970  C CA  . ILE A 1 118 ? -11.107 8.062   2.707   1.00 21.64 ? 166 ILE A CA  1 
ATOM   971  C C   . ILE A 1 118 ? -12.208 7.016   2.879   1.00 22.32 ? 166 ILE A C   1 
ATOM   972  O O   . ILE A 1 118 ? -12.079 6.084   3.675   1.00 21.89 ? 166 ILE A O   1 
ATOM   973  C CB  . ILE A 1 118 ? -11.568 9.423   3.279   1.00 22.64 ? 166 ILE A CB  1 
ATOM   974  C CG1 . ILE A 1 118 ? -10.413 10.429  3.194   1.00 24.16 ? 166 ILE A CG1 1 
ATOM   975  C CG2 . ILE A 1 118 ? -12.041 9.254   4.724   1.00 23.16 ? 166 ILE A CG2 1 
ATOM   976  C CD1 . ILE A 1 118 ? -10.751 11.824  3.696   1.00 26.39 ? 166 ILE A CD1 1 
ATOM   977  N N   . GLY A 1 119 ? -13.280 7.162   2.105   1.00 22.37 ? 167 GLY A N   1 
ATOM   978  C CA  . GLY A 1 119 ? -14.373 6.214   2.175   1.00 21.32 ? 167 GLY A CA  1 
ATOM   979  C C   . GLY A 1 119 ? -13.907 4.818   1.805   1.00 20.29 ? 167 GLY A C   1 
ATOM   980  O O   . GLY A 1 119 ? -14.329 3.843   2.415   1.00 21.91 ? 167 GLY A O   1 
ATOM   981  N N   . TYR A 1 120 ? -13.031 4.708   0.814   1.00 20.01 ? 168 TYR A N   1 
ATOM   982  C CA  . TYR A 1 120 ? -12.538 3.395   0.413   1.00 19.00 ? 168 TYR A CA  1 
ATOM   983  C C   . TYR A 1 120 ? -11.773 2.719   1.553   1.00 19.15 ? 168 TYR A C   1 
ATOM   984  O O   . TYR A 1 120 ? -11.940 1.528   1.808   1.00 18.58 ? 168 TYR A O   1 
ATOM   985  C CB  . TYR A 1 120 ? -11.604 3.501   -0.786  1.00 18.72 ? 168 TYR A CB  1 
ATOM   986  C CG  . TYR A 1 120 ? -11.010 2.168   -1.162  1.00 19.43 ? 168 TYR A CG  1 
ATOM   987  C CD1 . TYR A 1 120 ? -11.745 1.238   -1.897  1.00 19.96 ? 168 TYR A CD1 1 
ATOM   988  C CD2 . TYR A 1 120 ? -9.737  1.803   -0.723  1.00 20.69 ? 168 TYR A CD2 1 
ATOM   989  C CE1 . TYR A 1 120 ? -11.232 -0.025  -2.182  1.00 22.14 ? 168 TYR A CE1 1 
ATOM   990  C CE2 . TYR A 1 120 ? -9.212  0.541   -1.002  1.00 22.78 ? 168 TYR A CE2 1 
ATOM   991  C CZ  . TYR A 1 120 ? -9.968  -0.367  -1.731  1.00 22.66 ? 168 TYR A CZ  1 
ATOM   992  O OH  . TYR A 1 120 ? -9.461  -1.622  -1.986  1.00 26.70 ? 168 TYR A OH  1 
ATOM   993  N N   . PHE A 1 121 ? -10.920 3.475   2.230   1.00 17.66 ? 169 PHE A N   1 
ATOM   994  C CA  . PHE A 1 121 ? -10.158 2.894   3.314   1.00 17.46 ? 169 PHE A CA  1 
ATOM   995  C C   . PHE A 1 121 ? -11.009 2.595   4.543   1.00 17.07 ? 169 PHE A C   1 
ATOM   996  O O   . PHE A 1 121 ? -10.665 1.712   5.316   1.00 15.30 ? 169 PHE A O   1 
ATOM   997  C CB  . PHE A 1 121 ? -8.953  3.773   3.649   1.00 14.27 ? 169 PHE A CB  1 
ATOM   998  C CG  . PHE A 1 121 ? -7.838  3.647   2.650   1.00 15.68 ? 169 PHE A CG  1 
ATOM   999  C CD1 . PHE A 1 121 ? -7.401  4.753   1.918   1.00 14.19 ? 169 PHE A CD1 1 
ATOM   1000 C CD2 . PHE A 1 121 ? -7.231  2.411   2.429   1.00 15.45 ? 169 PHE A CD2 1 
ATOM   1001 C CE1 . PHE A 1 121 ? -6.372  4.627   0.972   1.00 16.06 ? 169 PHE A CE1 1 
ATOM   1002 C CE2 . PHE A 1 121 ? -6.206  2.267   1.490   1.00 16.93 ? 169 PHE A CE2 1 
ATOM   1003 C CZ  . PHE A 1 121 ? -5.773  3.381   0.757   1.00 16.53 ? 169 PHE A CZ  1 
ATOM   1004 N N   . LYS A 1 122 ? -12.117 3.312   4.725   1.00 17.23 ? 170 LYS A N   1 
ATOM   1005 C CA  . LYS A 1 122 ? -13.000 3.018   5.857   1.00 20.77 ? 170 LYS A CA  1 
ATOM   1006 C C   . LYS A 1 122 ? -13.578 1.619   5.621   1.00 20.26 ? 170 LYS A C   1 
ATOM   1007 O O   . LYS A 1 122 ? -13.759 0.844   6.555   1.00 22.55 ? 170 LYS A O   1 
ATOM   1008 C CB  . LYS A 1 122 ? -14.158 4.012   5.942   1.00 21.80 ? 170 LYS A CB  1 
ATOM   1009 C CG  . LYS A 1 122 ? -13.788 5.425   6.310   1.00 25.27 ? 170 LYS A CG  1 
ATOM   1010 C CD  . LYS A 1 122 ? -15.008 6.329   6.132   1.00 29.37 ? 170 LYS A CD  1 
ATOM   1011 C CE  . LYS A 1 122 ? -14.739 7.761   6.566   1.00 31.38 ? 170 LYS A CE  1 
ATOM   1012 N NZ  . LYS A 1 122 ? -15.870 8.664   6.183   1.00 33.67 ? 170 LYS A NZ  1 
ATOM   1013 N N   . LYS A 1 123 ? -13.872 1.304   4.365   1.00 21.41 ? 171 LYS A N   1 
ATOM   1014 C CA  . LYS A 1 123 ? -14.412 -0.008  4.020   1.00 24.13 ? 171 LYS A CA  1 
ATOM   1015 C C   . LYS A 1 123 ? -13.384 -1.103  4.293   1.00 23.39 ? 171 LYS A C   1 
ATOM   1016 O O   . LYS A 1 123 ? -13.749 -2.257  4.523   1.00 22.87 ? 171 LYS A O   1 
ATOM   1017 C CB  . LYS A 1 123 ? -14.812 -0.053  2.544   1.00 26.79 ? 171 LYS A CB  1 
ATOM   1018 C CG  . LYS A 1 123 ? -15.925 0.899   2.167   1.00 32.27 ? 171 LYS A CG  1 
ATOM   1019 C CD  . LYS A 1 123 ? -15.970 1.087   0.659   1.00 37.95 ? 171 LYS A CD  1 
ATOM   1020 C CE  . LYS A 1 123 ? -17.042 2.080   0.239   1.00 38.20 ? 171 LYS A CE  1 
ATOM   1021 N NZ  . LYS A 1 123 ? -18.402 1.556   0.520   1.00 42.66 ? 171 LYS A NZ  1 
ATOM   1022 N N   . GLN A 1 124 ? -12.101 -0.741  4.255   1.00 22.05 ? 172 GLN A N   1 
ATOM   1023 C CA  . GLN A 1 124 ? -11.034 -1.705  4.508   1.00 21.61 ? 172 GLN A CA  1 
ATOM   1024 C C   . GLN A 1 124 ? -10.658 -1.718  5.997   1.00 21.87 ? 172 GLN A C   1 
ATOM   1025 O O   . GLN A 1 124 ? -9.650  -2.316  6.393   1.00 19.83 ? 172 GLN A O   1 
ATOM   1026 C CB  . GLN A 1 124 ? -9.795  -1.382  3.667   1.00 22.07 ? 172 GLN A CB  1 
ATOM   1027 C CG  . GLN A 1 124 ? -10.031 -1.302  2.157   1.00 24.64 ? 172 GLN A CG  1 
ATOM   1028 C CD  . GLN A 1 124 ? -10.633 -2.565  1.582   1.00 26.68 ? 172 GLN A CD  1 
ATOM   1029 O OE1 . GLN A 1 124 ? -10.102 -3.664  1.760   1.00 30.11 ? 172 GLN A OE1 1 
ATOM   1030 N NE2 . GLN A 1 124 ? -11.745 -2.417  0.882   1.00 28.14 ? 172 GLN A NE2 1 
ATOM   1031 N N   . GLY A 1 125 ? -11.458 -1.039  6.818   1.00 19.44 ? 173 GLY A N   1 
ATOM   1032 C CA  . GLY A 1 125 ? -11.200 -1.037  8.249   1.00 19.67 ? 173 GLY A CA  1 
ATOM   1033 C C   . GLY A 1 125 ? -10.362 0.086   8.841   1.00 19.51 ? 173 GLY A C   1 
ATOM   1034 O O   . GLY A 1 125 ? -10.091 0.086   10.046  1.00 20.29 ? 173 GLY A O   1 
ATOM   1035 N N   . PHE A 1 126 ? -9.942  1.035   8.013   1.00 16.54 ? 174 PHE A N   1 
ATOM   1036 C CA  . PHE A 1 126 ? -9.145  2.156   8.487   1.00 17.08 ? 174 PHE A CA  1 
ATOM   1037 C C   . PHE A 1 126 ? -10.081 3.202   9.105   1.00 18.65 ? 174 PHE A C   1 
ATOM   1038 O O   . PHE A 1 126 ? -11.217 3.364   8.660   1.00 19.97 ? 174 PHE A O   1 
ATOM   1039 C CB  . PHE A 1 126 ? -8.363  2.788   7.325   1.00 14.50 ? 174 PHE A CB  1 
ATOM   1040 C CG  . PHE A 1 126 ? -7.218  1.942   6.813   1.00 13.54 ? 174 PHE A CG  1 
ATOM   1041 C CD1 . PHE A 1 126 ? -7.452  0.718   6.191   1.00 13.89 ? 174 PHE A CD1 1 
ATOM   1042 C CD2 . PHE A 1 126 ? -5.905  2.382   6.937   1.00 10.90 ? 174 PHE A CD2 1 
ATOM   1043 C CE1 . PHE A 1 126 ? -6.394  -0.052  5.700   1.00 14.63 ? 174 PHE A CE1 1 
ATOM   1044 C CE2 . PHE A 1 126 ? -4.843  1.619   6.450   1.00 12.03 ? 174 PHE A CE2 1 
ATOM   1045 C CZ  . PHE A 1 126 ? -5.084  0.404   5.832   1.00 10.55 ? 174 PHE A CZ  1 
ATOM   1046 N N   . THR A 1 127 ? -9.597  3.912   10.121  1.00 18.31 ? 175 THR A N   1 
ATOM   1047 C CA  . THR A 1 127 ? -10.394 4.938   10.790  1.00 20.80 ? 175 THR A CA  1 
ATOM   1048 C C   . THR A 1 127 ? -9.656  6.272   10.849  1.00 21.54 ? 175 THR A C   1 
ATOM   1049 O O   . THR A 1 127 ? -8.431  6.311   10.737  1.00 19.68 ? 175 THR A O   1 
ATOM   1050 C CB  . THR A 1 127 ? -10.725 4.536   12.245  1.00 21.08 ? 175 THR A CB  1 
ATOM   1051 O OG1 . THR A 1 127 ? -9.529  4.583   13.037  1.00 22.61 ? 175 THR A OG1 1 
ATOM   1052 C CG2 . THR A 1 127 ? -11.276 3.125   12.297  1.00 22.77 ? 175 THR A CG2 1 
ATOM   1053 N N   . LYS A 1 128 ? -10.415 7.354   11.031  1.00 23.03 ? 176 LYS A N   1 
ATOM   1054 C CA  . LYS A 1 128 ? -9.860  8.702   11.150  1.00 25.67 ? 176 LYS A CA  1 
ATOM   1055 C C   . LYS A 1 128 ? -9.302  8.912   12.561  1.00 26.88 ? 176 LYS A C   1 
ATOM   1056 O O   . LYS A 1 128 ? -8.339  9.655   12.756  1.00 25.40 ? 176 LYS A O   1 
ATOM   1057 C CB  . LYS A 1 128 ? -10.932 9.757   10.870  1.00 26.67 ? 176 LYS A CB  1 
ATOM   1058 C CG  . LYS A 1 128 ? -11.348 9.874   9.411   1.00 29.68 ? 176 LYS A CG  1 
ATOM   1059 C CD  . LYS A 1 128 ? -12.456 10.912  9.247   1.00 33.32 ? 176 LYS A CD  1 
ATOM   1060 C CE  . LYS A 1 128 ? -12.866 11.084  7.783   1.00 34.40 ? 176 LYS A CE  1 
ATOM   1061 N NZ  . LYS A 1 128 ? -13.873 12.175  7.600   1.00 35.69 ? 176 LYS A NZ  1 
ATOM   1062 N N   . GLU A 1 129 ? -9.924  8.263   13.540  1.00 29.63 ? 177 GLU A N   1 
ATOM   1063 C CA  . GLU A 1 129 ? -9.485  8.355   14.929  1.00 33.17 ? 177 GLU A CA  1 
ATOM   1064 C C   . GLU A 1 129 ? -8.385  7.320   15.137  1.00 34.61 ? 177 GLU A C   1 
ATOM   1065 O O   . GLU A 1 129 ? -8.556  6.154   14.788  1.00 36.73 ? 177 GLU A O   1 
ATOM   1066 C CB  . GLU A 1 129 ? -10.653 8.072   15.879  1.00 35.89 ? 177 GLU A CB  1 
ATOM   1067 C CG  . GLU A 1 129 ? -11.652 9.221   16.005  1.00 42.20 ? 177 GLU A CG  1 
ATOM   1068 C CD  . GLU A 1 129 ? -12.790 8.915   16.974  1.00 46.06 ? 177 GLU A CD  1 
ATOM   1069 O OE1 . GLU A 1 129 ? -12.611 8.034   17.846  1.00 47.24 ? 177 GLU A OE1 1 
ATOM   1070 O OE2 . GLU A 1 129 ? -13.858 9.565   16.874  1.00 47.27 ? 177 GLU A OE2 1 
ATOM   1071 N N   . HIS A 1 130 ? -7.257  7.742   15.697  1.00 34.12 ? 178 HIS A N   1 
ATOM   1072 C CA  . HIS A 1 130 ? -6.143  6.827   15.919  1.00 35.84 ? 178 HIS A CA  1 
ATOM   1073 C C   . HIS A 1 130 ? -6.061  6.379   17.367  1.00 36.42 ? 178 HIS A C   1 
ATOM   1074 O O   . HIS A 1 130 ? -6.151  7.196   18.282  1.00 37.72 ? 178 HIS A O   1 
ATOM   1075 C CB  . HIS A 1 130 ? -4.820  7.497   15.541  1.00 34.93 ? 178 HIS A CB  1 
ATOM   1076 C CG  . HIS A 1 130 ? -4.820  8.119   14.181  1.00 33.83 ? 178 HIS A CG  1 
ATOM   1077 N ND1 . HIS A 1 130 ? -3.760  8.858   13.704  1.00 34.12 ? 178 HIS A ND1 1 
ATOM   1078 C CD2 . HIS A 1 130 ? -5.755  8.125   13.201  1.00 34.27 ? 178 HIS A CD2 1 
ATOM   1079 C CE1 . HIS A 1 130 ? -4.042  9.293   12.490  1.00 35.17 ? 178 HIS A CE1 1 
ATOM   1080 N NE2 . HIS A 1 130 ? -5.246  8.861   12.160  1.00 33.08 ? 178 HIS A NE2 1 
ATOM   1081 N N   . ARG A 1 131 ? -5.888  5.080   17.578  1.00 36.99 ? 179 ARG A N   1 
ATOM   1082 C CA  . ARG A 1 131 ? -5.769  4.572   18.932  1.00 38.80 ? 179 ARG A CA  1 
ATOM   1083 C C   . ARG A 1 131 ? -4.278  4.432   19.195  1.00 38.97 ? 179 ARG A C   1 
ATOM   1084 O O   . ARG A 1 131 ? -3.848  4.178   20.316  1.00 40.41 ? 179 ARG A O   1 
ATOM   1085 C CB  . ARG A 1 131 ? -6.502  3.229   19.086  1.00 39.68 ? 179 ARG A CB  1 
ATOM   1086 C CG  . ARG A 1 131 ? -5.706  1.972   18.769  1.00 40.55 ? 179 ARG A CG  1 
ATOM   1087 C CD  . ARG A 1 131 ? -6.593  0.738   18.961  1.00 42.36 ? 179 ARG A CD  1 
ATOM   1088 N NE  . ARG A 1 131 ? -7.588  0.616   17.895  1.00 43.53 ? 179 ARG A NE  1 
ATOM   1089 C CZ  . ARG A 1 131 ? -8.765  0.010   18.023  1.00 44.54 ? 179 ARG A CZ  1 
ATOM   1090 N NH1 . ARG A 1 131 ? -9.118  -0.537  19.180  1.00 45.41 ? 179 ARG A NH1 1 
ATOM   1091 N NH2 . ARG A 1 131 ? -9.592  -0.055  16.984  1.00 43.42 ? 179 ARG A NH2 1 
ATOM   1092 N N   . MET A 1 132 ? -3.497  4.621   18.137  1.00 39.07 ? 180 MET A N   1 
ATOM   1093 C CA  . MET A 1 132 ? -2.045  4.549   18.211  1.00 40.55 ? 180 MET A CA  1 
ATOM   1094 C C   . MET A 1 132 ? -1.483  5.886   18.677  1.00 42.12 ? 180 MET A C   1 
ATOM   1095 O O   . MET A 1 132 ? -1.833  6.938   18.139  1.00 41.53 ? 180 MET A O   1 
ATOM   1096 C CB  . MET A 1 132 ? -1.459  4.223   16.839  1.00 40.50 ? 180 MET A CB  1 
ATOM   1097 C CG  . MET A 1 132 ? 0.017   4.557   16.717  1.00 41.08 ? 180 MET A CG  1 
ATOM   1098 S SD  . MET A 1 132 ? 0.637   4.476   15.032  1.00 41.16 ? 180 MET A SD  1 
ATOM   1099 C CE  . MET A 1 132 ? 1.817   3.144   15.184  1.00 41.65 ? 180 MET A CE  1 
ATOM   1100 N N   . PRO A 1 133 ? -0.594  5.862   19.680  1.00 44.03 ? 181 PRO A N   1 
ATOM   1101 C CA  . PRO A 1 133 ? 0.000   7.102   20.189  1.00 45.17 ? 181 PRO A CA  1 
ATOM   1102 C C   . PRO A 1 133 ? 0.606   7.930   19.056  1.00 46.03 ? 181 PRO A C   1 
ATOM   1103 O O   . PRO A 1 133 ? 1.458   7.450   18.305  1.00 45.33 ? 181 PRO A O   1 
ATOM   1104 C CB  . PRO A 1 133 ? 1.052   6.601   21.174  1.00 44.96 ? 181 PRO A CB  1 
ATOM   1105 C CG  . PRO A 1 133 ? 0.430   5.339   21.702  1.00 45.77 ? 181 PRO A CG  1 
ATOM   1106 C CD  . PRO A 1 133 ? -0.109  4.695   20.440  1.00 44.61 ? 181 PRO A CD  1 
ATOM   1107 N N   . GLN A 1 134 ? 0.153   9.174   18.946  1.00 47.05 ? 182 GLN A N   1 
ATOM   1108 C CA  . GLN A 1 134 ? 0.618   10.096  17.914  1.00 48.68 ? 182 GLN A CA  1 
ATOM   1109 C C   . GLN A 1 134 ? 2.139   10.231  17.874  1.00 49.33 ? 182 GLN A C   1 
ATOM   1110 O O   . GLN A 1 134 ? 2.740   10.277  16.800  1.00 48.55 ? 182 GLN A O   1 
ATOM   1111 C CB  . GLN A 1 134 ? 0.001   11.471  18.151  1.00 49.37 ? 182 GLN A CB  1 
ATOM   1112 C CG  . GLN A 1 134 ? 0.388   12.519  17.139  1.00 51.28 ? 182 GLN A CG  1 
ATOM   1113 C CD  . GLN A 1 134 ? -0.006  13.905  17.593  1.00 52.42 ? 182 GLN A CD  1 
ATOM   1114 O OE1 . GLN A 1 134 ? 0.499   14.407  18.600  1.00 53.35 ? 182 GLN A OE1 1 
ATOM   1115 N NE2 . GLN A 1 134 ? -0.919  14.533  16.859  1.00 52.95 ? 182 GLN A NE2 1 
ATOM   1116 N N   . GLU A 1 135 ? 2.754   10.297  19.052  1.00 50.41 ? 183 GLU A N   1 
ATOM   1117 C CA  . GLU A 1 135 ? 4.200   10.440  19.160  1.00 50.10 ? 183 GLU A CA  1 
ATOM   1118 C C   . GLU A 1 135 ? 4.972   9.202   18.710  1.00 48.47 ? 183 GLU A C   1 
ATOM   1119 O O   . GLU A 1 135 ? 6.202   9.183   18.745  1.00 48.79 ? 183 GLU A O   1 
ATOM   1120 C CB  . GLU A 1 135 ? 4.597   10.798  20.599  1.00 52.49 ? 183 GLU A CB  1 
ATOM   1121 C CG  . GLU A 1 135 ? 4.195   9.776   21.658  1.00 55.87 ? 183 GLU A CG  1 
ATOM   1122 C CD  . GLU A 1 135 ? 2.738   9.889   22.080  1.00 57.58 ? 183 GLU A CD  1 
ATOM   1123 O OE1 . GLU A 1 135 ? 2.318   9.117   22.972  1.00 58.68 ? 183 GLU A OE1 1 
ATOM   1124 O OE2 . GLU A 1 135 ? 2.012   10.746  21.527  1.00 58.92 ? 183 GLU A OE2 1 
ATOM   1125 N N   . LYS A 1 136 ? 4.257   8.166   18.288  1.00 46.35 ? 184 LYS A N   1 
ATOM   1126 C CA  . LYS A 1 136 ? 4.920   6.957   17.826  1.00 43.42 ? 184 LYS A CA  1 
ATOM   1127 C C   . LYS A 1 136 ? 5.301   7.105   16.356  1.00 40.86 ? 184 LYS A C   1 
ATOM   1128 O O   . LYS A 1 136 ? 6.370   6.659   15.945  1.00 41.50 ? 184 LYS A O   1 
ATOM   1129 C CB  . LYS A 1 136 ? 4.016   5.736   18.005  1.00 45.63 ? 184 LYS A CB  1 
ATOM   1130 C CG  . LYS A 1 136 ? 3.556   5.500   19.439  1.00 48.54 ? 184 LYS A CG  1 
ATOM   1131 C CD  . LYS A 1 136 ? 4.725   5.315   20.397  1.00 48.57 ? 184 LYS A CD  1 
ATOM   1132 C CE  . LYS A 1 136 ? 4.230   5.087   21.818  1.00 50.42 ? 184 LYS A CE  1 
ATOM   1133 N NZ  . LYS A 1 136 ? 5.343   4.910   22.792  1.00 49.49 ? 184 LYS A NZ  1 
ATOM   1134 N N   . TRP A 1 137 ? 4.431   7.728   15.562  1.00 37.02 ? 185 TRP A N   1 
ATOM   1135 C CA  . TRP A 1 137 ? 4.730   7.916   14.143  1.00 33.99 ? 185 TRP A CA  1 
ATOM   1136 C C   . TRP A 1 137 ? 5.378   9.257   13.861  1.00 33.23 ? 185 TRP A C   1 
ATOM   1137 O O   . TRP A 1 137 ? 6.065   9.417   12.855  1.00 32.36 ? 185 TRP A O   1 
ATOM   1138 C CB  . TRP A 1 137 ? 3.476   7.775   13.272  1.00 29.59 ? 185 TRP A CB  1 
ATOM   1139 C CG  . TRP A 1 137 ? 2.333   8.698   13.601  1.00 27.51 ? 185 TRP A CG  1 
ATOM   1140 C CD1 . TRP A 1 137 ? 1.241   8.408   14.374  1.00 24.83 ? 185 TRP A CD1 1 
ATOM   1141 C CD2 . TRP A 1 137 ? 2.130   10.030  13.112  1.00 26.41 ? 185 TRP A CD2 1 
ATOM   1142 N NE1 . TRP A 1 137 ? 0.370   9.468   14.384  1.00 24.43 ? 185 TRP A NE1 1 
ATOM   1143 C CE2 . TRP A 1 137 ? 0.886   10.476  13.615  1.00 25.21 ? 185 TRP A CE2 1 
ATOM   1144 C CE3 . TRP A 1 137 ? 2.870   10.885  12.284  1.00 25.67 ? 185 TRP A CE3 1 
ATOM   1145 C CZ2 . TRP A 1 137 ? 0.374   11.745  13.331  1.00 25.35 ? 185 TRP A CZ2 1 
ATOM   1146 C CZ3 . TRP A 1 137 ? 2.358   12.149  12.001  1.00 25.36 ? 185 TRP A CZ3 1 
ATOM   1147 C CH2 . TRP A 1 137 ? 1.119   12.563  12.518  1.00 24.62 ? 185 TRP A CH2 1 
ATOM   1148 N N   . LYS A 1 138 ? 5.167   10.217  14.754  1.00 34.11 ? 186 LYS A N   1 
ATOM   1149 C CA  . LYS A 1 138 ? 5.736   11.546  14.578  1.00 36.06 ? 186 LYS A CA  1 
ATOM   1150 C C   . LYS A 1 138 ? 7.251   11.431  14.452  1.00 35.29 ? 186 LYS A C   1 
ATOM   1151 O O   . LYS A 1 138 ? 7.901   10.777  15.264  1.00 35.20 ? 186 LYS A O   1 
ATOM   1152 C CB  . LYS A 1 138 ? 5.362   12.441  15.760  1.00 38.23 ? 186 LYS A CB  1 
ATOM   1153 C CG  . LYS A 1 138 ? 5.570   13.927  15.505  1.00 42.42 ? 186 LYS A CG  1 
ATOM   1154 C CD  . LYS A 1 138 ? 4.922   14.778  16.599  1.00 43.88 ? 186 LYS A CD  1 
ATOM   1155 C CE  . LYS A 1 138 ? 5.159   16.268  16.368  1.00 43.84 ? 186 LYS A CE  1 
ATOM   1156 N NZ  . LYS A 1 138 ? 6.604   16.622  16.414  1.00 44.81 ? 186 LYS A NZ  1 
ATOM   1157 N N   . GLY A 1 139 ? 7.808   12.054  13.421  1.00 34.00 ? 187 GLY A N   1 
ATOM   1158 C CA  . GLY A 1 139 ? 9.241   11.985  13.220  1.00 35.92 ? 187 GLY A CA  1 
ATOM   1159 C C   . GLY A 1 139 ? 9.628   10.891  12.242  1.00 36.78 ? 187 GLY A C   1 
ATOM   1160 O O   . GLY A 1 139 ? 10.750  10.874  11.736  1.00 37.71 ? 187 GLY A O   1 
ATOM   1161 N N   . TYR A 1 140 ? 8.704   9.968   11.985  1.00 36.56 ? 188 TYR A N   1 
ATOM   1162 C CA  . TYR A 1 140 ? 8.952   8.882   11.041  1.00 36.07 ? 188 TYR A CA  1 
ATOM   1163 C C   . TYR A 1 140 ? 8.049   9.081   9.837   1.00 35.37 ? 188 TYR A C   1 
ATOM   1164 O O   . TYR A 1 140 ? 8.485   8.974   8.692   1.00 34.92 ? 188 TYR A O   1 
ATOM   1165 C CB  . TYR A 1 140 ? 8.663   7.522   11.681  1.00 37.07 ? 188 TYR A CB  1 
ATOM   1166 C CG  . TYR A 1 140 ? 9.509   7.228   12.896  1.00 37.43 ? 188 TYR A CG  1 
ATOM   1167 C CD1 . TYR A 1 140 ? 9.079   7.588   14.173  1.00 37.94 ? 188 TYR A CD1 1 
ATOM   1168 C CD2 . TYR A 1 140 ? 10.749  6.608   12.769  1.00 37.80 ? 188 TYR A CD2 1 
ATOM   1169 C CE1 . TYR A 1 140 ? 9.866   7.335   15.293  1.00 38.60 ? 188 TYR A CE1 1 
ATOM   1170 C CE2 . TYR A 1 140 ? 11.545  6.353   13.880  1.00 39.19 ? 188 TYR A CE2 1 
ATOM   1171 C CZ  . TYR A 1 140 ? 11.096  6.719   15.138  1.00 39.39 ? 188 TYR A CZ  1 
ATOM   1172 O OH  . TYR A 1 140 ? 11.879  6.463   16.242  1.00 41.15 ? 188 TYR A OH  1 
ATOM   1173 N N   . ILE A 1 141 ? 6.781   9.371   10.106  1.00 34.72 ? 189 ILE A N   1 
ATOM   1174 C CA  . ILE A 1 141 ? 5.807   9.614   9.048   1.00 35.14 ? 189 ILE A CA  1 
ATOM   1175 C C   . ILE A 1 141 ? 5.566   11.116  8.939   1.00 34.98 ? 189 ILE A C   1 
ATOM   1176 O O   . ILE A 1 141 ? 5.174   11.759  9.911   1.00 34.52 ? 189 ILE A O   1 
ATOM   1177 C CB  . ILE A 1 141 ? 4.477   8.889   9.349   1.00 35.67 ? 189 ILE A CB  1 
ATOM   1178 C CG1 . ILE A 1 141 ? 4.655   7.389   9.106   1.00 36.65 ? 189 ILE A CG1 1 
ATOM   1179 C CG2 . ILE A 1 141 ? 3.363   9.448   8.495   1.00 35.76 ? 189 ILE A CG2 1 
ATOM   1180 C CD1 . ILE A 1 141 ? 3.389   6.594   9.248   1.00 37.88 ? 189 ILE A CD1 1 
ATOM   1181 N N   . LYS A 1 142 ? 5.819   11.673  7.760   1.00 34.98 ? 190 LYS A N   1 
ATOM   1182 C CA  . LYS A 1 142 ? 5.632   13.103  7.549   1.00 35.35 ? 190 LYS A CA  1 
ATOM   1183 C C   . LYS A 1 142 ? 4.212   13.499  7.946   1.00 34.45 ? 190 LYS A C   1 
ATOM   1184 O O   . LYS A 1 142 ? 3.256   12.779  7.669   1.00 33.02 ? 190 LYS A O   1 
ATOM   1185 C CB  . LYS A 1 142 ? 5.906   13.467  6.085   1.00 36.17 ? 190 LYS A CB  1 
ATOM   1186 C CG  . LYS A 1 142 ? 6.696   14.762  5.916   1.00 37.96 ? 190 LYS A CG  1 
ATOM   1187 C CD  . LYS A 1 142 ? 7.100   14.987  4.465   1.00 40.68 ? 190 LYS A CD  1 
ATOM   1188 C CE  . LYS A 1 142 ? 8.111   16.119  4.318   1.00 40.94 ? 190 LYS A CE  1 
ATOM   1189 N NZ  . LYS A 1 142 ? 7.609   17.428  4.823   1.00 43.12 ? 190 LYS A NZ  1 
ATOM   1190 N N   . ASP A 1 143 ? 4.092   14.646  8.605   1.00 33.87 ? 191 ASP A N   1 
ATOM   1191 C CA  . ASP A 1 143 ? 2.808   15.157  9.077   1.00 34.82 ? 191 ASP A CA  1 
ATOM   1192 C C   . ASP A 1 143 ? 2.264   16.203  8.104   1.00 33.96 ? 191 ASP A C   1 
ATOM   1193 O O   . ASP A 1 143 ? 2.734   17.339  8.084   1.00 34.45 ? 191 ASP A O   1 
ATOM   1194 C CB  . ASP A 1 143 ? 3.001   15.785  10.467  1.00 35.69 ? 191 ASP A CB  1 
ATOM   1195 C CG  . ASP A 1 143 ? 1.696   16.179  11.129  1.00 36.62 ? 191 ASP A CG  1 
ATOM   1196 O OD1 . ASP A 1 143 ? 1.757   16.787  12.213  1.00 38.83 ? 191 ASP A OD1 1 
ATOM   1197 O OD2 . ASP A 1 143 ? 0.613   15.882  10.580  1.00 36.96 ? 191 ASP A OD2 1 
ATOM   1198 N N   . TYR A 1 144 ? 1.283   15.829  7.293   1.00 33.37 ? 192 TYR A N   1 
ATOM   1199 C CA  . TYR A 1 144 ? 0.716   16.775  6.335   1.00 34.74 ? 192 TYR A CA  1 
ATOM   1200 C C   . TYR A 1 144 ? -0.645  17.299  6.788   1.00 35.04 ? 192 TYR A C   1 
ATOM   1201 O O   . TYR A 1 144 ? -1.564  16.519  7.055   1.00 34.38 ? 192 TYR A O   1 
ATOM   1202 C CB  . TYR A 1 144 ? 0.560   16.131  4.953   1.00 34.45 ? 192 TYR A CB  1 
ATOM   1203 C CG  . TYR A 1 144 ? 1.832   15.579  4.332   1.00 35.12 ? 192 TYR A CG  1 
ATOM   1204 C CD1 . TYR A 1 144 ? 2.140   14.220  4.419   1.00 35.06 ? 192 TYR A CD1 1 
ATOM   1205 C CD2 . TYR A 1 144 ? 2.705   16.410  3.621   1.00 35.13 ? 192 TYR A CD2 1 
ATOM   1206 C CE1 . TYR A 1 144 ? 3.281   13.695  3.806   1.00 34.54 ? 192 TYR A CE1 1 
ATOM   1207 C CE2 . TYR A 1 144 ? 3.848   15.896  3.004   1.00 34.76 ? 192 TYR A CE2 1 
ATOM   1208 C CZ  . TYR A 1 144 ? 4.129   14.536  3.099   1.00 35.19 ? 192 TYR A CZ  1 
ATOM   1209 O OH  . TYR A 1 144 ? 5.240   14.016  2.471   1.00 33.57 ? 192 TYR A OH  1 
ATOM   1210 N N   . ASP A 1 145 ? -0.776  18.621  6.860   1.00 35.09 ? 193 ASP A N   1 
ATOM   1211 C CA  . ASP A 1 145 ? -2.032  19.233  7.272   1.00 34.96 ? 193 ASP A CA  1 
ATOM   1212 C C   . ASP A 1 145 ? -3.102  19.025  6.206   1.00 34.56 ? 193 ASP A C   1 
ATOM   1213 O O   . ASP A 1 145 ? -4.282  18.877  6.521   1.00 34.48 ? 193 ASP A O   1 
ATOM   1214 C CB  . ASP A 1 145 ? -1.841  20.736  7.528   1.00 37.92 ? 193 ASP A CB  1 
ATOM   1215 C CG  . ASP A 1 145 ? -0.915  21.021  8.705   1.00 40.12 ? 193 ASP A CG  1 
ATOM   1216 O OD1 . ASP A 1 145 ? -1.215  20.566  9.829   1.00 42.12 ? 193 ASP A OD1 1 
ATOM   1217 O OD2 . ASP A 1 145 ? 0.111   21.703  8.508   1.00 42.13 ? 193 ASP A OD2 1 
ATOM   1218 N N   . GLY A 1 146 ? -2.682  18.994  4.943   1.00 33.13 ? 194 GLY A N   1 
ATOM   1219 C CA  . GLY A 1 146 ? -3.628  18.824  3.851   1.00 32.17 ? 194 GLY A CA  1 
ATOM   1220 C C   . GLY A 1 146 ? -4.143  17.419  3.588   1.00 31.33 ? 194 GLY A C   1 
ATOM   1221 O O   . GLY A 1 146 ? -4.868  17.194  2.622   1.00 31.47 ? 194 GLY A O   1 
ATOM   1222 N N   . GLY A 1 147 ? -3.780  16.463  4.430   1.00 30.44 ? 195 GLY A N   1 
ATOM   1223 C CA  . GLY A 1 147 ? -4.252  15.111  4.208   1.00 30.43 ? 195 GLY A CA  1 
ATOM   1224 C C   . GLY A 1 147 ? -4.862  14.497  5.448   1.00 28.44 ? 195 GLY A C   1 
ATOM   1225 O O   . GLY A 1 147 ? -4.542  14.890  6.565   1.00 29.76 ? 195 GLY A O   1 
ATOM   1226 N N   . THR A 1 148 ? -5.749  13.531  5.252   1.00 26.31 ? 196 THR A N   1 
ATOM   1227 C CA  . THR A 1 148 ? -6.381  12.852  6.376   1.00 23.54 ? 196 THR A CA  1 
ATOM   1228 C C   . THR A 1 148 ? -5.559  11.607  6.700   1.00 21.17 ? 196 THR A C   1 
ATOM   1229 O O   . THR A 1 148 ? -5.439  10.699  5.876   1.00 19.34 ? 196 THR A O   1 
ATOM   1230 C CB  . THR A 1 148 ? -7.828  12.420  6.028   1.00 24.64 ? 196 THR A CB  1 
ATOM   1231 O OG1 . THR A 1 148 ? -8.613  13.573  5.697   1.00 24.40 ? 196 THR A OG1 1 
ATOM   1232 C CG2 . THR A 1 148 ? -8.466  11.700  7.205   1.00 23.83 ? 196 THR A CG2 1 
ATOM   1233 N N   . LEU A 1 149 ? -4.976  11.567  7.892   1.00 19.10 ? 197 LEU A N   1 
ATOM   1234 C CA  . LEU A 1 149 ? -4.189  10.409  8.279   1.00 17.82 ? 197 LEU A CA  1 
ATOM   1235 C C   . LEU A 1 149 ? -5.134  9.340   8.812   1.00 17.60 ? 197 LEU A C   1 
ATOM   1236 O O   . LEU A 1 149 ? -5.884  9.581   9.760   1.00 17.28 ? 197 LEU A O   1 
ATOM   1237 C CB  . LEU A 1 149 ? -3.162  10.776  9.353   1.00 17.41 ? 197 LEU A CB  1 
ATOM   1238 C CG  . LEU A 1 149 ? -2.196  9.632   9.685   1.00 18.95 ? 197 LEU A CG  1 
ATOM   1239 C CD1 . LEU A 1 149 ? -1.507  9.141   8.420   1.00 17.10 ? 197 LEU A CD1 1 
ATOM   1240 C CD2 . LEU A 1 149 ? -1.177  10.110  10.697  1.00 18.22 ? 197 LEU A CD2 1 
ATOM   1241 N N   . MET A 1 150 ? -5.112  8.170   8.187   1.00 16.63 ? 198 MET A N   1 
ATOM   1242 C CA  . MET A 1 150 ? -5.977  7.076   8.611   1.00 18.48 ? 198 MET A CA  1 
ATOM   1243 C C   . MET A 1 150 ? -5.174  5.887   9.102   1.00 17.81 ? 198 MET A C   1 
ATOM   1244 O O   . MET A 1 150 ? -4.056  5.656   8.644   1.00 18.98 ? 198 MET A O   1 
ATOM   1245 C CB  . MET A 1 150 ? -6.879  6.653   7.461   1.00 18.51 ? 198 MET A CB  1 
ATOM   1246 C CG  . MET A 1 150 ? -7.699  7.796   6.922   1.00 21.06 ? 198 MET A CG  1 
ATOM   1247 S SD  . MET A 1 150 ? -8.924  7.203   5.800   1.00 25.07 ? 198 MET A SD  1 
ATOM   1248 C CE  . MET A 1 150 ? -10.179 6.637   6.964   1.00 20.77 ? 198 MET A CE  1 
ATOM   1249 N N   . GLU A 1 151 ? -5.744  5.123   10.029  1.00 18.66 ? 199 GLU A N   1 
ATOM   1250 C CA  . GLU A 1 151 ? -5.035  3.973   10.566  1.00 17.84 ? 199 GLU A CA  1 
ATOM   1251 C C   . GLU A 1 151 ? -5.888  2.727   10.691  1.00 16.83 ? 199 GLU A C   1 
ATOM   1252 O O   . GLU A 1 151 ? -7.096  2.797   10.917  1.00 17.36 ? 199 GLU A O   1 
ATOM   1253 C CB  . GLU A 1 151 ? -4.456  4.296   11.949  1.00 20.19 ? 199 GLU A CB  1 
ATOM   1254 C CG  . GLU A 1 151 ? -5.485  4.271   13.051  1.00 23.05 ? 199 GLU A CG  1 
ATOM   1255 C CD  . GLU A 1 151 ? -4.898  3.996   14.427  1.00 24.81 ? 199 GLU A CD  1 
ATOM   1256 O OE1 . GLU A 1 151 ? -5.676  3.594   15.318  1.00 23.19 ? 199 GLU A OE1 1 
ATOM   1257 O OE2 . GLU A 1 151 ? -3.678  4.184   14.626  1.00 25.57 ? 199 GLU A OE2 1 
ATOM   1258 N N   . CYS A 1 152 ? -5.243  1.576   10.546  1.00 14.68 ? 200 CYS A N   1 
ATOM   1259 C CA  . CYS A 1 152 ? -5.924  0.303   10.689  1.00 13.81 ? 200 CYS A CA  1 
ATOM   1260 C C   . CYS A 1 152 ? -5.150  -0.513  11.705  1.00 14.70 ? 200 CYS A C   1 
ATOM   1261 O O   . CYS A 1 152 ? -3.957  -0.755  11.547  1.00 14.19 ? 200 CYS A O   1 
ATOM   1262 C CB  . CYS A 1 152 ? -5.974  -0.460  9.370   1.00 12.87 ? 200 CYS A CB  1 
ATOM   1263 S SG  . CYS A 1 152 ? -6.873  -2.032  9.516   1.00 15.30 ? 200 CYS A SG  1 
ATOM   1264 N N   . TYR A 1 153 ? -5.838  -0.921  12.759  1.00 15.15 ? 201 TYR A N   1 
ATOM   1265 C CA  . TYR A 1 153 ? -5.233  -1.710  13.812  1.00 15.44 ? 201 TYR A CA  1 
ATOM   1266 C C   . TYR A 1 153 ? -5.154  -3.151  13.338  1.00 15.02 ? 201 TYR A C   1 
ATOM   1267 O O   . TYR A 1 153 ? -6.119  -3.689  12.810  1.00 14.80 ? 201 TYR A O   1 
ATOM   1268 C CB  . TYR A 1 153 ? -6.089  -1.620  15.078  1.00 16.39 ? 201 TYR A CB  1 
ATOM   1269 C CG  . TYR A 1 153 ? -5.606  -2.481  16.221  1.00 17.13 ? 201 TYR A CG  1 
ATOM   1270 C CD1 . TYR A 1 153 ? -4.306  -2.375  16.698  1.00 17.09 ? 201 TYR A CD1 1 
ATOM   1271 C CD2 . TYR A 1 153 ? -6.460  -3.390  16.838  1.00 18.86 ? 201 TYR A CD2 1 
ATOM   1272 C CE1 . TYR A 1 153 ? -3.867  -3.152  17.766  1.00 17.82 ? 201 TYR A CE1 1 
ATOM   1273 C CE2 . TYR A 1 153 ? -6.032  -4.170  17.904  1.00 19.95 ? 201 TYR A CE2 1 
ATOM   1274 C CZ  . TYR A 1 153 ? -4.738  -4.045  18.362  1.00 18.76 ? 201 TYR A CZ  1 
ATOM   1275 O OH  . TYR A 1 153 ? -4.320  -4.815  19.419  1.00 22.93 ? 201 TYR A OH  1 
ATOM   1276 N N   . ILE A 1 154 ? -3.994  -3.766  13.513  1.00 13.89 ? 202 ILE A N   1 
ATOM   1277 C CA  . ILE A 1 154 ? -3.810  -5.152  13.121  1.00 14.23 ? 202 ILE A CA  1 
ATOM   1278 C C   . ILE A 1 154 ? -3.718  -5.976  14.396  1.00 14.22 ? 202 ILE A C   1 
ATOM   1279 O O   . ILE A 1 154 ? -2.684  -6.002  15.045  1.00 12.45 ? 202 ILE A O   1 
ATOM   1280 C CB  . ILE A 1 154 ? -2.514  -5.352  12.311  1.00 14.62 ? 202 ILE A CB  1 
ATOM   1281 C CG1 . ILE A 1 154 ? -2.563  -4.522  11.030  1.00 12.42 ? 202 ILE A CG1 1 
ATOM   1282 C CG2 . ILE A 1 154 ? -2.321  -6.835  12.006  1.00 14.43 ? 202 ILE A CG2 1 
ATOM   1283 C CD1 . ILE A 1 154 ? -3.699  -4.877  10.098  1.00 14.14 ? 202 ILE A CD1 1 
ATOM   1284 N N   . HIS A 1 155 ? -4.817  -6.626  14.759  1.00 16.22 ? 203 HIS A N   1 
ATOM   1285 C CA  . HIS A 1 155 ? -4.871  -7.457  15.953  1.00 17.30 ? 203 HIS A CA  1 
ATOM   1286 C C   . HIS A 1 155 ? -4.077  -8.747  15.719  1.00 18.46 ? 203 HIS A C   1 
ATOM   1287 O O   . HIS A 1 155 ? -4.238  -9.402  14.687  1.00 18.15 ? 203 HIS A O   1 
ATOM   1288 C CB  . HIS A 1 155 ? -6.318  -7.808  16.278  1.00 19.30 ? 203 HIS A CB  1 
ATOM   1289 C CG  . HIS A 1 155 ? -6.470  -8.570  17.552  1.00 18.98 ? 203 HIS A CG  1 
ATOM   1290 N ND1 . HIS A 1 155 ? -6.683  -7.952  18.763  1.00 23.86 ? 203 HIS A ND1 1 
ATOM   1291 C CD2 . HIS A 1 155 ? -6.380  -9.894  17.816  1.00 19.73 ? 203 HIS A CD2 1 
ATOM   1292 C CE1 . HIS A 1 155 ? -6.717  -8.862  19.719  1.00 22.18 ? 203 HIS A CE1 1 
ATOM   1293 N NE2 . HIS A 1 155 ? -6.536  -10.049 19.171  1.00 22.59 ? 203 HIS A NE2 1 
ATOM   1294 N N   . PRO A 1 156 ? -3.234  -9.143  16.688  1.00 18.54 ? 204 PRO A N   1 
ATOM   1295 C CA  . PRO A 1 156 ? -2.418  -10.354 16.567  1.00 19.53 ? 204 PRO A CA  1 
ATOM   1296 C C   . PRO A 1 156 ? -3.107  -11.653 16.157  1.00 21.50 ? 204 PRO A C   1 
ATOM   1297 O O   . PRO A 1 156 ? -2.459  -12.536 15.589  1.00 23.39 ? 204 PRO A O   1 
ATOM   1298 C CB  . PRO A 1 156 ? -1.739  -10.457 17.931  1.00 18.39 ? 204 PRO A CB  1 
ATOM   1299 C CG  . PRO A 1 156 ? -2.691  -9.763  18.848  1.00 17.97 ? 204 PRO A CG  1 
ATOM   1300 C CD  . PRO A 1 156 ? -3.095  -8.564  18.033  1.00 19.23 ? 204 PRO A CD  1 
ATOM   1301 N N   . TYR A 1 157 ? -4.395  -11.806 16.440  1.00 21.23 ? 205 TYR A N   1 
ATOM   1302 C CA  . TYR A 1 157 ? -5.030  -13.048 16.023  1.00 22.34 ? 205 TYR A CA  1 
ATOM   1303 C C   . TYR A 1 157 ? -6.455  -12.961 15.513  1.00 21.52 ? 205 TYR A C   1 
ATOM   1304 O O   . TYR A 1 157 ? -7.309  -13.772 15.859  1.00 20.20 ? 205 TYR A O   1 
ATOM   1305 C CB  . TYR A 1 157 ? -4.901  -14.137 17.106  1.00 24.63 ? 205 TYR A CB  1 
ATOM   1306 C CG  . TYR A 1 157 ? -5.219  -13.725 18.515  1.00 25.71 ? 205 TYR A CG  1 
ATOM   1307 C CD1 . TYR A 1 157 ? -6.528  -13.743 18.993  1.00 27.78 ? 205 TYR A CD1 1 
ATOM   1308 C CD2 . TYR A 1 157 ? -4.205  -13.320 19.378  1.00 28.27 ? 205 TYR A CD2 1 
ATOM   1309 C CE1 . TYR A 1 157 ? -6.815  -13.370 20.301  1.00 28.34 ? 205 TYR A CE1 1 
ATOM   1310 C CE2 . TYR A 1 157 ? -4.479  -12.941 20.681  1.00 28.57 ? 205 TYR A CE2 1 
ATOM   1311 C CZ  . TYR A 1 157 ? -5.782  -12.970 21.136  1.00 28.80 ? 205 TYR A CZ  1 
ATOM   1312 O OH  . TYR A 1 157 ? -6.042  -12.604 22.431  1.00 31.11 ? 205 TYR A OH  1 
ATOM   1313 N N   . VAL A 1 158 ? -6.688  -11.949 14.690  1.00 21.31 ? 206 VAL A N   1 
ATOM   1314 C CA  . VAL A 1 158 ? -7.956  -11.752 14.019  1.00 21.44 ? 206 VAL A CA  1 
ATOM   1315 C C   . VAL A 1 158 ? -7.585  -12.279 12.642  1.00 24.00 ? 206 VAL A C   1 
ATOM   1316 O O   . VAL A 1 158 ? -6.471  -12.040 12.166  1.00 22.98 ? 206 VAL A O   1 
ATOM   1317 C CB  . VAL A 1 158 ? -8.329  -10.270 13.911  1.00 19.80 ? 206 VAL A CB  1 
ATOM   1318 C CG1 . VAL A 1 158 ? -9.361  -10.073 12.811  1.00 20.41 ? 206 VAL A CG1 1 
ATOM   1319 C CG2 . VAL A 1 158 ? -8.890  -9.785  15.237  1.00 20.25 ? 206 VAL A CG2 1 
ATOM   1320 N N   . ASP A 1 159 ? -8.488  -13.007 12.003  1.00 26.02 ? 207 ASP A N   1 
ATOM   1321 C CA  . ASP A 1 159 ? -8.174  -13.564 10.698  1.00 28.78 ? 207 ASP A CA  1 
ATOM   1322 C C   . ASP A 1 159 ? -8.437  -12.625 9.529   1.00 30.07 ? 207 ASP A C   1 
ATOM   1323 O O   . ASP A 1 159 ? -9.585  -12.408 9.141   1.00 30.26 ? 207 ASP A O   1 
ATOM   1324 C CB  . ASP A 1 159 ? -8.943  -14.866 10.471  1.00 29.85 ? 207 ASP A CB  1 
ATOM   1325 C CG  . ASP A 1 159 ? -8.466  -15.612 9.239   1.00 32.77 ? 207 ASP A CG  1 
ATOM   1326 O OD1 . ASP A 1 159 ? -8.103  -14.946 8.252   1.00 34.34 ? 207 ASP A OD1 1 
ATOM   1327 O OD2 . ASP A 1 159 ? -8.457  -16.858 9.249   1.00 33.93 ? 207 ASP A OD2 1 
ATOM   1328 N N   . TYR A 1 160 ? -7.366  -12.060 8.980   1.00 31.45 ? 208 TYR A N   1 
ATOM   1329 C CA  . TYR A 1 160 ? -7.480  -11.187 7.818   1.00 33.72 ? 208 TYR A CA  1 
ATOM   1330 C C   . TYR A 1 160 ? -6.952  -12.062 6.691   1.00 36.59 ? 208 TYR A C   1 
ATOM   1331 O O   . TYR A 1 160 ? -5.819  -12.542 6.752   1.00 39.34 ? 208 TYR A O   1 
ATOM   1332 C CB  . TYR A 1 160 ? -6.589  -9.943  7.931   1.00 29.85 ? 208 TYR A CB  1 
ATOM   1333 C CG  . TYR A 1 160 ? -6.686  -9.172  9.228   1.00 25.80 ? 208 TYR A CG  1 
ATOM   1334 C CD1 . TYR A 1 160 ? -5.843  -9.466  10.296  1.00 23.69 ? 208 TYR A CD1 1 
ATOM   1335 C CD2 . TYR A 1 160 ? -7.598  -8.122  9.378   1.00 24.82 ? 208 TYR A CD2 1 
ATOM   1336 C CE1 . TYR A 1 160 ? -5.897  -8.736  11.483  1.00 24.42 ? 208 TYR A CE1 1 
ATOM   1337 C CE2 . TYR A 1 160 ? -7.664  -7.381  10.568  1.00 23.05 ? 208 TYR A CE2 1 
ATOM   1338 C CZ  . TYR A 1 160 ? -6.807  -7.697  11.615  1.00 24.03 ? 208 TYR A CZ  1 
ATOM   1339 O OH  . TYR A 1 160 ? -6.853  -6.979  12.795  1.00 25.29 ? 208 TYR A OH  1 
ATOM   1340 N N   . GLY A 1 161 ? -7.760  -12.293 5.671   1.00 38.66 ? 209 GLY A N   1 
ATOM   1341 C CA  . GLY A 1 161 ? -7.286  -13.124 4.587   1.00 42.03 ? 209 GLY A CA  1 
ATOM   1342 C C   . GLY A 1 161 ? -8.410  -13.731 3.791   1.00 43.89 ? 209 GLY A C   1 
ATOM   1343 O O   . GLY A 1 161 ? -9.581  -13.374 4.045   1.00 45.70 ? 209 GLY A O   1 
ATOM   1344 N N   . LYS B 2 10  ? -0.685  8.014   -2.076  1.00 47.78 ? 320 LYS B N   1 
ATOM   1345 C CA  . LYS B 2 10  ? -2.171  7.954   -1.957  1.00 47.36 ? 320 LYS B CA  1 
ATOM   1346 C C   . LYS B 2 10  ? -2.869  9.235   -2.405  1.00 49.24 ? 320 LYS B C   1 
ATOM   1347 O O   . LYS B 2 10  ? -3.662  9.794   -1.659  1.00 50.32 ? 320 LYS B O   1 
ATOM   1348 C CB  . LYS B 2 10  ? -2.566  7.665   -0.510  1.00 45.77 ? 320 LYS B CB  1 
ATOM   1349 C CG  . LYS B 2 10  ? -2.206  6.282   -0.011  1.00 43.76 ? 320 LYS B CG  1 
ATOM   1350 C CD  . LYS B 2 10  ? -3.258  5.272   -0.393  1.00 41.88 ? 320 LYS B CD  1 
ATOM   1351 C CE  . LYS B 2 10  ? -2.624  4.044   -0.973  1.00 40.20 ? 320 LYS B CE  1 
ATOM   1352 N NZ  . LYS B 2 10  ? -1.671  4.484   -2.011  1.00 47.04 ? 320 LYS B NZ  1 
ATOM   1353 N N   . LYS B 2 11  ? -2.614  9.666   -3.637  1.00 49.65 ? 321 LYS B N   1 
ATOM   1354 C CA  . LYS B 2 11  ? -3.216  10.885  -4.179  1.00 50.70 ? 321 LYS B CA  1 
ATOM   1355 C C   . LYS B 2 11  ? -4.748  10.975  -4.242  1.00 53.17 ? 321 LYS B C   1 
ATOM   1356 O O   . LYS B 2 11  ? -5.319  12.003  -3.875  1.00 51.93 ? 321 LYS B O   1 
ATOM   1357 C CB  . LYS B 2 11  ? -2.653  11.150  -5.570  1.00 49.04 ? 321 LYS B CB  1 
ATOM   1358 C CG  . LYS B 2 11  ? -3.177  10.252  -6.653  1.00 47.51 ? 321 LYS B CG  1 
ATOM   1359 C CD  . LYS B 2 11  ? -4.294  10.945  -7.366  1.00 46.64 ? 321 LYS B CD  1 
ATOM   1360 C CE  . LYS B 2 11  ? -4.297  10.555  -8.808  1.00 44.11 ? 321 LYS B CE  1 
ATOM   1361 N NZ  . LYS B 2 11  ? -5.169  11.413  -9.635  1.00 50.19 ? 321 LYS B NZ  1 
ATOM   1362 N N   . PRO B 2 12  ? -5.427  9.890   -4.668  1.00 56.18 ? 322 PRO B N   1 
ATOM   1363 C CA  . PRO B 2 12  ? -6.871  9.740   -4.823  1.00 57.80 ? 322 PRO B CA  1 
ATOM   1364 C C   . PRO B 2 12  ? -7.795  10.927  -4.681  1.00 59.19 ? 322 PRO B C   1 
ATOM   1365 O O   . PRO B 2 12  ? -8.641  10.939  -3.786  1.00 60.99 ? 322 PRO B O   1 
ATOM   1366 C CB  . PRO B 2 12  ? -7.208  8.637   -3.817  1.00 58.53 ? 322 PRO B CB  1 
ATOM   1367 C CG  . PRO B 2 12  ? -5.915  8.327   -3.119  1.00 57.37 ? 322 PRO B CG  1 
ATOM   1368 C CD  . PRO B 2 12  ? -4.932  8.595   -4.199  1.00 57.33 ? 322 PRO B CD  1 
ATOM   1369 N N   . LEU B 2 13  ? -7.669  11.914  -5.561  1.00 60.09 ? 323 LEU B N   1 
ATOM   1370 C CA  . LEU B 2 13  ? -8.561  13.056  -5.476  1.00 60.96 ? 323 LEU B CA  1 
ATOM   1371 C C   . LEU B 2 13  ? -9.762  12.873  -6.395  1.00 62.40 ? 323 LEU B C   1 
ATOM   1372 O O   . LEU B 2 13  ? -9.689  13.093  -7.603  1.00 63.26 ? 323 LEU B O   1 
ATOM   1373 C CB  . LEU B 2 13  ? -7.803  14.361  -5.774  1.00 61.96 ? 323 LEU B CB  1 
ATOM   1374 C CG  . LEU B 2 13  ? -6.628  14.591  -4.812  1.00 61.92 ? 323 LEU B CG  1 
ATOM   1375 C CD1 . LEU B 2 13  ? -6.170  16.043  -4.736  1.00 63.23 ? 323 LEU B CD1 1 
ATOM   1376 C CD2 . LEU B 2 13  ? -7.107  14.170  -3.460  1.00 63.55 ? 323 LEU B CD2 1 
ATOM   1377 N N   . ASP B 2 14  ? -10.869 12.446  -5.795  1.00 63.08 ? 324 ASP B N   1 
ATOM   1378 C CA  . ASP B 2 14  ? -12.122 12.207  -6.501  1.00 63.59 ? 324 ASP B CA  1 
ATOM   1379 C C   . ASP B 2 14  ? -12.002 11.119  -7.568  1.00 63.31 ? 324 ASP B C   1 
ATOM   1380 O O   . ASP B 2 14  ? -12.917 10.938  -8.368  1.00 64.72 ? 324 ASP B O   1 
ATOM   1381 C CB  . ASP B 2 14  ? -12.648 13.508  -7.135  1.00 65.65 ? 324 ASP B CB  1 
ATOM   1382 C CG  . ASP B 2 14  ? -12.219 14.756  -6.371  1.00 67.74 ? 324 ASP B CG  1 
ATOM   1383 O OD1 . ASP B 2 14  ? -12.135 14.714  -5.124  1.00 68.85 ? 324 ASP B OD1 1 
ATOM   1384 O OD2 . ASP B 2 14  ? -11.977 15.790  -7.034  1.00 69.54 ? 324 ASP B OD2 1 
ATOM   1385 N N   . GLY B 2 15  ? -10.881 10.398  -7.572  1.00 63.39 ? 325 GLY B N   1 
ATOM   1386 C CA  . GLY B 2 15  ? -10.655 9.325   -8.535  1.00 63.43 ? 325 GLY B CA  1 
ATOM   1387 C C   . GLY B 2 15  ? -11.886 8.718   -9.192  1.00 63.61 ? 325 GLY B C   1 
ATOM   1388 O O   . GLY B 2 15  ? -11.809 8.346   -10.390 1.00 63.71 ? 325 GLY B O   1 
HETATM 1389 N N1A . COA C 3 .   ? -15.884 1.832   -11.175 1.00 71.61 ? 401 COA A N1A 1 
HETATM 1390 C C2A . COA C 3 .   ? -16.815 1.655   -10.148 1.00 71.33 ? 401 COA A C2A 1 
HETATM 1391 N N3A . COA C 3 .   ? -16.564 1.156   -8.911  1.00 71.34 ? 401 COA A N3A 1 
HETATM 1392 C C4A . COA C 3 .   ? -15.265 0.820   -8.723  1.00 69.93 ? 401 COA A C4A 1 
HETATM 1393 C C5A . COA C 3 .   ? -14.184 0.934   -9.658  1.00 70.12 ? 401 COA A C5A 1 
HETATM 1394 C C6A . COA C 3 .   ? -14.548 1.495   -11.003 1.00 70.95 ? 401 COA A C6A 1 
HETATM 1395 N N6A . COA C 3 .   ? -13.683 1.657   -11.951 1.00 71.49 ? 401 COA A N6A 1 
HETATM 1396 N N7A . COA C 3 .   ? -13.005 0.500   -9.132  1.00 68.82 ? 401 COA A N7A 1 
HETATM 1397 C C8A . COA C 3 .   ? -13.319 0.107   -7.866  1.00 68.33 ? 401 COA A C8A 1 
HETATM 1398 N N9A . COA C 3 .   ? -14.673 0.276   -7.559  1.00 67.73 ? 401 COA A N9A 1 
HETATM 1399 C C1B . COA C 3 .   ? -15.388 -0.023  -6.242  1.00 65.44 ? 401 COA A C1B 1 
HETATM 1400 C C2B . COA C 3 .   ? -16.353 -1.183  -6.341  1.00 65.05 ? 401 COA A C2B 1 
HETATM 1401 O O2B . COA C 3 .   ? -17.500 -0.753  -7.038  1.00 65.60 ? 401 COA A O2B 1 
HETATM 1402 C C3B . COA C 3 .   ? -16.623 -1.537  -4.858  1.00 64.26 ? 401 COA A C3B 1 
HETATM 1403 O O3B . COA C 3 .   ? -17.608 -0.810  -4.227  1.00 67.18 ? 401 COA A O3B 1 
HETATM 1404 P P3B . COA C 3 .   ? -18.043 -1.519  -2.751  1.00 71.40 ? 401 COA A P3B 1 
HETATM 1405 O O7A . COA C 3 .   ? -18.639 -2.959  -3.106  1.00 71.28 ? 401 COA A O7A 1 
HETATM 1406 O O8A . COA C 3 .   ? -19.212 -0.689  -2.045  1.00 71.62 ? 401 COA A O8A 1 
HETATM 1407 O O9A . COA C 3 .   ? -16.746 -1.651  -1.832  1.00 70.61 ? 401 COA A O9A 1 
HETATM 1408 C C4B . COA C 3 .   ? -15.208 -1.438  -4.288  1.00 61.28 ? 401 COA A C4B 1 
HETATM 1409 O O4B . COA C 3 .   ? -14.454 -0.503  -5.217  1.00 63.06 ? 401 COA A O4B 1 
HETATM 1410 C C5B . COA C 3 .   ? -14.531 -2.788  -4.154  1.00 55.03 ? 401 COA A C5B 1 
HETATM 1411 O O5B . COA C 3 .   ? -13.236 -2.669  -4.751  1.00 45.61 ? 401 COA A O5B 1 
HETATM 1412 P P1A . COA C 3 .   ? -12.600 -3.957  -5.490  1.00 37.25 ? 401 COA A P1A 1 
HETATM 1413 O O1A . COA C 3 .   ? -13.401 -4.242  -6.721  1.00 40.70 ? 401 COA A O1A 1 
HETATM 1414 O O2A . COA C 3 .   ? -12.350 -5.088  -4.540  1.00 38.25 ? 401 COA A O2A 1 
HETATM 1415 O O3A . COA C 3 .   ? -11.325 -3.264  -5.897  1.00 34.51 ? 401 COA A O3A 1 
HETATM 1416 P P2A . COA C 3 .   ? -10.484 -3.028  -7.250  1.00 25.78 ? 401 COA A P2A 1 
HETATM 1417 O O4A . COA C 3 .   ? -11.256 -2.282  -8.297  1.00 26.67 ? 401 COA A O4A 1 
HETATM 1418 O O5A . COA C 3 .   ? -9.872  -4.256  -7.875  1.00 26.82 ? 401 COA A O5A 1 
HETATM 1419 O O6A . COA C 3 .   ? -9.305  -2.114  -6.543  1.00 27.41 ? 401 COA A O6A 1 
HETATM 1420 C CBP . COA C 3 .   ? -8.593  0.221   -6.069  1.00 19.54 ? 401 COA A CBP 1 
HETATM 1421 C CCP . COA C 3 .   ? -9.641  -0.904  -5.834  1.00 22.10 ? 401 COA A CCP 1 
HETATM 1422 C CDP . COA C 3 .   ? -8.819  1.452   -5.118  1.00 17.40 ? 401 COA A CDP 1 
HETATM 1423 C CEP . COA C 3 .   ? -7.254  -0.485  -5.747  1.00 18.49 ? 401 COA A CEP 1 
HETATM 1424 C CAP . COA C 3 .   ? -8.785  0.678   -7.575  1.00 17.85 ? 401 COA A CAP 1 
HETATM 1425 O OAP . COA C 3 .   ? -10.081 1.333   -7.734  1.00 16.21 ? 401 COA A OAP 1 
HETATM 1426 C C9P . COA C 3 .   ? -7.703  1.628   -8.073  1.00 17.68 ? 401 COA A C9P 1 
HETATM 1427 O O9P . COA C 3 .   ? -6.524  1.150   -8.547  1.00 18.61 ? 401 COA A O9P 1 
HETATM 1428 N N8P . COA C 3 .   ? -8.010  2.902   -7.997  1.00 16.54 ? 401 COA A N8P 1 
HETATM 1429 C C7P . COA C 3 .   ? -7.157  4.004   -8.436  1.00 19.89 ? 401 COA A C7P 1 
HETATM 1430 C C6P . COA C 3 .   ? -5.959  4.136   -7.499  1.00 20.10 ? 401 COA A C6P 1 
HETATM 1431 C C5P . COA C 3 .   ? -6.409  4.549   -6.127  1.00 21.42 ? 401 COA A C5P 1 
HETATM 1432 O O5P . COA C 3 .   ? -7.290  5.473   -5.940  1.00 22.22 ? 401 COA A O5P 1 
HETATM 1433 N N4P . COA C 3 .   ? -5.815  3.865   -5.158  1.00 18.35 ? 401 COA A N4P 1 
HETATM 1434 C C3P . COA C 3 .   ? -6.040  4.012   -3.649  1.00 20.10 ? 401 COA A C3P 1 
HETATM 1435 C C2P . COA C 3 .   ? -5.371  5.298   -3.206  1.00 18.94 ? 401 COA A C2P 1 
HETATM 1436 S S1P . COA C 3 .   ? -3.559  5.406   -3.577  1.00 24.57 ? 401 COA A S1P 1 
HETATM 1437 O O   . HOH D 4 .   ? -3.893  1.097   -15.361 1.00 11.84 ? 501 HOH A O   1 
HETATM 1438 O O   . HOH D 4 .   ? -10.600 -6.246  -9.146  1.00 16.45 ? 502 HOH A O   1 
HETATM 1439 O O   . HOH D 4 .   ? 0.106   -12.627 15.337  1.00 21.47 ? 503 HOH A O   1 
HETATM 1440 O O   . HOH D 4 .   ? 0.334   7.541   2.875   1.00 19.53 ? 504 HOH A O   1 
HETATM 1441 O O   . HOH D 4 .   ? 3.228   -7.146  -15.875 1.00 30.72 ? 505 HOH A O   1 
HETATM 1442 O O   . HOH D 4 .   ? 1.115   9.833   -12.270 1.00 22.57 ? 506 HOH A O   1 
HETATM 1443 O O   . HOH D 4 .   ? 8.560   -1.483  -3.524  1.00 14.02 ? 507 HOH A O   1 
HETATM 1444 O O   . HOH D 4 .   ? 6.790   5.952   4.746   1.00 30.46 ? 508 HOH A O   1 
HETATM 1445 O O   . HOH D 4 .   ? 5.139   -1.283  -18.043 1.00 20.44 ? 509 HOH A O   1 
HETATM 1446 O O   . HOH D 4 .   ? -1.005  -14.377 10.390  1.00 29.37 ? 510 HOH A O   1 
HETATM 1447 O O   . HOH D 4 .   ? -11.321 -11.185 -6.880  1.00 33.15 ? 511 HOH A O   1 
HETATM 1448 O O   . HOH D 4 .   ? 20.962  -8.637  -8.690  1.00 23.83 ? 512 HOH A O   1 
HETATM 1449 O O   . HOH D 4 .   ? 7.399   13.059  -13.105 1.00 32.96 ? 513 HOH A O   1 
HETATM 1450 O O   . HOH D 4 .   ? -8.358  -4.519  13.233  1.00 26.64 ? 514 HOH A O   1 
HETATM 1451 O O   . HOH D 4 .   ? -8.504  -0.134  12.932  1.00 24.51 ? 515 HOH A O   1 
HETATM 1452 O O   . HOH D 4 .   ? 7.891   -8.335  4.006   1.00 26.73 ? 516 HOH A O   1 
HETATM 1453 O O   . HOH D 4 .   ? 1.167   -10.031 15.014  1.00 24.72 ? 517 HOH A O   1 
HETATM 1454 O O   . HOH D 4 .   ? 4.426   12.916  -14.014 1.00 29.11 ? 518 HOH A O   1 
HETATM 1455 O O   . HOH D 4 .   ? 1.867   -2.033  -16.413 1.00 25.53 ? 519 HOH A O   1 
HETATM 1456 O O   . HOH D 4 .   ? 6.084   -4.842  -19.360 1.00 28.52 ? 520 HOH A O   1 
HETATM 1457 O O   . HOH D 4 .   ? 14.577  5.756   -5.234  1.00 20.24 ? 521 HOH A O   1 
HETATM 1458 O O   . HOH D 4 .   ? -5.436  13.792  9.374   1.00 29.52 ? 522 HOH A O   1 
HETATM 1459 O O   . HOH D 4 .   ? -3.412  15.538  8.664   1.00 27.99 ? 523 HOH A O   1 
HETATM 1460 O O   . HOH D 4 .   ? -10.116 -5.209  9.201   1.00 23.60 ? 524 HOH A O   1 
HETATM 1461 O O   . HOH D 4 .   ? -15.012 9.134   0.931   1.00 42.53 ? 525 HOH A O   1 
HETATM 1462 O O   . HOH D 4 .   ? -9.262  14.959  3.475   1.00 47.47 ? 526 HOH A O   1 
HETATM 1463 O O   . HOH D 4 .   ? -4.904  -12.974 9.276   1.00 19.05 ? 527 HOH A O   1 
HETATM 1464 O O   . HOH D 4 .   ? 19.994  -8.037  -4.754  1.00 33.72 ? 528 HOH A O   1 
HETATM 1465 O O   . HOH D 4 .   ? -15.678 6.512   -1.454  1.00 32.37 ? 529 HOH A O   1 
HETATM 1466 O O   . HOH D 4 .   ? 1.517   -5.135  -16.208 1.00 30.86 ? 530 HOH A O   1 
HETATM 1467 O O   . HOH D 4 .   ? -1.122  14.205  9.720   1.00 31.06 ? 531 HOH A O   1 
HETATM 1468 O O   . HOH D 4 .   ? -13.090 -9.589  -3.306  1.00 35.32 ? 532 HOH A O   1 
HETATM 1469 O O   . HOH D 4 .   ? 12.421  -0.922  -3.851  1.00 27.71 ? 533 HOH A O   1 
HETATM 1470 O O   . HOH D 4 .   ? -4.423  -6.904  -17.464 1.00 37.82 ? 534 HOH A O   1 
HETATM 1471 O O   . HOH D 4 .   ? -1.023  -5.417  19.231  1.00 37.53 ? 535 HOH A O   1 
HETATM 1472 O O   . HOH D 4 .   ? 11.840  2.357   7.202   1.00 32.71 ? 536 HOH A O   1 
HETATM 1473 O O   . HOH D 4 .   ? -9.572  -5.516  3.716   1.00 35.78 ? 537 HOH A O   1 
HETATM 1474 O O   . HOH D 4 .   ? 0.001   -16.012 -3.160  1.00 35.04 ? 538 HOH A O   1 
HETATM 1475 O O   . HOH D 4 .   ? -7.621  -14.297 -2.554  1.00 34.53 ? 539 HOH A O   1 
HETATM 1476 O O   . HOH D 4 .   ? -0.100  0.780   20.900  1.00 35.30 ? 540 HOH A O   1 
HETATM 1477 O O   . HOH D 4 .   ? 6.145   13.716  11.648  1.00 33.67 ? 541 HOH A O   1 
HETATM 1478 O O   . HOH D 4 .   ? -3.973  -4.536  -18.800 1.00 31.78 ? 542 HOH A O   1 
HETATM 1479 O O   . HOH D 4 .   ? 10.811  -11.119 -4.863  1.00 30.54 ? 543 HOH A O   1 
HETATM 1480 O O   . HOH D 4 .   ? 10.320  -3.484  -3.352  1.00 40.59 ? 544 HOH A O   1 
HETATM 1481 O O   . HOH D 4 .   ? 6.366   6.184   2.093   1.00 30.68 ? 545 HOH A O   1 
HETATM 1482 O O   . HOH D 4 .   ? -12.670 -5.640  -15.087 1.00 49.56 ? 546 HOH A O   1 
HETATM 1483 O O   . HOH D 4 .   ? -14.998 -1.513  8.086   1.00 41.41 ? 547 HOH A O   1 
HETATM 1484 O O   . HOH D 4 .   ? 2.000   4.663   -16.598 1.00 38.66 ? 548 HOH A O   1 
HETATM 1485 O O   . HOH D 4 .   ? 6.056   17.670  6.888   1.00 38.76 ? 549 HOH A O   1 
HETATM 1486 O O   . HOH D 4 .   ? 7.812   -4.951  13.612  1.00 41.24 ? 550 HOH A O   1 
HETATM 1487 O O   . HOH D 4 .   ? -0.640  -7.656  14.602  1.00 35.53 ? 551 HOH A O   1 
HETATM 1488 O O   . HOH D 4 .   ? 3.571   -0.448  18.000  1.00 50.88 ? 552 HOH A O   1 
HETATM 1489 O O   . HOH D 4 .   ? -7.351  11.338  10.792  1.00 50.52 ? 553 HOH A O   1 
HETATM 1490 O O   . HOH D 4 .   ? 18.077  -12.056 -6.080  1.00 44.10 ? 554 HOH A O   1 
HETATM 1491 O O   . HOH D 4 .   ? 11.499  -0.857  6.697   1.00 33.00 ? 555 HOH A O   1 
HETATM 1492 O O   . HOH D 4 .   ? 9.287   -10.346 -14.946 1.00 46.28 ? 556 HOH A O   1 
HETATM 1493 O O   . HOH D 4 .   ? 8.691   7.558   3.188   1.00 43.03 ? 557 HOH A O   1 
HETATM 1494 O O   . HOH D 4 .   ? 1.597   16.107  -9.349  1.00 40.12 ? 558 HOH A O   1 
HETATM 1495 O O   . HOH D 4 .   ? -1.871  -3.305  -17.057 1.00 43.10 ? 559 HOH A O   1 
HETATM 1496 O O   . HOH D 4 .   ? -9.717  -7.868  6.290   1.00 37.34 ? 560 HOH A O   1 
HETATM 1497 O O   . HOH D 4 .   ? 9.774   -12.744 -8.625  1.00 40.11 ? 561 HOH A O   1 
HETATM 1498 O O   . HOH D 4 .   ? -7.649  2.128   14.105  1.00 49.70 ? 562 HOH A O   1 
# 
loop_
_pdbx_poly_seq_scheme.asym_id 
_pdbx_poly_seq_scheme.entity_id 
_pdbx_poly_seq_scheme.seq_id 
_pdbx_poly_seq_scheme.mon_id 
_pdbx_poly_seq_scheme.ndb_seq_num 
_pdbx_poly_seq_scheme.pdb_seq_num 
_pdbx_poly_seq_scheme.auth_seq_num 
_pdbx_poly_seq_scheme.pdb_mon_id 
_pdbx_poly_seq_scheme.auth_mon_id 
_pdbx_poly_seq_scheme.pdb_strand_id 
_pdbx_poly_seq_scheme.pdb_ins_code 
_pdbx_poly_seq_scheme.hetero 
A 1 1   LEU 1   49  49  LEU LEU A . n 
A 1 2   ASP 2   50  50  ASP ASP A . n 
A 1 3   PHE 3   51  51  PHE PHE A . n 
A 1 4   ASP 4   52  52  ASP ASP A . n 
A 1 5   ILE 5   53  53  ILE ILE A . n 
A 1 6   LEU 6   54  54  LEU LEU A . n 
A 1 7   THR 7   55  55  THR THR A . n 
A 1 8   ASN 8   56  56  ASN ASN A . n 
A 1 9   ASP 9   57  57  ASP ASP A . n 
A 1 10  GLY 10  58  58  GLY GLY A . n 
A 1 11  THR 11  59  59  THR THR A . n 
A 1 12  HIS 12  60  60  HIS HIS A . n 
A 1 13  ARG 13  61  61  ARG ARG A . n 
A 1 14  ASN 14  62  62  ASN ASN A . n 
A 1 15  MET 15  63  63  MET MET A . n 
A 1 16  LYS 16  64  64  LYS LYS A . n 
A 1 17  LEU 17  65  65  LEU LEU A . n 
A 1 18  LEU 18  66  66  LEU LEU A . n 
A 1 19  ILE 19  67  67  ILE ILE A . n 
A 1 20  ASP 20  68  68  ASP ASP A . n 
A 1 21  LEU 21  69  69  LEU LEU A . n 
A 1 22  LYS 22  70  70  LYS LYS A . n 
A 1 23  ASN 23  71  71  ASN ASN A . n 
A 1 24  ILE 24  72  72  ILE ILE A . n 
A 1 25  PHE 25  73  73  PHE PHE A . n 
A 1 26  SER 26  74  74  SER SER A . n 
A 1 27  ARG 27  75  75  ARG ARG A . n 
A 1 28  GLN 28  76  76  GLN GLN A . n 
A 1 29  LEU 29  77  77  LEU LEU A . n 
A 1 30  PRO 30  78  78  PRO PRO A . n 
A 1 31  LYS 31  79  79  LYS LYS A . n 
A 1 32  MET 32  80  80  MET MET A . n 
A 1 33  PRO 33  81  81  PRO PRO A . n 
A 1 34  LYS 34  82  82  LYS LYS A . n 
A 1 35  GLU 35  83  83  GLU GLU A . n 
A 1 36  TYR 36  84  84  TYR TYR A . n 
A 1 37  ILE 37  85  85  ILE ILE A . n 
A 1 38  VAL 38  86  86  VAL VAL A . n 
A 1 39  LYS 39  87  87  LYS LYS A . n 
A 1 40  LEU 40  88  88  LEU LEU A . n 
A 1 41  VAL 41  89  89  VAL VAL A . n 
A 1 42  PHE 42  90  90  PHE PHE A . n 
A 1 43  ASP 43  91  91  ASP ASP A . n 
A 1 44  ARG 44  92  92  ARG ARG A . n 
A 1 45  HIS 45  93  93  HIS HIS A . n 
A 1 46  HIS 46  94  94  HIS HIS A . n 
A 1 47  GLU 47  95  95  GLU GLU A . n 
A 1 48  SER 48  96  96  SER SER A . n 
A 1 49  MET 49  97  97  MET MET A . n 
A 1 50  VAL 50  98  98  VAL VAL A . n 
A 1 51  ILE 51  99  99  ILE ILE A . n 
A 1 52  LEU 52  100 100 LEU LEU A . n 
A 1 53  LYS 53  101 101 LYS LYS A . n 
A 1 54  ASN 54  102 102 ASN ASN A . n 
A 1 55  LYS 55  103 103 LYS LYS A . n 
A 1 56  GLN 56  104 104 GLN GLN A . n 
A 1 57  LYS 57  105 105 LYS LYS A . n 
A 1 58  VAL 58  106 106 VAL VAL A . n 
A 1 59  ILE 59  107 107 ILE ILE A . n 
A 1 60  GLY 60  108 108 GLY GLY A . n 
A 1 61  GLY 61  109 109 GLY GLY A . n 
A 1 62  ILE 62  110 110 ILE ILE A . n 
A 1 63  CYS 63  111 111 CYS CYS A . n 
A 1 64  PHE 64  112 112 PHE PHE A . n 
A 1 65  ARG 65  113 113 ARG ARG A . n 
A 1 66  GLN 66  114 114 GLN GLN A . n 
A 1 67  TYR 67  115 115 TYR TYR A . n 
A 1 68  LYS 68  116 116 LYS LYS A . n 
A 1 69  PRO 69  117 117 PRO PRO A . n 
A 1 70  GLN 70  118 118 GLN GLN A . n 
A 1 71  ARG 71  119 119 ARG ARG A . n 
A 1 72  PHE 72  120 120 PHE PHE A . n 
A 1 73  ALA 73  121 121 ALA ALA A . n 
A 1 74  GLU 74  122 122 GLU GLU A . n 
A 1 75  VAL 75  123 123 VAL VAL A . n 
A 1 76  ALA 76  124 124 ALA ALA A . n 
A 1 77  PHE 77  125 125 PHE PHE A . n 
A 1 78  LEU 78  126 126 LEU LEU A . n 
A 1 79  ALA 79  127 127 ALA ALA A . n 
A 1 80  VAL 80  128 128 VAL VAL A . n 
A 1 81  THR 81  129 129 THR THR A . n 
A 1 82  ALA 82  130 130 ALA ALA A . n 
A 1 83  ASN 83  131 131 ASN ASN A . n 
A 1 84  GLU 84  132 132 GLU GLU A . n 
A 1 85  GLN 85  133 133 GLN GLN A . n 
A 1 86  VAL 86  134 134 VAL VAL A . n 
A 1 87  ARG 87  135 135 ARG ARG A . n 
A 1 88  GLY 88  136 136 GLY GLY A . n 
A 1 89  TYR 89  137 137 TYR TYR A . n 
A 1 90  GLY 90  138 138 GLY GLY A . n 
A 1 91  THR 91  139 139 THR THR A . n 
A 1 92  ARG 92  140 140 ARG ARG A . n 
A 1 93  LEU 93  141 141 LEU LEU A . n 
A 1 94  MET 94  142 142 MET MET A . n 
A 1 95  ASN 95  143 143 ASN ASN A . n 
A 1 96  LYS 96  144 144 LYS LYS A . n 
A 1 97  PHE 97  145 145 PHE PHE A . n 
A 1 98  LYS 98  146 146 LYS LYS A . n 
A 1 99  ASP 99  147 147 ASP ASP A . n 
A 1 100 HIS 100 148 148 HIS HIS A . n 
A 1 101 MET 101 149 149 MET MET A . n 
A 1 102 GLN 102 150 150 GLN GLN A . n 
A 1 103 LYS 103 151 151 LYS LYS A . n 
A 1 104 GLN 104 152 152 GLN GLN A . n 
A 1 105 ASN 105 153 153 ASN ASN A . n 
A 1 106 ILE 106 154 154 ILE ILE A . n 
A 1 107 GLU 107 155 155 GLU GLU A . n 
A 1 108 TYR 108 156 156 TYR TYR A . n 
A 1 109 LEU 109 157 157 LEU LEU A . n 
A 1 110 LEU 110 158 158 LEU LEU A . n 
A 1 111 THR 111 159 159 THR THR A . n 
A 1 112 TYR 112 160 160 TYR TYR A . n 
A 1 113 ALA 113 161 161 ALA ALA A . n 
A 1 114 ASP 114 162 162 ASP ASP A . n 
A 1 115 ASN 115 163 163 ASN ASN A . n 
A 1 116 PHE 116 164 164 PHE PHE A . n 
A 1 117 ALA 117 165 165 ALA ALA A . n 
A 1 118 ILE 118 166 166 ILE ILE A . n 
A 1 119 GLY 119 167 167 GLY GLY A . n 
A 1 120 TYR 120 168 168 TYR TYR A . n 
A 1 121 PHE 121 169 169 PHE PHE A . n 
A 1 122 LYS 122 170 170 LYS LYS A . n 
A 1 123 LYS 123 171 171 LYS LYS A . n 
A 1 124 GLN 124 172 172 GLN GLN A . n 
A 1 125 GLY 125 173 173 GLY GLY A . n 
A 1 126 PHE 126 174 174 PHE PHE A . n 
A 1 127 THR 127 175 175 THR THR A . n 
A 1 128 LYS 128 176 176 LYS LYS A . n 
A 1 129 GLU 129 177 177 GLU GLU A . n 
A 1 130 HIS 130 178 178 HIS HIS A . n 
A 1 131 ARG 131 179 179 ARG ARG A . n 
A 1 132 MET 132 180 180 MET MET A . n 
A 1 133 PRO 133 181 181 PRO PRO A . n 
A 1 134 GLN 134 182 182 GLN GLN A . n 
A 1 135 GLU 135 183 183 GLU GLU A . n 
A 1 136 LYS 136 184 184 LYS LYS A . n 
A 1 137 TRP 137 185 185 TRP TRP A . n 
A 1 138 LYS 138 186 186 LYS LYS A . n 
A 1 139 GLY 139 187 187 GLY GLY A . n 
A 1 140 TYR 140 188 188 TYR TYR A . n 
A 1 141 ILE 141 189 189 ILE ILE A . n 
A 1 142 LYS 142 190 190 LYS LYS A . n 
A 1 143 ASP 143 191 191 ASP ASP A . n 
A 1 144 TYR 144 192 192 TYR TYR A . n 
A 1 145 ASP 145 193 193 ASP ASP A . n 
A 1 146 GLY 146 194 194 GLY GLY A . n 
A 1 147 GLY 147 195 195 GLY GLY A . n 
A 1 148 THR 148 196 196 THR THR A . n 
A 1 149 LEU 149 197 197 LEU LEU A . n 
A 1 150 MET 150 198 198 MET MET A . n 
A 1 151 GLU 151 199 199 GLU GLU A . n 
A 1 152 CYS 152 200 200 CYS CYS A . n 
A 1 153 TYR 153 201 201 TYR TYR A . n 
A 1 154 ILE 154 202 202 ILE ILE A . n 
A 1 155 HIS 155 203 203 HIS HIS A . n 
A 1 156 PRO 156 204 204 PRO PRO A . n 
A 1 157 TYR 157 205 205 TYR TYR A . n 
A 1 158 VAL 158 206 206 VAL VAL A . n 
A 1 159 ASP 159 207 207 ASP ASP A . n 
A 1 160 TYR 160 208 208 TYR TYR A . n 
A 1 161 GLY 161 209 209 GLY GLY A . n 
A 1 162 ARG 162 210 ?   ?   ?   A . n 
B 2 1   ASN 1   311 ?   ?   ?   B . n 
B 2 2   THR 2   312 ?   ?   ?   B . n 
B 2 3   SER 3   313 ?   ?   ?   B . n 
B 2 4   SER 4   314 ?   ?   ?   B . n 
B 2 5   SER 5   315 ?   ?   ?   B . n 
B 2 6   PRO 6   316 ?   ?   ?   B . n 
B 2 7   GLN 7   317 ?   ?   ?   B . n 
B 2 8   PRO 8   318 ?   ?   ?   B . n 
B 2 9   LYS 9   319 ?   ?   ?   B . n 
B 2 10  LYS 10  320 320 LYS LYS B . n 
B 2 11  LYS 11  321 321 LYS LYS B . n 
B 2 12  PRO 12  322 322 PRO PRO B . n 
B 2 13  LEU 13  323 323 LEU LEU B . n 
B 2 14  ASP 14  324 324 ASP ASP B . n 
B 2 15  GLY 15  325 325 GLY GLY B . n 
B 2 16  GLU 16  326 ?   ?   ?   B . n 
B 2 17  TYR 17  327 ?   ?   ?   B . n 
B 2 18  PHE 18  328 ?   ?   ?   B . n 
B 2 19  THR 19  329 ?   ?   ?   B . n 
# 
loop_
_pdbx_nonpoly_scheme.asym_id 
_pdbx_nonpoly_scheme.entity_id 
_pdbx_nonpoly_scheme.mon_id 
_pdbx_nonpoly_scheme.ndb_seq_num 
_pdbx_nonpoly_scheme.pdb_seq_num 
_pdbx_nonpoly_scheme.auth_seq_num 
_pdbx_nonpoly_scheme.pdb_mon_id 
_pdbx_nonpoly_scheme.auth_mon_id 
_pdbx_nonpoly_scheme.pdb_strand_id 
_pdbx_nonpoly_scheme.pdb_ins_code 
C 3 COA 1  401 401 COA COA A . 
D 4 HOH 1  501 501 HOH HOH A . 
D 4 HOH 2  502 502 HOH HOH A . 
D 4 HOH 3  503 503 HOH HOH A . 
D 4 HOH 4  504 504 HOH HOH A . 
D 4 HOH 5  505 505 HOH HOH A . 
D 4 HOH 6  506 506 HOH HOH A . 
D 4 HOH 7  507 507 HOH HOH A . 
D 4 HOH 8  508 508 HOH HOH A . 
D 4 HOH 9  509 509 HOH HOH A . 
D 4 HOH 10 510 510 HOH HOH A . 
D 4 HOH 11 511 511 HOH HOH A . 
D 4 HOH 12 512 512 HOH HOH A . 
D 4 HOH 13 513 513 HOH HOH A . 
D 4 HOH 14 514 514 HOH HOH A . 
D 4 HOH 15 515 515 HOH HOH A . 
D 4 HOH 16 516 516 HOH HOH A . 
D 4 HOH 17 517 517 HOH HOH A . 
D 4 HOH 18 518 518 HOH HOH A . 
D 4 HOH 19 519 519 HOH HOH A . 
D 4 HOH 20 520 520 HOH HOH A . 
D 4 HOH 21 521 521 HOH HOH A . 
D 4 HOH 22 522 522 HOH HOH A . 
D 4 HOH 23 523 523 HOH HOH A . 
D 4 HOH 24 524 524 HOH HOH A . 
D 4 HOH 25 525 525 HOH HOH A . 
D 4 HOH 26 526 526 HOH HOH A . 
D 4 HOH 27 527 527 HOH HOH A . 
D 4 HOH 28 528 528 HOH HOH A . 
D 4 HOH 29 529 529 HOH HOH A . 
D 4 HOH 30 530 530 HOH HOH A . 
D 4 HOH 31 531 531 HOH HOH A . 
D 4 HOH 32 532 532 HOH HOH A . 
D 4 HOH 33 533 533 HOH HOH A . 
D 4 HOH 34 534 534 HOH HOH A . 
D 4 HOH 35 535 535 HOH HOH A . 
D 4 HOH 36 536 536 HOH HOH A . 
D 4 HOH 37 537 537 HOH HOH A . 
D 4 HOH 38 538 538 HOH HOH A . 
D 4 HOH 39 539 539 HOH HOH A . 
D 4 HOH 40 540 540 HOH HOH A . 
D 4 HOH 41 541 541 HOH HOH A . 
D 4 HOH 42 542 542 HOH HOH A . 
D 4 HOH 43 543 543 HOH HOH A . 
D 4 HOH 44 544 544 HOH HOH A . 
D 4 HOH 45 545 545 HOH HOH A . 
D 4 HOH 46 546 546 HOH HOH A . 
D 4 HOH 47 547 547 HOH HOH A . 
D 4 HOH 48 548 548 HOH HOH A . 
D 4 HOH 49 549 549 HOH HOH A . 
D 4 HOH 50 550 550 HOH HOH A . 
D 4 HOH 51 551 551 HOH HOH A . 
D 4 HOH 52 552 552 HOH HOH A . 
D 4 HOH 53 553 553 HOH HOH A . 
D 4 HOH 54 554 554 HOH HOH A . 
D 4 HOH 55 555 555 HOH HOH A . 
D 4 HOH 56 556 556 HOH HOH A . 
D 4 HOH 57 557 557 HOH HOH A . 
D 4 HOH 58 558 558 HOH HOH A . 
D 4 HOH 59 559 559 HOH HOH A . 
D 4 HOH 60 560 560 HOH HOH A . 
D 4 HOH 61 561 561 HOH HOH A . 
D 4 HOH 62 562 562 HOH HOH A . 
# 
_pdbx_struct_assembly.id                   1 
_pdbx_struct_assembly.details              author_and_software_defined_assembly 
_pdbx_struct_assembly.method_details       PISA 
_pdbx_struct_assembly.oligomeric_details   dimeric 
_pdbx_struct_assembly.oligomeric_count     2 
# 
_pdbx_struct_assembly_gen.assembly_id       1 
_pdbx_struct_assembly_gen.oper_expression   1 
_pdbx_struct_assembly_gen.asym_id_list      A,B,C,D 
# 
loop_
_pdbx_struct_assembly_prop.biol_id 
_pdbx_struct_assembly_prop.type 
_pdbx_struct_assembly_prop.value 
_pdbx_struct_assembly_prop.details 
1 'ABSA (A^2)' 2040 ? 
1 MORE         -7   ? 
1 'SSA (A^2)'  9060 ? 
# 
_pdbx_struct_oper_list.id                   1 
_pdbx_struct_oper_list.type                 'identity operation' 
_pdbx_struct_oper_list.name                 1_555 
_pdbx_struct_oper_list.symmetry_operation   x,y,z 
_pdbx_struct_oper_list.matrix[1][1]         1.0000000000 
_pdbx_struct_oper_list.matrix[1][2]         0.0000000000 
_pdbx_struct_oper_list.matrix[1][3]         0.0000000000 
_pdbx_struct_oper_list.vector[1]            0.0000000000 
_pdbx_struct_oper_list.matrix[2][1]         0.0000000000 
_pdbx_struct_oper_list.matrix[2][2]         1.0000000000 
_pdbx_struct_oper_list.matrix[2][3]         0.0000000000 
_pdbx_struct_oper_list.vector[2]            0.0000000000 
_pdbx_struct_oper_list.matrix[3][1]         0.0000000000 
_pdbx_struct_oper_list.matrix[3][2]         0.0000000000 
_pdbx_struct_oper_list.matrix[3][3]         1.0000000000 
_pdbx_struct_oper_list.vector[3]            0.0000000000 
# 
loop_
_pdbx_audit_revision_history.ordinal 
_pdbx_audit_revision_history.data_content_type 
_pdbx_audit_revision_history.major_revision 
_pdbx_audit_revision_history.minor_revision 
_pdbx_audit_revision_history.revision_date 
1 'Structure model' 1 0 2004-08-03 
2 'Structure model' 1 1 2008-04-29 
3 'Structure model' 1 2 2011-07-13 
4 'Structure model' 1 3 2023-08-16 
# 
_pdbx_audit_revision_details.ordinal             1 
_pdbx_audit_revision_details.revision_ordinal    1 
_pdbx_audit_revision_details.data_content_type   'Structure model' 
_pdbx_audit_revision_details.provider            repository 
_pdbx_audit_revision_details.type                'Initial release' 
_pdbx_audit_revision_details.description         ? 
_pdbx_audit_revision_details.details             ? 
# 
loop_
_pdbx_audit_revision_group.ordinal 
_pdbx_audit_revision_group.revision_ordinal 
_pdbx_audit_revision_group.data_content_type 
_pdbx_audit_revision_group.group 
1 2 'Structure model' 'Version format compliance' 
2 3 'Structure model' 'Version format compliance' 
3 4 'Structure model' 'Data collection'           
4 4 'Structure model' 'Database references'       
5 4 'Structure model' 'Derived calculations'      
6 4 'Structure model' 'Refinement description'    
# 
loop_
_pdbx_audit_revision_category.ordinal 
_pdbx_audit_revision_category.revision_ordinal 
_pdbx_audit_revision_category.data_content_type 
_pdbx_audit_revision_category.category 
1 4 'Structure model' chem_comp_atom                
2 4 'Structure model' chem_comp_bond                
3 4 'Structure model' database_2                    
4 4 'Structure model' pdbx_initial_refinement_model 
5 4 'Structure model' struct_ref_seq_dif            
6 4 'Structure model' struct_site                   
# 
loop_
_pdbx_audit_revision_item.ordinal 
_pdbx_audit_revision_item.revision_ordinal 
_pdbx_audit_revision_item.data_content_type 
_pdbx_audit_revision_item.item 
1 4 'Structure model' '_database_2.pdbx_DOI'                
2 4 'Structure model' '_database_2.pdbx_database_accession' 
3 4 'Structure model' '_struct_ref_seq_dif.details'         
4 4 'Structure model' '_struct_site.pdbx_auth_asym_id'      
5 4 'Structure model' '_struct_site.pdbx_auth_comp_id'      
6 4 'Structure model' '_struct_site.pdbx_auth_seq_id'       
# 
loop_
_software.name 
_software.classification 
_software.version 
_software.citation_id 
_software.pdbx_ordinal 
MOSFLM 'data reduction' .         ? 1 
SCALA  'data scaling'   .         ? 2 
AMoRE  phasing          .         ? 3 
CNS    refinement       1.1       ? 4 
CCP4   'data scaling'   '(SCALA)' ? 5 
# 
_pdbx_validate_symm_contact.id                1 
_pdbx_validate_symm_contact.PDB_model_num     1 
_pdbx_validate_symm_contact.auth_atom_id_1    OH 
_pdbx_validate_symm_contact.auth_asym_id_1    A 
_pdbx_validate_symm_contact.auth_comp_id_1    TYR 
_pdbx_validate_symm_contact.auth_seq_id_1     205 
_pdbx_validate_symm_contact.PDB_ins_code_1    ? 
_pdbx_validate_symm_contact.label_alt_id_1    ? 
_pdbx_validate_symm_contact.site_symmetry_1   1_555 
_pdbx_validate_symm_contact.auth_atom_id_2    O 
_pdbx_validate_symm_contact.auth_asym_id_2    B 
_pdbx_validate_symm_contact.auth_comp_id_2    LYS 
_pdbx_validate_symm_contact.auth_seq_id_2     320 
_pdbx_validate_symm_contact.PDB_ins_code_2    ? 
_pdbx_validate_symm_contact.label_alt_id_2    ? 
_pdbx_validate_symm_contact.site_symmetry_2   2_664 
_pdbx_validate_symm_contact.dist              2.15 
# 
loop_
_pdbx_validate_torsion.id 
_pdbx_validate_torsion.PDB_model_num 
_pdbx_validate_torsion.auth_comp_id 
_pdbx_validate_torsion.auth_asym_id 
_pdbx_validate_torsion.auth_seq_id 
_pdbx_validate_torsion.PDB_ins_code 
_pdbx_validate_torsion.label_alt_id 
_pdbx_validate_torsion.phi 
_pdbx_validate_torsion.psi 
1 1 ASN A 56  ? ? -64.55  82.69   
2 1 ASN A 102 ? ? -4.14   69.74   
3 1 LYS A 103 ? ? 57.43   -5.92   
4 1 GLN A 104 ? ? -149.83 39.96   
5 1 TYR A 115 ? ? -119.99 75.96   
6 1 ASN A 131 ? ? -69.77  7.02    
7 1 ASN A 163 ? ? 48.60   -120.69 
8 1 TYR A 205 ? ? -142.09 43.26   
9 1 PRO B 322 ? ? 8.54    63.58   
# 
loop_
_pdbx_unobs_or_zero_occ_atoms.id 
_pdbx_unobs_or_zero_occ_atoms.PDB_model_num 
_pdbx_unobs_or_zero_occ_atoms.polymer_flag 
_pdbx_unobs_or_zero_occ_atoms.occupancy_flag 
_pdbx_unobs_or_zero_occ_atoms.auth_asym_id 
_pdbx_unobs_or_zero_occ_atoms.auth_comp_id 
_pdbx_unobs_or_zero_occ_atoms.auth_seq_id 
_pdbx_unobs_or_zero_occ_atoms.PDB_ins_code 
_pdbx_unobs_or_zero_occ_atoms.auth_atom_id 
_pdbx_unobs_or_zero_occ_atoms.label_alt_id 
_pdbx_unobs_or_zero_occ_atoms.label_asym_id 
_pdbx_unobs_or_zero_occ_atoms.label_comp_id 
_pdbx_unobs_or_zero_occ_atoms.label_seq_id 
_pdbx_unobs_or_zero_occ_atoms.label_atom_id 
1 1 Y 1 A ARG 61 ? CG  ? A ARG 13 CG  
2 1 Y 1 A ARG 61 ? CD  ? A ARG 13 CD  
3 1 Y 1 A ARG 61 ? NE  ? A ARG 13 NE  
4 1 Y 1 A ARG 61 ? CZ  ? A ARG 13 CZ  
5 1 Y 1 A ARG 61 ? NH1 ? A ARG 13 NH1 
6 1 Y 1 A ARG 61 ? NH2 ? A ARG 13 NH2 
# 
loop_
_pdbx_unobs_or_zero_occ_residues.id 
_pdbx_unobs_or_zero_occ_residues.PDB_model_num 
_pdbx_unobs_or_zero_occ_residues.polymer_flag 
_pdbx_unobs_or_zero_occ_residues.occupancy_flag 
_pdbx_unobs_or_zero_occ_residues.auth_asym_id 
_pdbx_unobs_or_zero_occ_residues.auth_comp_id 
_pdbx_unobs_or_zero_occ_residues.auth_seq_id 
_pdbx_unobs_or_zero_occ_residues.PDB_ins_code 
_pdbx_unobs_or_zero_occ_residues.label_asym_id 
_pdbx_unobs_or_zero_occ_residues.label_comp_id 
_pdbx_unobs_or_zero_occ_residues.label_seq_id 
1  1 Y 1 A ARG 210 ? A ARG 162 
2  1 Y 1 B ASN 311 ? B ASN 1   
3  1 Y 1 B THR 312 ? B THR 2   
4  1 Y 1 B SER 313 ? B SER 3   
5  1 Y 1 B SER 314 ? B SER 4   
6  1 Y 1 B SER 315 ? B SER 5   
7  1 Y 1 B PRO 316 ? B PRO 6   
8  1 Y 1 B GLN 317 ? B GLN 7   
9  1 Y 1 B PRO 318 ? B PRO 8   
10 1 Y 1 B LYS 319 ? B LYS 9   
11 1 Y 1 B GLU 326 ? B GLU 16  
12 1 Y 1 B TYR 327 ? B TYR 17  
13 1 Y 1 B PHE 328 ? B PHE 18  
14 1 Y 1 B THR 329 ? B THR 19  
# 
loop_
_chem_comp_atom.comp_id 
_chem_comp_atom.atom_id 
_chem_comp_atom.type_symbol 
_chem_comp_atom.pdbx_aromatic_flag 
_chem_comp_atom.pdbx_stereo_config 
_chem_comp_atom.pdbx_ordinal 
ALA N    N N N 1   
ALA CA   C N S 2   
ALA C    C N N 3   
ALA O    O N N 4   
ALA CB   C N N 5   
ALA OXT  O N N 6   
ALA H    H N N 7   
ALA H2   H N N 8   
ALA HA   H N N 9   
ALA HB1  H N N 10  
ALA HB2  H N N 11  
ALA HB3  H N N 12  
ALA HXT  H N N 13  
ARG N    N N N 14  
ARG CA   C N S 15  
ARG C    C N N 16  
ARG O    O N N 17  
ARG CB   C N N 18  
ARG CG   C N N 19  
ARG CD   C N N 20  
ARG NE   N N N 21  
ARG CZ   C N N 22  
ARG NH1  N N N 23  
ARG NH2  N N N 24  
ARG OXT  O N N 25  
ARG H    H N N 26  
ARG H2   H N N 27  
ARG HA   H N N 28  
ARG HB2  H N N 29  
ARG HB3  H N N 30  
ARG HG2  H N N 31  
ARG HG3  H N N 32  
ARG HD2  H N N 33  
ARG HD3  H N N 34  
ARG HE   H N N 35  
ARG HH11 H N N 36  
ARG HH12 H N N 37  
ARG HH21 H N N 38  
ARG HH22 H N N 39  
ARG HXT  H N N 40  
ASN N    N N N 41  
ASN CA   C N S 42  
ASN C    C N N 43  
ASN O    O N N 44  
ASN CB   C N N 45  
ASN CG   C N N 46  
ASN OD1  O N N 47  
ASN ND2  N N N 48  
ASN OXT  O N N 49  
ASN H    H N N 50  
ASN H2   H N N 51  
ASN HA   H N N 52  
ASN HB2  H N N 53  
ASN HB3  H N N 54  
ASN HD21 H N N 55  
ASN HD22 H N N 56  
ASN HXT  H N N 57  
ASP N    N N N 58  
ASP CA   C N S 59  
ASP C    C N N 60  
ASP O    O N N 61  
ASP CB   C N N 62  
ASP CG   C N N 63  
ASP OD1  O N N 64  
ASP OD2  O N N 65  
ASP OXT  O N N 66  
ASP H    H N N 67  
ASP H2   H N N 68  
ASP HA   H N N 69  
ASP HB2  H N N 70  
ASP HB3  H N N 71  
ASP HD2  H N N 72  
ASP HXT  H N N 73  
COA N1A  N Y N 74  
COA C2A  C Y N 75  
COA N3A  N Y N 76  
COA C4A  C Y N 77  
COA C5A  C Y N 78  
COA C6A  C Y N 79  
COA N6A  N N N 80  
COA N7A  N Y N 81  
COA C8A  C Y N 82  
COA N9A  N Y N 83  
COA C1B  C N R 84  
COA C2B  C N R 85  
COA O2B  O N N 86  
COA C3B  C N S 87  
COA O3B  O N N 88  
COA P3B  P N N 89  
COA O7A  O N N 90  
COA O8A  O N N 91  
COA O9A  O N N 92  
COA C4B  C N R 93  
COA O4B  O N N 94  
COA C5B  C N N 95  
COA O5B  O N N 96  
COA P1A  P N S 97  
COA O1A  O N N 98  
COA O2A  O N N 99  
COA O3A  O N N 100 
COA P2A  P N S 101 
COA O4A  O N N 102 
COA O5A  O N N 103 
COA O6A  O N N 104 
COA CBP  C N N 105 
COA CCP  C N N 106 
COA CDP  C N N 107 
COA CEP  C N N 108 
COA CAP  C N R 109 
COA OAP  O N N 110 
COA C9P  C N N 111 
COA O9P  O N N 112 
COA N8P  N N N 113 
COA C7P  C N N 114 
COA C6P  C N N 115 
COA C5P  C N N 116 
COA O5P  O N N 117 
COA N4P  N N N 118 
COA C3P  C N N 119 
COA C2P  C N N 120 
COA S1P  S N N 121 
COA H2A  H N N 122 
COA H61A H N N 123 
COA H62A H N N 124 
COA H8A  H N N 125 
COA H1B  H N N 126 
COA H2B  H N N 127 
COA HO2A H N N 128 
COA H3B  H N N 129 
COA HOA8 H N N 130 
COA HOA9 H N N 131 
COA H4B  H N N 132 
COA H51A H N N 133 
COA H52A H N N 134 
COA HOA2 H N N 135 
COA HOA5 H N N 136 
COA H121 H N N 137 
COA H122 H N N 138 
COA H131 H N N 139 
COA H132 H N N 140 
COA H133 H N N 141 
COA H141 H N N 142 
COA H142 H N N 143 
COA H143 H N N 144 
COA H10  H N N 145 
COA HO1  H N N 146 
COA HN8  H N N 147 
COA H71  H N N 148 
COA H72  H N N 149 
COA H61  H N N 150 
COA H62  H N N 151 
COA HN4  H N N 152 
COA H31  H N N 153 
COA H32  H N N 154 
COA H21  H N N 155 
COA H22  H N N 156 
COA HS1  H N N 157 
CYS N    N N N 158 
CYS CA   C N R 159 
CYS C    C N N 160 
CYS O    O N N 161 
CYS CB   C N N 162 
CYS SG   S N N 163 
CYS OXT  O N N 164 
CYS H    H N N 165 
CYS H2   H N N 166 
CYS HA   H N N 167 
CYS HB2  H N N 168 
CYS HB3  H N N 169 
CYS HG   H N N 170 
CYS HXT  H N N 171 
GLN N    N N N 172 
GLN CA   C N S 173 
GLN C    C N N 174 
GLN O    O N N 175 
GLN CB   C N N 176 
GLN CG   C N N 177 
GLN CD   C N N 178 
GLN OE1  O N N 179 
GLN NE2  N N N 180 
GLN OXT  O N N 181 
GLN H    H N N 182 
GLN H2   H N N 183 
GLN HA   H N N 184 
GLN HB2  H N N 185 
GLN HB3  H N N 186 
GLN HG2  H N N 187 
GLN HG3  H N N 188 
GLN HE21 H N N 189 
GLN HE22 H N N 190 
GLN HXT  H N N 191 
GLU N    N N N 192 
GLU CA   C N S 193 
GLU C    C N N 194 
GLU O    O N N 195 
GLU CB   C N N 196 
GLU CG   C N N 197 
GLU CD   C N N 198 
GLU OE1  O N N 199 
GLU OE2  O N N 200 
GLU OXT  O N N 201 
GLU H    H N N 202 
GLU H2   H N N 203 
GLU HA   H N N 204 
GLU HB2  H N N 205 
GLU HB3  H N N 206 
GLU HG2  H N N 207 
GLU HG3  H N N 208 
GLU HE2  H N N 209 
GLU HXT  H N N 210 
GLY N    N N N 211 
GLY CA   C N N 212 
GLY C    C N N 213 
GLY O    O N N 214 
GLY OXT  O N N 215 
GLY H    H N N 216 
GLY H2   H N N 217 
GLY HA2  H N N 218 
GLY HA3  H N N 219 
GLY HXT  H N N 220 
HIS N    N N N 221 
HIS CA   C N S 222 
HIS C    C N N 223 
HIS O    O N N 224 
HIS CB   C N N 225 
HIS CG   C Y N 226 
HIS ND1  N Y N 227 
HIS CD2  C Y N 228 
HIS CE1  C Y N 229 
HIS NE2  N Y N 230 
HIS OXT  O N N 231 
HIS H    H N N 232 
HIS H2   H N N 233 
HIS HA   H N N 234 
HIS HB2  H N N 235 
HIS HB3  H N N 236 
HIS HD1  H N N 237 
HIS HD2  H N N 238 
HIS HE1  H N N 239 
HIS HE2  H N N 240 
HIS HXT  H N N 241 
HOH O    O N N 242 
HOH H1   H N N 243 
HOH H2   H N N 244 
ILE N    N N N 245 
ILE CA   C N S 246 
ILE C    C N N 247 
ILE O    O N N 248 
ILE CB   C N S 249 
ILE CG1  C N N 250 
ILE CG2  C N N 251 
ILE CD1  C N N 252 
ILE OXT  O N N 253 
ILE H    H N N 254 
ILE H2   H N N 255 
ILE HA   H N N 256 
ILE HB   H N N 257 
ILE HG12 H N N 258 
ILE HG13 H N N 259 
ILE HG21 H N N 260 
ILE HG22 H N N 261 
ILE HG23 H N N 262 
ILE HD11 H N N 263 
ILE HD12 H N N 264 
ILE HD13 H N N 265 
ILE HXT  H N N 266 
LEU N    N N N 267 
LEU CA   C N S 268 
LEU C    C N N 269 
LEU O    O N N 270 
LEU CB   C N N 271 
LEU CG   C N N 272 
LEU CD1  C N N 273 
LEU CD2  C N N 274 
LEU OXT  O N N 275 
LEU H    H N N 276 
LEU H2   H N N 277 
LEU HA   H N N 278 
LEU HB2  H N N 279 
LEU HB3  H N N 280 
LEU HG   H N N 281 
LEU HD11 H N N 282 
LEU HD12 H N N 283 
LEU HD13 H N N 284 
LEU HD21 H N N 285 
LEU HD22 H N N 286 
LEU HD23 H N N 287 
LEU HXT  H N N 288 
LYS N    N N N 289 
LYS CA   C N S 290 
LYS C    C N N 291 
LYS O    O N N 292 
LYS CB   C N N 293 
LYS CG   C N N 294 
LYS CD   C N N 295 
LYS CE   C N N 296 
LYS NZ   N N N 297 
LYS OXT  O N N 298 
LYS H    H N N 299 
LYS H2   H N N 300 
LYS HA   H N N 301 
LYS HB2  H N N 302 
LYS HB3  H N N 303 
LYS HG2  H N N 304 
LYS HG3  H N N 305 
LYS HD2  H N N 306 
LYS HD3  H N N 307 
LYS HE2  H N N 308 
LYS HE3  H N N 309 
LYS HZ1  H N N 310 
LYS HZ2  H N N 311 
LYS HZ3  H N N 312 
LYS HXT  H N N 313 
MET N    N N N 314 
MET CA   C N S 315 
MET C    C N N 316 
MET O    O N N 317 
MET CB   C N N 318 
MET CG   C N N 319 
MET SD   S N N 320 
MET CE   C N N 321 
MET OXT  O N N 322 
MET H    H N N 323 
MET H2   H N N 324 
MET HA   H N N 325 
MET HB2  H N N 326 
MET HB3  H N N 327 
MET HG2  H N N 328 
MET HG3  H N N 329 
MET HE1  H N N 330 
MET HE2  H N N 331 
MET HE3  H N N 332 
MET HXT  H N N 333 
PHE N    N N N 334 
PHE CA   C N S 335 
PHE C    C N N 336 
PHE O    O N N 337 
PHE CB   C N N 338 
PHE CG   C Y N 339 
PHE CD1  C Y N 340 
PHE CD2  C Y N 341 
PHE CE1  C Y N 342 
PHE CE2  C Y N 343 
PHE CZ   C Y N 344 
PHE OXT  O N N 345 
PHE H    H N N 346 
PHE H2   H N N 347 
PHE HA   H N N 348 
PHE HB2  H N N 349 
PHE HB3  H N N 350 
PHE HD1  H N N 351 
PHE HD2  H N N 352 
PHE HE1  H N N 353 
PHE HE2  H N N 354 
PHE HZ   H N N 355 
PHE HXT  H N N 356 
PRO N    N N N 357 
PRO CA   C N S 358 
PRO C    C N N 359 
PRO O    O N N 360 
PRO CB   C N N 361 
PRO CG   C N N 362 
PRO CD   C N N 363 
PRO OXT  O N N 364 
PRO H    H N N 365 
PRO HA   H N N 366 
PRO HB2  H N N 367 
PRO HB3  H N N 368 
PRO HG2  H N N 369 
PRO HG3  H N N 370 
PRO HD2  H N N 371 
PRO HD3  H N N 372 
PRO HXT  H N N 373 
SER N    N N N 374 
SER CA   C N S 375 
SER C    C N N 376 
SER O    O N N 377 
SER CB   C N N 378 
SER OG   O N N 379 
SER OXT  O N N 380 
SER H    H N N 381 
SER H2   H N N 382 
SER HA   H N N 383 
SER HB2  H N N 384 
SER HB3  H N N 385 
SER HG   H N N 386 
SER HXT  H N N 387 
THR N    N N N 388 
THR CA   C N S 389 
THR C    C N N 390 
THR O    O N N 391 
THR CB   C N R 392 
THR OG1  O N N 393 
THR CG2  C N N 394 
THR OXT  O N N 395 
THR H    H N N 396 
THR H2   H N N 397 
THR HA   H N N 398 
THR HB   H N N 399 
THR HG1  H N N 400 
THR HG21 H N N 401 
THR HG22 H N N 402 
THR HG23 H N N 403 
THR HXT  H N N 404 
TRP N    N N N 405 
TRP CA   C N S 406 
TRP C    C N N 407 
TRP O    O N N 408 
TRP CB   C N N 409 
TRP CG   C Y N 410 
TRP CD1  C Y N 411 
TRP CD2  C Y N 412 
TRP NE1  N Y N 413 
TRP CE2  C Y N 414 
TRP CE3  C Y N 415 
TRP CZ2  C Y N 416 
TRP CZ3  C Y N 417 
TRP CH2  C Y N 418 
TRP OXT  O N N 419 
TRP H    H N N 420 
TRP H2   H N N 421 
TRP HA   H N N 422 
TRP HB2  H N N 423 
TRP HB3  H N N 424 
TRP HD1  H N N 425 
TRP HE1  H N N 426 
TRP HE3  H N N 427 
TRP HZ2  H N N 428 
TRP HZ3  H N N 429 
TRP HH2  H N N 430 
TRP HXT  H N N 431 
TYR N    N N N 432 
TYR CA   C N S 433 
TYR C    C N N 434 
TYR O    O N N 435 
TYR CB   C N N 436 
TYR CG   C Y N 437 
TYR CD1  C Y N 438 
TYR CD2  C Y N 439 
TYR CE1  C Y N 440 
TYR CE2  C Y N 441 
TYR CZ   C Y N 442 
TYR OH   O N N 443 
TYR OXT  O N N 444 
TYR H    H N N 445 
TYR H2   H N N 446 
TYR HA   H N N 447 
TYR HB2  H N N 448 
TYR HB3  H N N 449 
TYR HD1  H N N 450 
TYR HD2  H N N 451 
TYR HE1  H N N 452 
TYR HE2  H N N 453 
TYR HH   H N N 454 
TYR HXT  H N N 455 
VAL N    N N N 456 
VAL CA   C N S 457 
VAL C    C N N 458 
VAL O    O N N 459 
VAL CB   C N N 460 
VAL CG1  C N N 461 
VAL CG2  C N N 462 
VAL OXT  O N N 463 
VAL H    H N N 464 
VAL H2   H N N 465 
VAL HA   H N N 466 
VAL HB   H N N 467 
VAL HG11 H N N 468 
VAL HG12 H N N 469 
VAL HG13 H N N 470 
VAL HG21 H N N 471 
VAL HG22 H N N 472 
VAL HG23 H N N 473 
VAL HXT  H N N 474 
# 
loop_
_chem_comp_bond.comp_id 
_chem_comp_bond.atom_id_1 
_chem_comp_bond.atom_id_2 
_chem_comp_bond.value_order 
_chem_comp_bond.pdbx_aromatic_flag 
_chem_comp_bond.pdbx_stereo_config 
_chem_comp_bond.pdbx_ordinal 
ALA N   CA   sing N N 1   
ALA N   H    sing N N 2   
ALA N   H2   sing N N 3   
ALA CA  C    sing N N 4   
ALA CA  CB   sing N N 5   
ALA CA  HA   sing N N 6   
ALA C   O    doub N N 7   
ALA C   OXT  sing N N 8   
ALA CB  HB1  sing N N 9   
ALA CB  HB2  sing N N 10  
ALA CB  HB3  sing N N 11  
ALA OXT HXT  sing N N 12  
ARG N   CA   sing N N 13  
ARG N   H    sing N N 14  
ARG N   H2   sing N N 15  
ARG CA  C    sing N N 16  
ARG CA  CB   sing N N 17  
ARG CA  HA   sing N N 18  
ARG C   O    doub N N 19  
ARG C   OXT  sing N N 20  
ARG CB  CG   sing N N 21  
ARG CB  HB2  sing N N 22  
ARG CB  HB3  sing N N 23  
ARG CG  CD   sing N N 24  
ARG CG  HG2  sing N N 25  
ARG CG  HG3  sing N N 26  
ARG CD  NE   sing N N 27  
ARG CD  HD2  sing N N 28  
ARG CD  HD3  sing N N 29  
ARG NE  CZ   sing N N 30  
ARG NE  HE   sing N N 31  
ARG CZ  NH1  sing N N 32  
ARG CZ  NH2  doub N N 33  
ARG NH1 HH11 sing N N 34  
ARG NH1 HH12 sing N N 35  
ARG NH2 HH21 sing N N 36  
ARG NH2 HH22 sing N N 37  
ARG OXT HXT  sing N N 38  
ASN N   CA   sing N N 39  
ASN N   H    sing N N 40  
ASN N   H2   sing N N 41  
ASN CA  C    sing N N 42  
ASN CA  CB   sing N N 43  
ASN CA  HA   sing N N 44  
ASN C   O    doub N N 45  
ASN C   OXT  sing N N 46  
ASN CB  CG   sing N N 47  
ASN CB  HB2  sing N N 48  
ASN CB  HB3  sing N N 49  
ASN CG  OD1  doub N N 50  
ASN CG  ND2  sing N N 51  
ASN ND2 HD21 sing N N 52  
ASN ND2 HD22 sing N N 53  
ASN OXT HXT  sing N N 54  
ASP N   CA   sing N N 55  
ASP N   H    sing N N 56  
ASP N   H2   sing N N 57  
ASP CA  C    sing N N 58  
ASP CA  CB   sing N N 59  
ASP CA  HA   sing N N 60  
ASP C   O    doub N N 61  
ASP C   OXT  sing N N 62  
ASP CB  CG   sing N N 63  
ASP CB  HB2  sing N N 64  
ASP CB  HB3  sing N N 65  
ASP CG  OD1  doub N N 66  
ASP CG  OD2  sing N N 67  
ASP OD2 HD2  sing N N 68  
ASP OXT HXT  sing N N 69  
COA N1A C2A  sing Y N 70  
COA N1A C6A  doub Y N 71  
COA C2A N3A  doub Y N 72  
COA C2A H2A  sing N N 73  
COA N3A C4A  sing Y N 74  
COA C4A C5A  doub Y N 75  
COA C4A N9A  sing Y N 76  
COA C5A C6A  sing Y N 77  
COA C5A N7A  sing Y N 78  
COA C6A N6A  sing N N 79  
COA N6A H61A sing N N 80  
COA N6A H62A sing N N 81  
COA N7A C8A  doub Y N 82  
COA C8A N9A  sing Y N 83  
COA C8A H8A  sing N N 84  
COA N9A C1B  sing N N 85  
COA C1B C2B  sing N N 86  
COA C1B O4B  sing N N 87  
COA C1B H1B  sing N N 88  
COA C2B O2B  sing N N 89  
COA C2B C3B  sing N N 90  
COA C2B H2B  sing N N 91  
COA O2B HO2A sing N N 92  
COA C3B O3B  sing N N 93  
COA C3B C4B  sing N N 94  
COA C3B H3B  sing N N 95  
COA O3B P3B  sing N N 96  
COA P3B O7A  doub N N 97  
COA P3B O8A  sing N N 98  
COA P3B O9A  sing N N 99  
COA O8A HOA8 sing N N 100 
COA O9A HOA9 sing N N 101 
COA C4B O4B  sing N N 102 
COA C4B C5B  sing N N 103 
COA C4B H4B  sing N N 104 
COA C5B O5B  sing N N 105 
COA C5B H51A sing N N 106 
COA C5B H52A sing N N 107 
COA O5B P1A  sing N N 108 
COA P1A O1A  doub N N 109 
COA P1A O2A  sing N N 110 
COA P1A O3A  sing N N 111 
COA O2A HOA2 sing N N 112 
COA O3A P2A  sing N N 113 
COA P2A O4A  doub N N 114 
COA P2A O5A  sing N N 115 
COA P2A O6A  sing N N 116 
COA O5A HOA5 sing N N 117 
COA O6A CCP  sing N N 118 
COA CBP CCP  sing N N 119 
COA CBP CDP  sing N N 120 
COA CBP CEP  sing N N 121 
COA CBP CAP  sing N N 122 
COA CCP H121 sing N N 123 
COA CCP H122 sing N N 124 
COA CDP H131 sing N N 125 
COA CDP H132 sing N N 126 
COA CDP H133 sing N N 127 
COA CEP H141 sing N N 128 
COA CEP H142 sing N N 129 
COA CEP H143 sing N N 130 
COA CAP OAP  sing N N 131 
COA CAP C9P  sing N N 132 
COA CAP H10  sing N N 133 
COA OAP HO1  sing N N 134 
COA C9P O9P  doub N N 135 
COA C9P N8P  sing N N 136 
COA N8P C7P  sing N N 137 
COA N8P HN8  sing N N 138 
COA C7P C6P  sing N N 139 
COA C7P H71  sing N N 140 
COA C7P H72  sing N N 141 
COA C6P C5P  sing N N 142 
COA C6P H61  sing N N 143 
COA C6P H62  sing N N 144 
COA C5P O5P  doub N N 145 
COA C5P N4P  sing N N 146 
COA N4P C3P  sing N N 147 
COA N4P HN4  sing N N 148 
COA C3P C2P  sing N N 149 
COA C3P H31  sing N N 150 
COA C3P H32  sing N N 151 
COA C2P S1P  sing N N 152 
COA C2P H21  sing N N 153 
COA C2P H22  sing N N 154 
COA S1P HS1  sing N N 155 
CYS N   CA   sing N N 156 
CYS N   H    sing N N 157 
CYS N   H2   sing N N 158 
CYS CA  C    sing N N 159 
CYS CA  CB   sing N N 160 
CYS CA  HA   sing N N 161 
CYS C   O    doub N N 162 
CYS C   OXT  sing N N 163 
CYS CB  SG   sing N N 164 
CYS CB  HB2  sing N N 165 
CYS CB  HB3  sing N N 166 
CYS SG  HG   sing N N 167 
CYS OXT HXT  sing N N 168 
GLN N   CA   sing N N 169 
GLN N   H    sing N N 170 
GLN N   H2   sing N N 171 
GLN CA  C    sing N N 172 
GLN CA  CB   sing N N 173 
GLN CA  HA   sing N N 174 
GLN C   O    doub N N 175 
GLN C   OXT  sing N N 176 
GLN CB  CG   sing N N 177 
GLN CB  HB2  sing N N 178 
GLN CB  HB3  sing N N 179 
GLN CG  CD   sing N N 180 
GLN CG  HG2  sing N N 181 
GLN CG  HG3  sing N N 182 
GLN CD  OE1  doub N N 183 
GLN CD  NE2  sing N N 184 
GLN NE2 HE21 sing N N 185 
GLN NE2 HE22 sing N N 186 
GLN OXT HXT  sing N N 187 
GLU N   CA   sing N N 188 
GLU N   H    sing N N 189 
GLU N   H2   sing N N 190 
GLU CA  C    sing N N 191 
GLU CA  CB   sing N N 192 
GLU CA  HA   sing N N 193 
GLU C   O    doub N N 194 
GLU C   OXT  sing N N 195 
GLU CB  CG   sing N N 196 
GLU CB  HB2  sing N N 197 
GLU CB  HB3  sing N N 198 
GLU CG  CD   sing N N 199 
GLU CG  HG2  sing N N 200 
GLU CG  HG3  sing N N 201 
GLU CD  OE1  doub N N 202 
GLU CD  OE2  sing N N 203 
GLU OE2 HE2  sing N N 204 
GLU OXT HXT  sing N N 205 
GLY N   CA   sing N N 206 
GLY N   H    sing N N 207 
GLY N   H2   sing N N 208 
GLY CA  C    sing N N 209 
GLY CA  HA2  sing N N 210 
GLY CA  HA3  sing N N 211 
GLY C   O    doub N N 212 
GLY C   OXT  sing N N 213 
GLY OXT HXT  sing N N 214 
HIS N   CA   sing N N 215 
HIS N   H    sing N N 216 
HIS N   H2   sing N N 217 
HIS CA  C    sing N N 218 
HIS CA  CB   sing N N 219 
HIS CA  HA   sing N N 220 
HIS C   O    doub N N 221 
HIS C   OXT  sing N N 222 
HIS CB  CG   sing N N 223 
HIS CB  HB2  sing N N 224 
HIS CB  HB3  sing N N 225 
HIS CG  ND1  sing Y N 226 
HIS CG  CD2  doub Y N 227 
HIS ND1 CE1  doub Y N 228 
HIS ND1 HD1  sing N N 229 
HIS CD2 NE2  sing Y N 230 
HIS CD2 HD2  sing N N 231 
HIS CE1 NE2  sing Y N 232 
HIS CE1 HE1  sing N N 233 
HIS NE2 HE2  sing N N 234 
HIS OXT HXT  sing N N 235 
HOH O   H1   sing N N 236 
HOH O   H2   sing N N 237 
ILE N   CA   sing N N 238 
ILE N   H    sing N N 239 
ILE N   H2   sing N N 240 
ILE CA  C    sing N N 241 
ILE CA  CB   sing N N 242 
ILE CA  HA   sing N N 243 
ILE C   O    doub N N 244 
ILE C   OXT  sing N N 245 
ILE CB  CG1  sing N N 246 
ILE CB  CG2  sing N N 247 
ILE CB  HB   sing N N 248 
ILE CG1 CD1  sing N N 249 
ILE CG1 HG12 sing N N 250 
ILE CG1 HG13 sing N N 251 
ILE CG2 HG21 sing N N 252 
ILE CG2 HG22 sing N N 253 
ILE CG2 HG23 sing N N 254 
ILE CD1 HD11 sing N N 255 
ILE CD1 HD12 sing N N 256 
ILE CD1 HD13 sing N N 257 
ILE OXT HXT  sing N N 258 
LEU N   CA   sing N N 259 
LEU N   H    sing N N 260 
LEU N   H2   sing N N 261 
LEU CA  C    sing N N 262 
LEU CA  CB   sing N N 263 
LEU CA  HA   sing N N 264 
LEU C   O    doub N N 265 
LEU C   OXT  sing N N 266 
LEU CB  CG   sing N N 267 
LEU CB  HB2  sing N N 268 
LEU CB  HB3  sing N N 269 
LEU CG  CD1  sing N N 270 
LEU CG  CD2  sing N N 271 
LEU CG  HG   sing N N 272 
LEU CD1 HD11 sing N N 273 
LEU CD1 HD12 sing N N 274 
LEU CD1 HD13 sing N N 275 
LEU CD2 HD21 sing N N 276 
LEU CD2 HD22 sing N N 277 
LEU CD2 HD23 sing N N 278 
LEU OXT HXT  sing N N 279 
LYS N   CA   sing N N 280 
LYS N   H    sing N N 281 
LYS N   H2   sing N N 282 
LYS CA  C    sing N N 283 
LYS CA  CB   sing N N 284 
LYS CA  HA   sing N N 285 
LYS C   O    doub N N 286 
LYS C   OXT  sing N N 287 
LYS CB  CG   sing N N 288 
LYS CB  HB2  sing N N 289 
LYS CB  HB3  sing N N 290 
LYS CG  CD   sing N N 291 
LYS CG  HG2  sing N N 292 
LYS CG  HG3  sing N N 293 
LYS CD  CE   sing N N 294 
LYS CD  HD2  sing N N 295 
LYS CD  HD3  sing N N 296 
LYS CE  NZ   sing N N 297 
LYS CE  HE2  sing N N 298 
LYS CE  HE3  sing N N 299 
LYS NZ  HZ1  sing N N 300 
LYS NZ  HZ2  sing N N 301 
LYS NZ  HZ3  sing N N 302 
LYS OXT HXT  sing N N 303 
MET N   CA   sing N N 304 
MET N   H    sing N N 305 
MET N   H2   sing N N 306 
MET CA  C    sing N N 307 
MET CA  CB   sing N N 308 
MET CA  HA   sing N N 309 
MET C   O    doub N N 310 
MET C   OXT  sing N N 311 
MET CB  CG   sing N N 312 
MET CB  HB2  sing N N 313 
MET CB  HB3  sing N N 314 
MET CG  SD   sing N N 315 
MET CG  HG2  sing N N 316 
MET CG  HG3  sing N N 317 
MET SD  CE   sing N N 318 
MET CE  HE1  sing N N 319 
MET CE  HE2  sing N N 320 
MET CE  HE3  sing N N 321 
MET OXT HXT  sing N N 322 
PHE N   CA   sing N N 323 
PHE N   H    sing N N 324 
PHE N   H2   sing N N 325 
PHE CA  C    sing N N 326 
PHE CA  CB   sing N N 327 
PHE CA  HA   sing N N 328 
PHE C   O    doub N N 329 
PHE C   OXT  sing N N 330 
PHE CB  CG   sing N N 331 
PHE CB  HB2  sing N N 332 
PHE CB  HB3  sing N N 333 
PHE CG  CD1  doub Y N 334 
PHE CG  CD2  sing Y N 335 
PHE CD1 CE1  sing Y N 336 
PHE CD1 HD1  sing N N 337 
PHE CD2 CE2  doub Y N 338 
PHE CD2 HD2  sing N N 339 
PHE CE1 CZ   doub Y N 340 
PHE CE1 HE1  sing N N 341 
PHE CE2 CZ   sing Y N 342 
PHE CE2 HE2  sing N N 343 
PHE CZ  HZ   sing N N 344 
PHE OXT HXT  sing N N 345 
PRO N   CA   sing N N 346 
PRO N   CD   sing N N 347 
PRO N   H    sing N N 348 
PRO CA  C    sing N N 349 
PRO CA  CB   sing N N 350 
PRO CA  HA   sing N N 351 
PRO C   O    doub N N 352 
PRO C   OXT  sing N N 353 
PRO CB  CG   sing N N 354 
PRO CB  HB2  sing N N 355 
PRO CB  HB3  sing N N 356 
PRO CG  CD   sing N N 357 
PRO CG  HG2  sing N N 358 
PRO CG  HG3  sing N N 359 
PRO CD  HD2  sing N N 360 
PRO CD  HD3  sing N N 361 
PRO OXT HXT  sing N N 362 
SER N   CA   sing N N 363 
SER N   H    sing N N 364 
SER N   H2   sing N N 365 
SER CA  C    sing N N 366 
SER CA  CB   sing N N 367 
SER CA  HA   sing N N 368 
SER C   O    doub N N 369 
SER C   OXT  sing N N 370 
SER CB  OG   sing N N 371 
SER CB  HB2  sing N N 372 
SER CB  HB3  sing N N 373 
SER OG  HG   sing N N 374 
SER OXT HXT  sing N N 375 
THR N   CA   sing N N 376 
THR N   H    sing N N 377 
THR N   H2   sing N N 378 
THR CA  C    sing N N 379 
THR CA  CB   sing N N 380 
THR CA  HA   sing N N 381 
THR C   O    doub N N 382 
THR C   OXT  sing N N 383 
THR CB  OG1  sing N N 384 
THR CB  CG2  sing N N 385 
THR CB  HB   sing N N 386 
THR OG1 HG1  sing N N 387 
THR CG2 HG21 sing N N 388 
THR CG2 HG22 sing N N 389 
THR CG2 HG23 sing N N 390 
THR OXT HXT  sing N N 391 
TRP N   CA   sing N N 392 
TRP N   H    sing N N 393 
TRP N   H2   sing N N 394 
TRP CA  C    sing N N 395 
TRP CA  CB   sing N N 396 
TRP CA  HA   sing N N 397 
TRP C   O    doub N N 398 
TRP C   OXT  sing N N 399 
TRP CB  CG   sing N N 400 
TRP CB  HB2  sing N N 401 
TRP CB  HB3  sing N N 402 
TRP CG  CD1  doub Y N 403 
TRP CG  CD2  sing Y N 404 
TRP CD1 NE1  sing Y N 405 
TRP CD1 HD1  sing N N 406 
TRP CD2 CE2  doub Y N 407 
TRP CD2 CE3  sing Y N 408 
TRP NE1 CE2  sing Y N 409 
TRP NE1 HE1  sing N N 410 
TRP CE2 CZ2  sing Y N 411 
TRP CE3 CZ3  doub Y N 412 
TRP CE3 HE3  sing N N 413 
TRP CZ2 CH2  doub Y N 414 
TRP CZ2 HZ2  sing N N 415 
TRP CZ3 CH2  sing Y N 416 
TRP CZ3 HZ3  sing N N 417 
TRP CH2 HH2  sing N N 418 
TRP OXT HXT  sing N N 419 
TYR N   CA   sing N N 420 
TYR N   H    sing N N 421 
TYR N   H2   sing N N 422 
TYR CA  C    sing N N 423 
TYR CA  CB   sing N N 424 
TYR CA  HA   sing N N 425 
TYR C   O    doub N N 426 
TYR C   OXT  sing N N 427 
TYR CB  CG   sing N N 428 
TYR CB  HB2  sing N N 429 
TYR CB  HB3  sing N N 430 
TYR CG  CD1  doub Y N 431 
TYR CG  CD2  sing Y N 432 
TYR CD1 CE1  sing Y N 433 
TYR CD1 HD1  sing N N 434 
TYR CD2 CE2  doub Y N 435 
TYR CD2 HD2  sing N N 436 
TYR CE1 CZ   doub Y N 437 
TYR CE1 HE1  sing N N 438 
TYR CE2 CZ   sing Y N 439 
TYR CE2 HE2  sing N N 440 
TYR CZ  OH   sing N N 441 
TYR OH  HH   sing N N 442 
TYR OXT HXT  sing N N 443 
VAL N   CA   sing N N 444 
VAL N   H    sing N N 445 
VAL N   H2   sing N N 446 
VAL CA  C    sing N N 447 
VAL CA  CB   sing N N 448 
VAL CA  HA   sing N N 449 
VAL C   O    doub N N 450 
VAL C   OXT  sing N N 451 
VAL CB  CG1  sing N N 452 
VAL CB  CG2  sing N N 453 
VAL CB  HB   sing N N 454 
VAL CG1 HG11 sing N N 455 
VAL CG1 HG12 sing N N 456 
VAL CG1 HG13 sing N N 457 
VAL CG2 HG21 sing N N 458 
VAL CG2 HG22 sing N N 459 
VAL CG2 HG23 sing N N 460 
VAL OXT HXT  sing N N 461 
# 
loop_
_pdbx_entity_nonpoly.entity_id 
_pdbx_entity_nonpoly.name 
_pdbx_entity_nonpoly.comp_id 
3 'COENZYME A' COA 
4 water        HOH 
# 
_pdbx_initial_refinement_model.id               1 
_pdbx_initial_refinement_model.entity_id_list   ? 
_pdbx_initial_refinement_model.type             'experimental model' 
_pdbx_initial_refinement_model.source_name      PDB 
_pdbx_initial_refinement_model.accession_code   1QSN 
_pdbx_initial_refinement_model.details          ? 
# 
